data_1KSQ
#
_entry.id   1KSQ
#
_entity_poly.entity_id   1
_entity_poly.type   'polypeptide(L)'
_entity_poly.pdbx_seq_one_letter_code
;SADQPKEEKKECYYNLNDASLCDNVLAPNVTKQECCCTSGAGWGDNCEIFPCPVLGTAEFTEMCPKGKGFVPAGE
;
_entity_poly.pdbx_strand_id   A
#
# COMPACT_ATOMS: atom_id res chain seq x y z
N SER A 1 7.11 -16.52 -0.72
CA SER A 1 5.67 -16.34 -0.41
C SER A 1 5.48 -15.36 0.75
N ALA A 2 6.06 -15.67 1.90
CA ALA A 2 5.95 -14.82 3.07
C ALA A 2 7.01 -13.72 3.05
N ASP A 3 8.13 -14.00 2.39
CA ASP A 3 9.23 -13.04 2.29
C ASP A 3 9.08 -12.19 1.04
N GLN A 4 7.88 -11.67 0.82
CA GLN A 4 7.61 -10.83 -0.35
C GLN A 4 6.13 -10.53 -0.47
N PRO A 5 5.78 -9.29 -0.86
CA PRO A 5 4.39 -8.87 -1.03
C PRO A 5 3.62 -9.78 -1.97
N LYS A 6 2.87 -10.73 -1.40
CA LYS A 6 2.08 -11.66 -2.19
C LYS A 6 1.00 -12.31 -1.34
N GLU A 7 -0.08 -12.73 -1.98
CA GLU A 7 -1.20 -13.37 -1.29
C GLU A 7 -1.37 -12.81 0.12
N GLU A 8 -1.84 -11.58 0.21
CA GLU A 8 -2.05 -10.93 1.50
C GLU A 8 -2.85 -9.65 1.35
N LYS A 9 -4.16 -9.76 1.54
CA LYS A 9 -5.04 -8.59 1.43
C LYS A 9 -5.30 -7.98 2.80
N LYS A 10 -5.32 -6.65 2.84
CA LYS A 10 -5.56 -5.92 4.08
C LYS A 10 -6.21 -4.58 3.77
N GLU A 11 -6.29 -3.72 4.78
CA GLU A 11 -6.88 -2.40 4.59
C GLU A 11 -5.84 -1.41 4.09
N CYS A 12 -6.17 -0.71 3.01
CA CYS A 12 -5.24 0.28 2.44
C CYS A 12 -5.25 1.54 3.28
N TYR A 13 -4.23 2.36 3.11
CA TYR A 13 -4.12 3.60 3.88
C TYR A 13 -3.49 4.72 3.04
N TYR A 14 -4.32 5.64 2.56
CA TYR A 14 -3.82 6.76 1.78
C TYR A 14 -3.13 7.76 2.72
N ASN A 15 -3.73 7.98 3.90
CA ASN A 15 -3.14 8.85 4.89
C ASN A 15 -1.88 8.18 5.39
N LEU A 16 -1.87 7.70 6.64
CA LEU A 16 -0.71 6.96 7.14
C LEU A 16 -1.12 5.97 8.21
N ASN A 17 -0.15 5.55 9.00
CA ASN A 17 -0.39 4.56 10.04
C ASN A 17 0.82 4.46 10.96
N ASP A 18 2.00 4.61 10.38
CA ASP A 18 3.23 4.49 11.15
C ASP A 18 3.29 3.15 11.84
N ALA A 19 2.48 2.21 11.35
CA ALA A 19 2.42 0.87 11.92
C ALA A 19 2.43 0.93 13.44
N SER A 20 1.48 1.69 14.00
CA SER A 20 1.38 1.83 15.44
C SER A 20 0.34 2.88 15.84
N LEU A 21 0.08 3.83 14.96
CA LEU A 21 -0.90 4.87 15.22
C LEU A 21 -2.14 4.70 14.35
N CYS A 22 -2.01 3.88 13.30
CA CYS A 22 -3.12 3.62 12.38
C CYS A 22 -3.78 4.92 11.92
N ASP A 23 -3.58 5.28 10.65
CA ASP A 23 -4.14 6.51 10.10
C ASP A 23 -4.71 6.29 8.70
N ASN A 24 -5.81 5.54 8.61
CA ASN A 24 -6.44 5.27 7.31
C ASN A 24 -7.28 6.45 6.86
N VAL A 25 -8.57 6.40 7.17
CA VAL A 25 -9.49 7.46 6.79
C VAL A 25 -9.72 7.47 5.28
N LEU A 26 -10.53 6.53 4.80
CA LEU A 26 -10.83 6.43 3.38
C LEU A 26 -9.80 5.57 2.65
N ALA A 27 -9.98 4.26 2.70
CA ALA A 27 -9.08 3.33 2.05
C ALA A 27 -9.68 1.93 2.00
N PRO A 28 -9.77 1.34 0.80
CA PRO A 28 -10.34 0.01 0.61
C PRO A 28 -9.37 -1.10 1.02
N ASN A 29 -9.92 -2.28 1.28
CA ASN A 29 -9.12 -3.43 1.67
C ASN A 29 -8.67 -4.21 0.43
N VAL A 30 -7.36 -4.22 0.19
CA VAL A 30 -6.82 -4.91 -0.97
C VAL A 30 -5.42 -5.43 -0.72
N THR A 31 -4.72 -5.80 -1.78
CA THR A 31 -3.36 -6.29 -1.67
C THR A 31 -2.36 -5.14 -1.81
N LYS A 32 -1.49 -5.00 -0.81
CA LYS A 32 -0.49 -3.94 -0.80
C LYS A 32 -0.04 -3.57 -2.20
N GLN A 33 0.06 -4.57 -3.07
CA GLN A 33 0.48 -4.36 -4.45
C GLN A 33 -0.45 -3.38 -5.16
N GLU A 34 -1.74 -3.54 -4.95
CA GLU A 34 -2.75 -2.68 -5.58
C GLU A 34 -2.83 -1.33 -4.87
N CYS A 35 -3.09 -1.37 -3.56
CA CYS A 35 -3.20 -0.13 -2.78
C CYS A 35 -2.01 0.78 -3.00
N CYS A 36 -0.83 0.29 -2.65
CA CYS A 36 0.41 1.05 -2.82
C CYS A 36 0.63 1.43 -4.27
N CYS A 37 0.48 0.47 -5.18
CA CYS A 37 0.67 0.75 -6.59
C CYS A 37 -0.18 1.95 -7.00
N THR A 38 -1.21 2.21 -6.21
CA THR A 38 -2.11 3.34 -6.45
C THR A 38 -1.43 4.63 -6.03
N SER A 39 -0.45 4.49 -5.12
CA SER A 39 0.32 5.62 -4.61
C SER A 39 -0.28 6.15 -3.31
N GLY A 40 -0.37 5.27 -2.31
CA GLY A 40 -0.92 5.65 -1.03
C GLY A 40 0.15 6.11 -0.05
N ALA A 41 0.20 5.44 1.10
CA ALA A 41 1.16 5.78 2.15
C ALA A 41 1.51 4.58 3.00
N GLY A 42 0.56 3.68 3.19
CA GLY A 42 0.78 2.51 3.99
C GLY A 42 -0.28 1.46 3.75
N TRP A 43 0.07 0.19 3.88
CA TRP A 43 -0.86 -0.90 3.68
C TRP A 43 -0.68 -1.99 4.73
N GLY A 44 -1.75 -2.30 5.46
CA GLY A 44 -1.66 -3.32 6.49
C GLY A 44 -2.97 -3.52 7.24
N ASP A 45 -2.86 -4.09 8.44
CA ASP A 45 -4.04 -4.35 9.26
C ASP A 45 -4.13 -3.36 10.42
N ASN A 46 -4.85 -2.26 10.18
CA ASN A 46 -5.06 -1.21 11.19
C ASN A 46 -3.96 -1.17 12.23
N CYS A 47 -3.07 -0.18 12.11
CA CYS A 47 -1.98 0.00 13.06
C CYS A 47 -0.76 -0.83 12.65
N GLU A 48 -0.99 -1.85 11.83
CA GLU A 48 0.09 -2.70 11.36
C GLU A 48 0.27 -2.50 9.85
N ILE A 49 0.54 -1.25 9.49
CA ILE A 49 0.70 -0.86 8.09
C ILE A 49 2.17 -0.62 7.73
N PHE A 50 2.50 -0.79 6.44
CA PHE A 50 3.85 -0.59 5.96
C PHE A 50 3.91 0.61 5.01
N PRO A 51 4.73 1.62 5.36
CA PRO A 51 4.88 2.84 4.55
C PRO A 51 5.02 2.55 3.05
N CYS A 52 3.92 2.66 2.32
CA CYS A 52 3.92 2.41 0.88
C CYS A 52 3.01 3.38 0.15
N PRO A 53 3.43 3.80 -1.05
CA PRO A 53 4.68 3.38 -1.67
C PRO A 53 5.82 4.37 -1.42
N VAL A 54 6.88 4.23 -2.20
CA VAL A 54 8.03 5.13 -2.08
C VAL A 54 8.36 5.79 -3.42
N LEU A 55 7.68 5.34 -4.47
CA LEU A 55 7.89 5.89 -5.81
C LEU A 55 9.34 5.72 -6.24
N GLY A 56 9.54 5.35 -7.50
CA GLY A 56 10.88 5.16 -8.03
C GLY A 56 11.82 4.56 -7.00
N THR A 57 11.36 3.53 -6.31
CA THR A 57 12.17 2.87 -5.29
C THR A 57 11.82 1.39 -5.19
N ALA A 58 12.59 0.67 -4.37
CA ALA A 58 12.37 -0.76 -4.17
C ALA A 58 10.92 -1.07 -3.87
N GLU A 59 10.45 -0.58 -2.72
CA GLU A 59 9.08 -0.83 -2.30
C GLU A 59 8.12 -0.75 -3.48
N PHE A 60 7.65 0.45 -3.77
CA PHE A 60 6.72 0.66 -4.86
C PHE A 60 7.00 -0.28 -6.03
N THR A 61 8.14 -0.08 -6.67
CA THR A 61 8.52 -0.89 -7.82
C THR A 61 8.05 -2.34 -7.64
N GLU A 62 7.99 -2.79 -6.40
CA GLU A 62 7.54 -4.15 -6.11
C GLU A 62 6.02 -4.26 -6.14
N MET A 63 5.35 -3.40 -5.39
CA MET A 63 3.90 -3.39 -5.31
C MET A 63 3.27 -2.91 -6.62
N CYS A 64 4.07 -2.30 -7.48
CA CYS A 64 3.57 -1.79 -8.75
C CYS A 64 4.63 -1.91 -9.85
N PRO A 65 4.70 -3.08 -10.50
CA PRO A 65 5.66 -3.32 -11.59
C PRO A 65 5.24 -2.66 -12.89
N LYS A 66 3.97 -2.23 -12.95
CA LYS A 66 3.44 -1.58 -14.14
C LYS A 66 3.66 -0.08 -14.08
N GLY A 67 2.91 0.59 -13.21
CA GLY A 67 3.03 2.03 -13.07
C GLY A 67 2.04 2.61 -12.08
N LYS A 68 2.35 3.80 -11.57
CA LYS A 68 1.48 4.45 -10.61
C LYS A 68 0.16 4.86 -11.25
N GLY A 69 -0.94 4.32 -10.73
CA GLY A 69 -2.26 4.65 -11.26
C GLY A 69 -2.92 3.45 -11.91
N PHE A 70 -2.96 2.34 -11.19
CA PHE A 70 -3.59 1.12 -11.69
C PHE A 70 -4.99 0.95 -11.12
N VAL A 71 -5.07 0.94 -9.79
CA VAL A 71 -6.35 0.79 -9.12
C VAL A 71 -7.11 2.11 -9.08
N PRO A 72 -8.38 2.11 -8.63
CA PRO A 72 -9.19 3.32 -8.56
C PRO A 72 -8.64 4.34 -7.56
N ALA A 73 -9.11 5.57 -7.66
CA ALA A 73 -8.66 6.64 -6.77
C ALA A 73 -7.33 7.22 -7.25
N GLY A 74 -6.26 6.47 -7.03
CA GLY A 74 -4.94 6.93 -7.44
C GLY A 74 -4.69 6.70 -8.92
N GLU A 75 -5.72 6.27 -9.64
CA GLU A 75 -5.61 6.01 -11.07
C GLU A 75 -5.27 7.29 -11.83
N SER A 1 14.71 -18.80 0.09
CA SER A 1 14.60 -17.36 -0.24
C SER A 1 13.69 -17.15 -1.45
N ALA A 2 12.42 -17.54 -1.30
CA ALA A 2 11.45 -17.39 -2.38
C ALA A 2 10.03 -17.34 -1.84
N ASP A 3 9.56 -16.13 -1.56
CA ASP A 3 8.20 -15.94 -1.04
C ASP A 3 7.60 -14.62 -1.53
N GLN A 4 6.37 -14.69 -2.00
CA GLN A 4 5.67 -13.51 -2.51
C GLN A 4 4.36 -13.29 -1.77
N PRO A 5 3.93 -12.02 -1.66
CA PRO A 5 2.68 -11.67 -0.98
C PRO A 5 1.49 -12.47 -1.51
N LYS A 6 1.19 -13.58 -0.86
CA LYS A 6 0.07 -14.42 -1.27
C LYS A 6 -1.16 -14.15 -0.41
N GLU A 7 -2.33 -14.11 -1.06
CA GLU A 7 -3.57 -13.85 -0.36
C GLU A 7 -3.37 -12.84 0.77
N GLU A 8 -2.49 -11.87 0.53
CA GLU A 8 -2.21 -10.84 1.53
C GLU A 8 -2.94 -9.54 1.20
N LYS A 9 -4.23 -9.51 1.48
CA LYS A 9 -5.03 -8.32 1.21
C LYS A 9 -5.51 -7.67 2.52
N LYS A 10 -5.16 -6.41 2.70
CA LYS A 10 -5.55 -5.67 3.90
C LYS A 10 -6.15 -4.33 3.54
N GLU A 11 -6.37 -3.49 4.54
CA GLU A 11 -6.93 -2.16 4.31
C GLU A 11 -5.86 -1.16 3.94
N CYS A 12 -6.01 -0.52 2.78
CA CYS A 12 -5.03 0.46 2.32
C CYS A 12 -5.01 1.65 3.27
N TYR A 13 -3.97 2.48 3.16
CA TYR A 13 -3.83 3.65 4.03
C TYR A 13 -3.26 4.83 3.27
N TYR A 14 -4.13 5.63 2.67
CA TYR A 14 -3.68 6.80 1.93
C TYR A 14 -2.90 7.72 2.86
N ASN A 15 -3.46 8.03 4.02
CA ASN A 15 -2.77 8.86 5.00
C ASN A 15 -1.50 8.13 5.42
N LEU A 16 -1.37 7.76 6.68
CA LEU A 16 -0.19 7.01 7.11
C LEU A 16 -0.49 6.10 8.28
N ASN A 17 0.52 5.85 9.11
CA ASN A 17 0.36 4.95 10.24
C ASN A 17 1.67 4.69 10.95
N ASP A 18 2.77 4.76 10.20
CA ASP A 18 4.08 4.47 10.77
C ASP A 18 4.01 3.13 11.48
N ALA A 19 3.06 2.30 11.03
CA ALA A 19 2.84 0.98 11.59
C ALA A 19 2.62 1.07 13.10
N SER A 20 1.71 1.95 13.50
CA SER A 20 1.39 2.11 14.92
C SER A 20 0.39 3.24 15.14
N LEU A 21 0.86 4.47 15.15
CA LEU A 21 -0.01 5.63 15.35
C LEU A 21 -1.38 5.38 14.74
N CYS A 22 -1.42 4.64 13.63
CA CYS A 22 -2.67 4.32 12.96
C CYS A 22 -3.25 5.56 12.27
N ASP A 23 -3.06 5.65 10.95
CA ASP A 23 -3.58 6.82 10.21
C ASP A 23 -4.19 6.40 8.86
N ASN A 24 -5.41 5.87 8.91
CA ASN A 24 -6.11 5.44 7.71
C ASN A 24 -6.73 6.63 6.97
N VAL A 25 -8.01 6.87 7.21
CA VAL A 25 -8.70 7.98 6.56
C VAL A 25 -9.20 7.57 5.18
N LEU A 26 -9.93 6.46 5.11
CA LEU A 26 -10.47 5.96 3.86
C LEU A 26 -9.46 5.06 3.14
N ALA A 27 -9.92 3.91 2.68
CA ALA A 27 -9.07 2.95 1.99
C ALA A 27 -9.69 1.57 1.96
N PRO A 28 -9.90 1.00 0.76
CA PRO A 28 -10.49 -0.33 0.61
C PRO A 28 -9.54 -1.44 1.01
N ASN A 29 -10.04 -2.67 1.04
CA ASN A 29 -9.23 -3.83 1.41
C ASN A 29 -8.70 -4.54 0.18
N VAL A 30 -7.40 -4.36 -0.08
CA VAL A 30 -6.76 -4.99 -1.24
C VAL A 30 -5.36 -5.49 -0.89
N THR A 31 -4.58 -5.79 -1.91
CA THR A 31 -3.22 -6.26 -1.71
C THR A 31 -2.26 -5.08 -1.69
N LYS A 32 -1.40 -5.04 -0.67
CA LYS A 32 -0.43 -3.95 -0.53
C LYS A 32 0.10 -3.53 -1.89
N GLN A 33 0.17 -4.48 -2.82
CA GLN A 33 0.65 -4.21 -4.16
C GLN A 33 -0.31 -3.30 -4.90
N GLU A 34 -1.55 -3.74 -5.06
CA GLU A 34 -2.57 -2.97 -5.76
C GLU A 34 -2.88 -1.65 -5.06
N CYS A 35 -3.07 -1.72 -3.74
CA CYS A 35 -3.39 -0.53 -2.96
C CYS A 35 -2.35 0.57 -3.15
N CYS A 36 -1.14 0.32 -2.68
CA CYS A 36 -0.07 1.31 -2.78
C CYS A 36 0.39 1.50 -4.22
N CYS A 37 0.16 0.51 -5.08
CA CYS A 37 0.53 0.65 -6.48
C CYS A 37 -0.16 1.85 -7.08
N THR A 38 -1.44 2.01 -6.72
CA THR A 38 -2.23 3.14 -7.21
C THR A 38 -1.68 4.44 -6.63
N SER A 39 -1.50 4.45 -5.32
CA SER A 39 -0.98 5.61 -4.61
C SER A 39 -1.46 5.62 -3.17
N GLY A 40 -0.50 5.61 -2.24
CA GLY A 40 -0.86 5.61 -0.84
C GLY A 40 0.31 5.96 0.07
N ALA A 41 0.32 5.34 1.25
CA ALA A 41 1.37 5.58 2.22
C ALA A 41 1.58 4.35 3.12
N GLY A 42 0.50 3.61 3.36
CA GLY A 42 0.58 2.44 4.20
C GLY A 42 -0.46 1.40 3.80
N TRP A 43 -0.19 0.13 4.11
CA TRP A 43 -1.12 -0.94 3.80
C TRP A 43 -1.00 -2.09 4.82
N GLY A 44 -2.08 -2.34 5.55
CA GLY A 44 -2.07 -3.41 6.54
C GLY A 44 -3.34 -3.46 7.35
N ASP A 45 -3.23 -3.91 8.59
CA ASP A 45 -4.37 -4.03 9.47
C ASP A 45 -4.27 -3.07 10.66
N ASN A 46 -4.93 -1.91 10.52
CA ASN A 46 -4.94 -0.88 11.55
C ASN A 46 -3.72 -0.94 12.48
N CYS A 47 -2.81 0.02 12.30
CA CYS A 47 -1.60 0.12 13.10
C CYS A 47 -0.51 -0.84 12.60
N GLU A 48 -0.91 -2.06 12.24
CA GLU A 48 0.03 -3.03 11.70
C GLU A 48 0.07 -2.87 10.19
N ILE A 49 0.25 -1.62 9.78
CA ILE A 49 0.27 -1.24 8.38
C ILE A 49 1.67 -1.29 7.77
N PHE A 50 1.72 -1.29 6.44
CA PHE A 50 2.98 -1.35 5.70
C PHE A 50 3.18 -0.06 4.90
N PRO A 51 4.10 0.80 5.37
CA PRO A 51 4.39 2.10 4.74
C PRO A 51 4.67 2.02 3.23
N CYS A 52 3.64 2.20 2.42
CA CYS A 52 3.80 2.19 0.96
C CYS A 52 2.78 3.08 0.28
N PRO A 53 3.12 3.56 -0.92
CA PRO A 53 4.40 3.30 -1.57
C PRO A 53 5.42 4.38 -1.26
N VAL A 54 6.50 4.42 -2.04
CA VAL A 54 7.54 5.42 -1.86
C VAL A 54 7.77 6.22 -3.14
N LEU A 55 7.16 5.75 -4.23
CA LEU A 55 7.28 6.43 -5.52
C LEU A 55 8.69 6.32 -6.08
N GLY A 56 8.79 5.97 -7.36
CA GLY A 56 10.08 5.83 -8.00
C GLY A 56 11.14 5.31 -7.05
N THR A 57 10.90 4.12 -6.51
CA THR A 57 11.83 3.52 -5.56
C THR A 57 11.63 2.00 -5.48
N ALA A 58 12.25 1.40 -4.47
CA ALA A 58 12.16 -0.05 -4.27
C ALA A 58 10.73 -0.50 -3.96
N GLU A 59 10.24 -0.13 -2.78
CA GLU A 59 8.89 -0.52 -2.36
C GLU A 59 7.90 -0.48 -3.53
N PHE A 60 7.40 0.71 -3.85
CA PHE A 60 6.44 0.87 -4.94
C PHE A 60 6.69 -0.13 -6.06
N THR A 61 7.64 0.19 -6.93
CA THR A 61 7.98 -0.67 -8.05
C THR A 61 7.91 -2.14 -7.65
N GLU A 62 8.57 -2.48 -6.54
CA GLU A 62 8.58 -3.85 -6.05
C GLU A 62 7.16 -4.40 -5.92
N MET A 63 6.23 -3.53 -5.52
CA MET A 63 4.85 -3.92 -5.34
C MET A 63 4.10 -3.92 -6.67
N CYS A 64 4.35 -2.90 -7.48
CA CYS A 64 3.69 -2.79 -8.78
C CYS A 64 4.71 -2.81 -9.91
N PRO A 65 4.69 -3.88 -10.73
CA PRO A 65 5.62 -4.02 -11.87
C PRO A 65 5.24 -3.11 -13.03
N LYS A 66 4.01 -2.60 -12.99
CA LYS A 66 3.53 -1.71 -14.04
C LYS A 66 3.85 -0.26 -13.72
N GLY A 67 3.02 0.36 -12.88
CA GLY A 67 3.24 1.74 -12.50
C GLY A 67 2.18 2.26 -11.55
N LYS A 68 2.07 3.58 -11.45
CA LYS A 68 1.09 4.20 -10.56
C LYS A 68 -0.32 4.09 -11.15
N GLY A 69 -1.32 4.19 -10.29
CA GLY A 69 -2.70 4.11 -10.74
C GLY A 69 -2.89 3.04 -11.80
N PHE A 70 -3.09 1.80 -11.36
CA PHE A 70 -3.28 0.69 -12.28
C PHE A 70 -4.70 0.14 -12.19
N VAL A 71 -5.36 0.41 -11.07
CA VAL A 71 -6.72 -0.07 -10.87
C VAL A 71 -7.74 0.98 -11.33
N PRO A 72 -7.59 2.23 -10.88
CA PRO A 72 -8.48 3.33 -11.23
C PRO A 72 -8.05 4.04 -12.50
N ALA A 73 -7.04 4.92 -12.37
CA ALA A 73 -6.52 5.67 -13.49
C ALA A 73 -5.59 6.79 -13.02
N GLY A 74 -4.82 6.49 -11.97
CA GLY A 74 -3.90 7.47 -11.44
C GLY A 74 -4.50 8.26 -10.30
N GLU A 75 -5.26 7.59 -9.44
CA GLU A 75 -5.90 8.24 -8.30
C GLU A 75 -5.84 7.35 -7.07
N SER A 1 10.45 -11.08 7.42
CA SER A 1 9.98 -10.39 6.18
C SER A 1 9.08 -11.32 5.36
N ALA A 2 7.93 -10.79 4.96
CA ALA A 2 6.98 -11.56 4.17
C ALA A 2 7.61 -12.07 2.88
N ASP A 3 8.73 -11.47 2.50
CA ASP A 3 9.43 -11.86 1.29
C ASP A 3 8.59 -11.59 0.05
N GLN A 4 7.77 -12.57 -0.33
CA GLN A 4 6.91 -12.44 -1.50
C GLN A 4 5.44 -12.41 -1.08
N PRO A 5 4.88 -11.20 -0.94
CA PRO A 5 3.47 -11.03 -0.54
C PRO A 5 2.52 -11.79 -1.44
N LYS A 6 1.75 -12.70 -0.86
CA LYS A 6 0.79 -13.50 -1.61
C LYS A 6 -0.57 -13.52 -0.92
N GLU A 7 -1.63 -13.45 -1.71
CA GLU A 7 -2.99 -13.46 -1.19
C GLU A 7 -3.06 -12.73 0.16
N GLU A 8 -2.23 -11.72 0.32
CA GLU A 8 -2.20 -10.94 1.55
C GLU A 8 -2.97 -9.64 1.39
N LYS A 9 -4.28 -9.69 1.62
CA LYS A 9 -5.13 -8.52 1.49
C LYS A 9 -5.37 -7.86 2.84
N LYS A 10 -5.34 -6.53 2.86
CA LYS A 10 -5.58 -5.77 4.08
C LYS A 10 -6.18 -4.42 3.74
N GLU A 11 -6.37 -3.59 4.76
CA GLU A 11 -6.95 -2.27 4.56
C GLU A 11 -5.88 -1.27 4.12
N CYS A 12 -6.07 -0.69 2.94
CA CYS A 12 -5.13 0.29 2.41
C CYS A 12 -5.20 1.59 3.21
N TYR A 13 -4.11 2.36 3.19
CA TYR A 13 -4.07 3.63 3.91
C TYR A 13 -3.44 4.72 3.06
N TYR A 14 -4.23 5.73 2.72
CA TYR A 14 -3.72 6.84 1.94
C TYR A 14 -3.06 7.85 2.87
N ASN A 15 -3.60 7.98 4.08
CA ASN A 15 -3.01 8.88 5.07
C ASN A 15 -1.74 8.20 5.58
N LEU A 16 -1.76 7.71 6.82
CA LEU A 16 -0.60 6.98 7.33
C LEU A 16 -1.00 5.97 8.37
N ASN A 17 -0.01 5.49 9.12
CA ASN A 17 -0.21 4.48 10.12
C ASN A 17 1.04 4.28 10.96
N ASP A 18 2.18 4.38 10.29
CA ASP A 18 3.46 4.19 10.96
C ASP A 18 3.50 2.82 11.62
N ALA A 19 2.61 1.94 11.17
CA ALA A 19 2.52 0.59 11.72
C ALA A 19 2.59 0.62 13.24
N SER A 20 1.71 1.40 13.86
CA SER A 20 1.67 1.52 15.31
C SER A 20 0.71 2.61 15.77
N LEU A 21 0.47 3.60 14.91
CA LEU A 21 -0.42 4.70 15.26
C LEU A 21 -1.71 4.64 14.44
N CYS A 22 -1.69 3.84 13.38
CA CYS A 22 -2.86 3.68 12.51
C CYS A 22 -3.47 5.02 12.14
N ASP A 23 -3.33 5.41 10.86
CA ASP A 23 -3.86 6.68 10.39
C ASP A 23 -4.54 6.55 9.03
N ASN A 24 -5.76 6.02 9.02
CA ASN A 24 -6.51 5.85 7.78
C ASN A 24 -7.31 7.11 7.46
N VAL A 25 -8.13 7.04 6.42
CA VAL A 25 -8.95 8.18 6.02
C VAL A 25 -10.07 7.75 5.06
N LEU A 26 -9.71 7.00 4.03
CA LEU A 26 -10.68 6.52 3.05
C LEU A 26 -10.00 5.60 2.04
N ALA A 27 -9.52 4.46 2.53
CA ALA A 27 -8.86 3.48 1.68
C ALA A 27 -9.54 2.13 1.74
N PRO A 28 -9.57 1.40 0.62
CA PRO A 28 -10.21 0.08 0.53
C PRO A 28 -9.29 -1.05 0.97
N ASN A 29 -9.87 -2.22 1.19
CA ASN A 29 -9.11 -3.39 1.60
C ASN A 29 -8.68 -4.19 0.38
N VAL A 30 -7.38 -4.21 0.12
CA VAL A 30 -6.85 -4.92 -1.03
C VAL A 30 -5.46 -5.48 -0.75
N THR A 31 -4.81 -5.97 -1.81
CA THR A 31 -3.46 -6.52 -1.69
C THR A 31 -2.42 -5.40 -1.74
N LYS A 32 -1.56 -5.36 -0.74
CA LYS A 32 -0.52 -4.34 -0.65
C LYS A 32 -0.07 -3.89 -2.03
N GLN A 33 0.02 -4.83 -2.96
CA GLN A 33 0.43 -4.50 -4.32
C GLN A 33 -0.48 -3.45 -4.93
N GLU A 34 -1.75 -3.81 -5.11
CA GLU A 34 -2.72 -2.90 -5.69
C GLU A 34 -2.79 -1.58 -4.92
N CYS A 35 -2.96 -1.67 -3.61
CA CYS A 35 -3.05 -0.48 -2.77
C CYS A 35 -1.83 0.42 -2.97
N CYS A 36 -0.65 -0.10 -2.68
CA CYS A 36 0.59 0.65 -2.82
C CYS A 36 0.86 1.02 -4.27
N CYS A 37 0.35 0.22 -5.21
CA CYS A 37 0.56 0.49 -6.62
C CYS A 37 -0.10 1.81 -7.00
N THR A 38 -1.30 2.04 -6.46
CA THR A 38 -2.03 3.27 -6.72
C THR A 38 -1.22 4.47 -6.23
N SER A 39 -0.42 4.23 -5.20
CA SER A 39 0.42 5.26 -4.60
C SER A 39 -0.23 5.86 -3.36
N GLY A 40 -0.27 5.08 -2.29
CA GLY A 40 -0.87 5.53 -1.06
C GLY A 40 0.14 6.03 -0.04
N ALA A 41 0.17 5.37 1.11
CA ALA A 41 1.08 5.75 2.19
C ALA A 41 1.45 4.56 3.07
N GLY A 42 0.50 3.65 3.25
CA GLY A 42 0.74 2.49 4.06
C GLY A 42 -0.33 1.43 3.84
N TRP A 43 0.06 0.16 3.88
CA TRP A 43 -0.90 -0.92 3.67
C TRP A 43 -0.79 -1.97 4.77
N GLY A 44 -1.90 -2.23 5.45
CA GLY A 44 -1.90 -3.21 6.53
C GLY A 44 -3.24 -3.32 7.23
N ASP A 45 -3.20 -3.83 8.45
CA ASP A 45 -4.42 -4.00 9.24
C ASP A 45 -4.45 -3.07 10.45
N ASN A 46 -5.05 -1.90 10.27
CA ASN A 46 -5.16 -0.91 11.34
C ASN A 46 -4.01 -0.98 12.33
N CYS A 47 -3.06 -0.06 12.20
CA CYS A 47 -1.90 -0.01 13.10
C CYS A 47 -0.78 -0.92 12.61
N GLU A 48 -1.13 -1.94 11.84
CA GLU A 48 -0.14 -2.87 11.30
C GLU A 48 0.05 -2.61 9.81
N ILE A 49 0.39 -1.36 9.49
CA ILE A 49 0.57 -0.95 8.10
C ILE A 49 2.05 -0.68 7.79
N PHE A 50 2.41 -0.82 6.52
CA PHE A 50 3.78 -0.59 6.08
C PHE A 50 3.85 0.62 5.14
N PRO A 51 4.63 1.65 5.52
CA PRO A 51 4.78 2.86 4.72
C PRO A 51 4.97 2.58 3.23
N CYS A 52 3.89 2.66 2.47
CA CYS A 52 3.94 2.43 1.03
C CYS A 52 3.06 3.39 0.26
N PRO A 53 3.54 3.79 -0.93
CA PRO A 53 4.81 3.36 -1.48
C PRO A 53 5.93 4.36 -1.18
N VAL A 54 7.00 4.27 -1.96
CA VAL A 54 8.14 5.17 -1.80
C VAL A 54 8.35 6.01 -3.06
N LEU A 55 7.70 5.60 -4.14
CA LEU A 55 7.80 6.31 -5.42
C LEU A 55 9.18 6.14 -6.03
N GLY A 56 9.23 5.67 -7.27
CA GLY A 56 10.49 5.47 -7.96
C GLY A 56 11.55 4.89 -7.03
N THR A 57 11.16 3.94 -6.20
CA THR A 57 12.08 3.31 -5.27
C THR A 57 11.89 1.79 -5.26
N ALA A 58 12.37 1.15 -4.21
CA ALA A 58 12.26 -0.29 -4.08
C ALA A 58 10.81 -0.73 -3.87
N GLU A 59 10.28 -0.45 -2.69
CA GLU A 59 8.90 -0.83 -2.36
C GLU A 59 7.98 -0.68 -3.57
N PHE A 60 7.56 0.55 -3.86
CA PHE A 60 6.67 0.81 -4.98
C PHE A 60 6.98 -0.11 -6.17
N THR A 61 8.08 0.19 -6.86
CA THR A 61 8.47 -0.58 -8.03
C THR A 61 8.12 -2.06 -7.87
N GLU A 62 8.11 -2.55 -6.64
CA GLU A 62 7.80 -3.95 -6.37
C GLU A 62 6.29 -4.17 -6.30
N MET A 63 5.58 -3.22 -5.70
CA MET A 63 4.13 -3.31 -5.55
C MET A 63 3.41 -2.69 -6.74
N CYS A 64 4.15 -2.01 -7.61
CA CYS A 64 3.55 -1.37 -8.77
C CYS A 64 4.39 -1.60 -10.02
N PRO A 65 4.30 -2.80 -10.61
CA PRO A 65 5.05 -3.16 -11.81
C PRO A 65 4.45 -2.54 -13.07
N LYS A 66 3.15 -2.26 -13.02
CA LYS A 66 2.44 -1.66 -14.14
C LYS A 66 2.39 -0.14 -14.01
N GLY A 67 2.25 0.33 -12.77
CA GLY A 67 2.18 1.77 -12.52
C GLY A 67 0.92 2.17 -11.79
N LYS A 68 0.95 3.33 -11.15
CA LYS A 68 -0.20 3.83 -10.42
C LYS A 68 -1.42 3.97 -11.33
N GLY A 69 -2.59 3.65 -10.79
CA GLY A 69 -3.81 3.74 -11.57
C GLY A 69 -4.50 2.40 -11.73
N PHE A 70 -3.99 1.39 -11.06
CA PHE A 70 -4.56 0.04 -11.13
C PHE A 70 -5.55 -0.20 -9.99
N VAL A 71 -5.80 0.84 -9.21
CA VAL A 71 -6.72 0.74 -8.07
C VAL A 71 -7.61 1.97 -7.98
N PRO A 72 -8.89 1.77 -7.62
CA PRO A 72 -9.86 2.87 -7.50
C PRO A 72 -9.38 3.95 -6.53
N ALA A 73 -10.11 5.06 -6.49
CA ALA A 73 -9.76 6.17 -5.62
C ALA A 73 -8.64 7.02 -6.23
N GLY A 74 -7.57 6.36 -6.62
CA GLY A 74 -6.44 7.05 -7.21
C GLY A 74 -6.56 7.20 -8.71
N GLU A 75 -7.61 6.60 -9.27
CA GLU A 75 -7.85 6.68 -10.71
C GLU A 75 -7.87 8.12 -11.20
N SER A 1 13.83 -14.74 -1.22
CA SER A 1 13.05 -15.87 -0.64
C SER A 1 11.56 -15.74 -1.00
N ALA A 2 10.99 -14.58 -0.71
CA ALA A 2 9.59 -14.32 -0.99
C ALA A 2 9.20 -14.80 -2.38
N ASP A 3 7.92 -14.76 -2.70
CA ASP A 3 7.42 -15.19 -4.00
C ASP A 3 6.40 -14.20 -4.54
N GLN A 4 5.38 -13.91 -3.74
CA GLN A 4 4.33 -12.97 -4.14
C GLN A 4 3.25 -12.87 -3.08
N PRO A 5 2.70 -11.67 -2.90
CA PRO A 5 1.64 -11.41 -1.91
C PRO A 5 0.43 -12.31 -2.12
N LYS A 6 0.57 -13.59 -1.78
CA LYS A 6 -0.51 -14.55 -1.93
C LYS A 6 -1.67 -14.24 -0.98
N GLU A 7 -2.86 -14.13 -1.54
CA GLU A 7 -4.05 -13.83 -0.75
C GLU A 7 -3.73 -12.93 0.43
N GLU A 8 -2.83 -11.97 0.21
CA GLU A 8 -2.44 -11.03 1.25
C GLU A 8 -3.13 -9.68 1.06
N LYS A 9 -4.43 -9.65 1.33
CA LYS A 9 -5.20 -8.42 1.18
C LYS A 9 -5.58 -7.84 2.54
N LYS A 10 -5.28 -6.57 2.74
CA LYS A 10 -5.59 -5.88 3.99
C LYS A 10 -6.17 -4.51 3.69
N GLU A 11 -6.29 -3.68 4.73
CA GLU A 11 -6.82 -2.34 4.56
C GLU A 11 -5.74 -1.39 4.07
N CYS A 12 -6.03 -0.65 3.00
CA CYS A 12 -5.07 0.29 2.45
C CYS A 12 -5.05 1.56 3.29
N TYR A 13 -4.04 2.40 3.10
CA TYR A 13 -3.94 3.63 3.87
C TYR A 13 -3.37 4.78 3.05
N TYR A 14 -4.25 5.65 2.57
CA TYR A 14 -3.80 6.80 1.80
C TYR A 14 -3.15 7.81 2.73
N ASN A 15 -3.70 7.94 3.93
CA ASN A 15 -3.13 8.84 4.93
C ASN A 15 -1.83 8.20 5.42
N LEU A 16 -1.80 7.72 6.65
CA LEU A 16 -0.61 7.03 7.14
C LEU A 16 -0.92 6.00 8.21
N ASN A 17 0.04 5.72 9.07
CA ASN A 17 -0.13 4.71 10.09
C ASN A 17 1.14 4.51 10.89
N ASP A 18 2.28 4.72 10.22
CA ASP A 18 3.57 4.52 10.86
C ASP A 18 3.57 3.16 11.55
N ALA A 19 2.74 2.26 11.05
CA ALA A 19 2.62 0.92 11.61
C ALA A 19 2.42 1.00 13.12
N SER A 20 1.67 2.01 13.55
CA SER A 20 1.40 2.19 14.97
C SER A 20 0.36 3.30 15.20
N LEU A 21 0.74 4.54 14.96
CA LEU A 21 -0.17 5.66 15.14
C LEU A 21 -1.53 5.34 14.53
N CYS A 22 -1.52 4.56 13.46
CA CYS A 22 -2.77 4.18 12.80
C CYS A 22 -3.47 5.39 12.19
N ASP A 23 -3.41 5.53 10.87
CA ASP A 23 -4.05 6.67 10.22
C ASP A 23 -4.60 6.31 8.84
N ASN A 24 -5.80 5.73 8.81
CA ASN A 24 -6.46 5.35 7.55
C ASN A 24 -7.15 6.55 6.93
N VAL A 25 -8.42 6.74 7.29
CA VAL A 25 -9.20 7.85 6.75
C VAL A 25 -9.51 7.62 5.28
N LEU A 26 -10.33 6.61 5.00
CA LEU A 26 -10.71 6.29 3.63
C LEU A 26 -9.67 5.40 2.96
N ALA A 27 -9.99 4.11 2.81
CA ALA A 27 -9.09 3.17 2.19
C ALA A 27 -9.72 1.78 2.11
N PRO A 28 -9.75 1.20 0.91
CA PRO A 28 -10.34 -0.13 0.68
C PRO A 28 -9.41 -1.25 1.11
N ASN A 29 -9.97 -2.45 1.29
CA ASN A 29 -9.19 -3.61 1.69
C ASN A 29 -8.70 -4.36 0.45
N VAL A 30 -7.43 -4.18 0.13
CA VAL A 30 -6.84 -4.83 -1.03
C VAL A 30 -5.43 -5.35 -0.74
N THR A 31 -4.73 -5.77 -1.78
CA THR A 31 -3.38 -6.27 -1.65
C THR A 31 -2.38 -5.13 -1.82
N LYS A 32 -1.43 -5.04 -0.91
CA LYS A 32 -0.42 -3.99 -0.97
C LYS A 32 -0.04 -3.67 -2.41
N GLN A 33 -0.07 -4.70 -3.26
CA GLN A 33 0.28 -4.53 -4.66
C GLN A 33 -0.62 -3.50 -5.33
N GLU A 34 -1.93 -3.64 -5.12
CA GLU A 34 -2.91 -2.73 -5.69
C GLU A 34 -2.94 -1.42 -4.91
N CYS A 35 -3.17 -1.52 -3.61
CA CYS A 35 -3.22 -0.34 -2.75
C CYS A 35 -2.06 0.61 -3.02
N CYS A 36 -0.85 0.13 -2.75
CA CYS A 36 0.35 0.93 -2.95
C CYS A 36 0.52 1.33 -4.42
N CYS A 37 0.28 0.39 -5.32
CA CYS A 37 0.41 0.69 -6.75
C CYS A 37 -0.31 1.99 -7.07
N THR A 38 -1.43 2.22 -6.39
CA THR A 38 -2.22 3.44 -6.61
C THR A 38 -1.45 4.66 -6.13
N SER A 39 -0.51 4.44 -5.19
CA SER A 39 0.32 5.50 -4.64
C SER A 39 -0.27 6.03 -3.34
N GLY A 40 -0.48 5.13 -2.39
CA GLY A 40 -1.03 5.53 -1.12
C GLY A 40 0.01 6.03 -0.15
N ALA A 41 0.08 5.39 1.02
CA ALA A 41 1.04 5.77 2.06
C ALA A 41 1.41 4.58 2.93
N GLY A 42 0.44 3.71 3.18
CA GLY A 42 0.67 2.54 4.01
C GLY A 42 -0.34 1.43 3.70
N TRP A 43 0.07 0.18 3.92
CA TRP A 43 -0.82 -0.95 3.66
C TRP A 43 -0.63 -2.05 4.72
N GLY A 44 -1.71 -2.37 5.43
CA GLY A 44 -1.65 -3.41 6.45
C GLY A 44 -2.96 -3.61 7.17
N ASP A 45 -2.88 -4.13 8.38
CA ASP A 45 -4.07 -4.39 9.19
C ASP A 45 -4.19 -3.38 10.34
N ASN A 46 -4.91 -2.30 10.09
CA ASN A 46 -5.14 -1.25 11.09
C ASN A 46 -4.01 -1.17 12.10
N CYS A 47 -3.14 -0.18 11.93
CA CYS A 47 -2.02 0.05 12.84
C CYS A 47 -0.81 -0.80 12.45
N GLU A 48 -1.06 -2.04 12.06
CA GLU A 48 0.02 -2.92 11.63
C GLU A 48 0.23 -2.75 10.14
N ILE A 49 0.42 -1.50 9.75
CA ILE A 49 0.58 -1.10 8.36
C ILE A 49 2.06 -0.88 7.99
N PHE A 50 2.33 -0.79 6.69
CA PHE A 50 3.68 -0.55 6.19
C PHE A 50 3.71 0.59 5.20
N PRO A 51 4.56 1.60 5.44
CA PRO A 51 4.67 2.78 4.56
C PRO A 51 4.84 2.42 3.09
N CYS A 52 3.75 2.56 2.32
CA CYS A 52 3.77 2.28 0.90
C CYS A 52 2.85 3.21 0.12
N PRO A 53 3.28 3.57 -1.08
CA PRO A 53 4.54 3.15 -1.66
C PRO A 53 5.66 4.16 -1.40
N VAL A 54 6.72 4.06 -2.20
CA VAL A 54 7.86 4.98 -2.06
C VAL A 54 8.09 5.75 -3.36
N LEU A 55 7.36 5.38 -4.41
CA LEU A 55 7.48 6.03 -5.71
C LEU A 55 8.92 5.97 -6.21
N GLY A 56 9.10 5.41 -7.40
CA GLY A 56 10.42 5.30 -7.98
C GLY A 56 11.45 4.83 -6.98
N THR A 57 11.06 3.87 -6.14
CA THR A 57 11.95 3.32 -5.14
C THR A 57 11.81 1.80 -5.05
N ALA A 58 12.28 1.23 -3.94
CA ALA A 58 12.21 -0.21 -3.73
C ALA A 58 10.78 -0.69 -3.56
N GLU A 59 10.14 -0.30 -2.47
CA GLU A 59 8.77 -0.70 -2.20
C GLU A 59 7.92 -0.69 -3.47
N PHE A 60 7.47 0.50 -3.88
CA PHE A 60 6.66 0.63 -5.09
C PHE A 60 7.11 -0.34 -6.17
N THR A 61 8.29 -0.08 -6.73
CA THR A 61 8.82 -0.93 -7.80
C THR A 61 8.44 -2.39 -7.60
N GLU A 62 8.28 -2.80 -6.33
CA GLU A 62 7.91 -4.17 -6.02
C GLU A 62 6.41 -4.40 -6.20
N MET A 63 5.60 -3.54 -5.58
CA MET A 63 4.15 -3.65 -5.65
C MET A 63 3.63 -3.28 -7.04
N CYS A 64 4.11 -2.17 -7.58
CA CYS A 64 3.67 -1.71 -8.90
C CYS A 64 4.86 -1.29 -9.76
N PRO A 65 5.53 -2.28 -10.38
CA PRO A 65 6.70 -2.01 -11.24
C PRO A 65 6.30 -1.43 -12.58
N LYS A 66 5.06 -1.70 -12.99
CA LYS A 66 4.55 -1.21 -14.26
C LYS A 66 4.48 0.32 -14.27
N GLY A 67 3.57 0.88 -13.49
CA GLY A 67 3.43 2.32 -13.43
C GLY A 67 2.69 2.78 -12.19
N LYS A 68 2.40 4.07 -12.12
CA LYS A 68 1.68 4.63 -10.97
C LYS A 68 0.24 4.93 -11.34
N GLY A 69 -0.57 3.88 -11.42
CA GLY A 69 -1.97 4.05 -11.76
C GLY A 69 -2.61 2.78 -12.31
N PHE A 70 -2.20 1.64 -11.75
CA PHE A 70 -2.73 0.35 -12.19
C PHE A 70 -3.88 -0.07 -11.28
N VAL A 71 -4.43 0.88 -10.55
CA VAL A 71 -5.53 0.63 -9.63
C VAL A 71 -6.60 1.70 -9.75
N PRO A 72 -7.75 1.50 -9.10
CA PRO A 72 -8.87 2.46 -9.13
C PRO A 72 -8.51 3.79 -8.49
N ALA A 73 -9.06 4.87 -9.02
CA ALA A 73 -8.80 6.21 -8.49
C ALA A 73 -9.32 6.34 -7.07
N GLY A 74 -8.75 5.58 -6.15
CA GLY A 74 -9.18 5.63 -4.76
C GLY A 74 -10.64 5.29 -4.59
N GLU A 75 -10.98 4.01 -4.75
CA GLU A 75 -12.36 3.56 -4.61
C GLU A 75 -12.41 2.15 -4.03
N SER A 1 15.94 -5.76 -0.91
CA SER A 1 16.60 -6.63 -1.92
C SER A 1 15.63 -7.72 -2.40
N ALA A 2 14.73 -7.35 -3.30
CA ALA A 2 13.76 -8.28 -3.84
C ALA A 2 12.95 -8.95 -2.73
N ASP A 3 11.74 -8.45 -2.50
CA ASP A 3 10.87 -9.00 -1.46
C ASP A 3 9.72 -9.77 -2.08
N GLN A 4 8.99 -9.12 -2.98
CA GLN A 4 7.84 -9.74 -3.64
C GLN A 4 6.77 -10.14 -2.63
N PRO A 5 6.05 -9.15 -2.10
CA PRO A 5 4.99 -9.40 -1.11
C PRO A 5 4.01 -10.48 -1.55
N LYS A 6 3.67 -11.37 -0.63
CA LYS A 6 2.75 -12.46 -0.93
C LYS A 6 1.32 -11.93 -1.12
N GLU A 7 0.40 -12.85 -1.40
CA GLU A 7 -1.00 -12.48 -1.61
C GLU A 7 -1.65 -12.06 -0.29
N GLU A 8 -1.10 -11.03 0.33
CA GLU A 8 -1.62 -10.53 1.60
C GLU A 8 -2.56 -9.35 1.37
N LYS A 9 -3.84 -9.56 1.64
CA LYS A 9 -4.84 -8.52 1.47
C LYS A 9 -5.21 -7.88 2.82
N LYS A 10 -5.19 -6.56 2.86
CA LYS A 10 -5.51 -5.83 4.07
C LYS A 10 -6.15 -4.48 3.74
N GLU A 11 -6.40 -3.67 4.77
CA GLU A 11 -7.01 -2.36 4.58
C GLU A 11 -5.96 -1.35 4.13
N CYS A 12 -6.13 -0.81 2.94
CA CYS A 12 -5.20 0.18 2.40
C CYS A 12 -5.09 1.38 3.33
N TYR A 13 -4.05 2.17 3.16
CA TYR A 13 -3.83 3.34 3.99
C TYR A 13 -3.17 4.46 3.20
N TYR A 14 -3.99 5.33 2.61
CA TYR A 14 -3.48 6.45 1.84
C TYR A 14 -2.69 7.42 2.72
N ASN A 15 -3.32 7.92 3.78
CA ASN A 15 -2.65 8.82 4.70
C ASN A 15 -1.36 8.15 5.20
N LEU A 16 -1.36 7.69 6.45
CA LEU A 16 -0.19 7.00 6.98
C LEU A 16 -0.58 5.99 8.05
N ASN A 17 0.29 5.77 9.02
CA ASN A 17 -0.01 4.78 10.04
C ASN A 17 1.14 4.60 11.00
N ASP A 18 2.35 4.77 10.49
CA ASP A 18 3.53 4.58 11.31
C ASP A 18 3.45 3.22 11.99
N ALA A 19 2.66 2.33 11.39
CA ALA A 19 2.46 0.99 11.91
C ALA A 19 2.21 1.04 13.42
N SER A 20 1.33 1.94 13.83
CA SER A 20 0.99 2.08 15.24
C SER A 20 -0.08 3.15 15.45
N LEU A 21 0.22 4.36 15.00
CA LEU A 21 -0.71 5.48 15.13
C LEU A 21 -1.94 5.25 14.25
N CYS A 22 -1.82 4.33 13.30
CA CYS A 22 -2.93 4.01 12.39
C CYS A 22 -3.55 5.27 11.81
N ASP A 23 -3.26 5.57 10.55
CA ASP A 23 -3.80 6.75 9.89
C ASP A 23 -4.23 6.44 8.46
N ASN A 24 -5.43 5.88 8.32
CA ASN A 24 -5.96 5.53 7.00
C ASN A 24 -6.85 6.64 6.45
N VAL A 25 -8.16 6.52 6.69
CA VAL A 25 -9.12 7.51 6.21
C VAL A 25 -9.40 7.33 4.72
N LEU A 26 -10.25 6.36 4.40
CA LEU A 26 -10.60 6.09 3.01
C LEU A 26 -9.62 5.11 2.38
N ALA A 27 -9.92 3.82 2.49
CA ALA A 27 -9.06 2.78 1.93
C ALA A 27 -9.74 1.41 2.01
N PRO A 28 -9.87 0.72 0.87
CA PRO A 28 -10.49 -0.60 0.80
C PRO A 28 -9.54 -1.71 1.23
N ASN A 29 -10.07 -2.92 1.37
CA ASN A 29 -9.25 -4.07 1.76
C ASN A 29 -8.69 -4.76 0.53
N VAL A 30 -7.45 -4.46 0.20
CA VAL A 30 -6.80 -5.03 -0.97
C VAL A 30 -5.37 -5.46 -0.66
N THR A 31 -4.68 -5.97 -1.68
CA THR A 31 -3.30 -6.39 -1.52
C THR A 31 -2.39 -5.19 -1.72
N LYS A 32 -1.51 -4.94 -0.75
CA LYS A 32 -0.59 -3.80 -0.81
C LYS A 32 -0.24 -3.48 -2.26
N GLN A 33 0.07 -4.51 -3.03
CA GLN A 33 0.43 -4.31 -4.43
C GLN A 33 -0.48 -3.28 -5.08
N GLU A 34 -1.80 -3.53 -4.99
CA GLU A 34 -2.79 -2.63 -5.57
C GLU A 34 -2.82 -1.29 -4.83
N CYS A 35 -3.17 -1.34 -3.55
CA CYS A 35 -3.25 -0.13 -2.73
C CYS A 35 -2.06 0.80 -2.99
N CYS A 36 -0.86 0.29 -2.76
CA CYS A 36 0.35 1.08 -2.98
C CYS A 36 0.50 1.48 -4.44
N CYS A 37 0.10 0.60 -5.35
CA CYS A 37 0.20 0.89 -6.77
C CYS A 37 -0.42 2.25 -7.07
N THR A 38 -1.51 2.57 -6.38
CA THR A 38 -2.17 3.85 -6.54
C THR A 38 -1.27 4.98 -6.02
N SER A 39 -0.32 4.59 -5.17
CA SER A 39 0.63 5.53 -4.58
C SER A 39 0.13 6.06 -3.26
N GLY A 40 0.01 5.17 -2.28
CA GLY A 40 -0.45 5.57 -0.97
C GLY A 40 0.68 5.97 -0.04
N ALA A 41 0.70 5.39 1.15
CA ALA A 41 1.71 5.67 2.16
C ALA A 41 1.93 4.47 3.06
N GLY A 42 0.83 3.78 3.37
CA GLY A 42 0.88 2.61 4.22
C GLY A 42 -0.22 1.63 3.86
N TRP A 43 0.00 0.34 4.15
CA TRP A 43 -1.00 -0.68 3.84
C TRP A 43 -0.94 -1.82 4.86
N GLY A 44 -2.06 -2.07 5.54
CA GLY A 44 -2.11 -3.13 6.52
C GLY A 44 -3.43 -3.21 7.27
N ASP A 45 -3.38 -3.72 8.49
CA ASP A 45 -4.58 -3.86 9.31
C ASP A 45 -4.56 -2.89 10.49
N ASN A 46 -5.29 -1.78 10.33
CA ASN A 46 -5.41 -0.74 11.36
C ASN A 46 -4.25 -0.78 12.36
N CYS A 47 -3.34 0.19 12.24
CA CYS A 47 -2.20 0.28 13.13
C CYS A 47 -1.06 -0.64 12.70
N GLU A 48 -1.41 -1.86 12.30
CA GLU A 48 -0.41 -2.82 11.84
C GLU A 48 -0.23 -2.66 10.34
N ILE A 49 0.01 -1.41 9.94
CA ILE A 49 0.17 -1.05 8.55
C ILE A 49 1.62 -1.12 8.09
N PHE A 50 1.82 -1.09 6.77
CA PHE A 50 3.16 -1.15 6.18
C PHE A 50 3.40 0.03 5.25
N PRO A 51 4.42 0.85 5.55
CA PRO A 51 4.76 2.04 4.75
C PRO A 51 4.93 1.76 3.26
N CYS A 52 3.92 2.11 2.48
CA CYS A 52 3.96 1.92 1.03
C CYS A 52 3.13 2.98 0.31
N PRO A 53 3.61 3.41 -0.85
CA PRO A 53 4.88 2.97 -1.44
C PRO A 53 6.03 3.89 -1.09
N VAL A 54 7.11 3.79 -1.86
CA VAL A 54 8.29 4.61 -1.65
C VAL A 54 8.51 5.56 -2.81
N LEU A 55 7.78 5.33 -3.90
CA LEU A 55 7.89 6.17 -5.10
C LEU A 55 9.26 6.04 -5.75
N GLY A 56 9.28 5.65 -7.02
CA GLY A 56 10.53 5.50 -7.73
C GLY A 56 11.61 4.88 -6.88
N THR A 57 11.22 4.00 -5.98
CA THR A 57 12.17 3.33 -5.10
C THR A 57 12.07 1.81 -5.22
N ALA A 58 12.55 1.10 -4.21
CA ALA A 58 12.52 -0.35 -4.22
C ALA A 58 11.11 -0.89 -4.02
N GLU A 59 10.51 -0.57 -2.87
CA GLU A 59 9.16 -1.03 -2.56
C GLU A 59 8.24 -0.86 -3.76
N PHE A 60 7.73 0.36 -3.94
CA PHE A 60 6.83 0.67 -5.04
C PHE A 60 7.13 -0.16 -6.29
N THR A 61 8.16 0.22 -7.03
CA THR A 61 8.53 -0.49 -8.25
C THR A 61 8.33 -1.99 -8.10
N GLU A 62 8.46 -2.50 -6.89
CA GLU A 62 8.30 -3.93 -6.64
C GLU A 62 6.83 -4.32 -6.45
N MET A 63 6.04 -3.41 -5.91
CA MET A 63 4.63 -3.68 -5.66
C MET A 63 3.75 -3.27 -6.85
N CYS A 64 4.12 -2.19 -7.53
CA CYS A 64 3.36 -1.72 -8.68
C CYS A 64 4.29 -1.34 -9.83
N PRO A 65 4.77 -2.36 -10.57
CA PRO A 65 5.67 -2.16 -11.70
C PRO A 65 4.96 -1.53 -12.90
N LYS A 66 3.63 -1.56 -12.87
CA LYS A 66 2.84 -0.99 -13.95
C LYS A 66 2.85 0.54 -13.90
N GLY A 67 3.06 1.08 -12.70
CA GLY A 67 3.10 2.52 -12.54
C GLY A 67 1.96 3.04 -11.69
N LYS A 68 2.08 4.27 -11.21
CA LYS A 68 1.05 4.88 -10.39
C LYS A 68 -0.24 5.08 -11.18
N GLY A 69 -1.36 4.70 -10.59
CA GLY A 69 -2.64 4.84 -11.26
C GLY A 69 -3.19 3.52 -11.78
N PHE A 70 -3.60 2.67 -10.86
CA PHE A 70 -4.15 1.37 -11.21
C PHE A 70 -5.52 1.16 -10.57
N VAL A 71 -5.54 1.11 -9.25
CA VAL A 71 -6.77 0.93 -8.50
C VAL A 71 -7.71 2.13 -8.70
N PRO A 72 -8.87 2.11 -8.02
CA PRO A 72 -9.85 3.19 -8.13
C PRO A 72 -9.57 4.33 -7.16
N ALA A 73 -8.76 5.29 -7.60
CA ALA A 73 -8.41 6.44 -6.77
C ALA A 73 -7.22 7.19 -7.35
N GLY A 74 -6.38 6.47 -8.08
CA GLY A 74 -5.20 7.09 -8.68
C GLY A 74 -5.20 6.96 -10.20
N GLU A 75 -6.02 6.05 -10.72
CA GLU A 75 -6.10 5.83 -12.15
C GLU A 75 -6.10 7.15 -12.91
N SER A 1 8.20 -9.49 3.19
CA SER A 1 9.57 -8.99 3.50
C SER A 1 10.49 -9.15 2.29
N ALA A 2 10.00 -9.84 1.26
CA ALA A 2 10.78 -10.05 0.05
C ALA A 2 10.02 -10.93 -0.94
N ASP A 3 10.45 -10.90 -2.20
CA ASP A 3 9.81 -11.68 -3.24
C ASP A 3 8.32 -11.37 -3.33
N GLN A 4 7.70 -11.74 -4.45
CA GLN A 4 6.28 -11.50 -4.64
C GLN A 4 5.49 -11.81 -3.38
N PRO A 5 4.82 -10.79 -2.80
CA PRO A 5 4.02 -10.96 -1.58
C PRO A 5 2.96 -12.04 -1.72
N LYS A 6 2.45 -12.51 -0.58
CA LYS A 6 1.43 -13.55 -0.59
C LYS A 6 0.04 -12.95 -0.73
N GLU A 7 -0.97 -13.81 -0.80
CA GLU A 7 -2.35 -13.37 -0.93
C GLU A 7 -2.83 -12.65 0.32
N GLU A 8 -2.14 -11.56 0.68
CA GLU A 8 -2.48 -10.80 1.86
C GLU A 8 -3.23 -9.53 1.48
N LYS A 9 -4.50 -9.46 1.87
CA LYS A 9 -5.33 -8.29 1.56
C LYS A 9 -5.70 -7.54 2.83
N LYS A 10 -5.34 -6.26 2.89
CA LYS A 10 -5.63 -5.42 4.04
C LYS A 10 -6.14 -4.06 3.60
N GLU A 11 -6.31 -3.15 4.55
CA GLU A 11 -6.79 -1.81 4.26
C GLU A 11 -5.68 -0.96 3.64
N CYS A 12 -6.04 -0.16 2.64
CA CYS A 12 -5.08 0.71 1.98
C CYS A 12 -5.17 2.12 2.54
N TYR A 13 -4.24 2.46 3.42
CA TYR A 13 -4.22 3.78 4.04
C TYR A 13 -3.71 4.85 3.09
N TYR A 14 -4.36 6.01 3.13
CA TYR A 14 -3.97 7.13 2.29
C TYR A 14 -3.21 8.17 3.12
N ASN A 15 -3.53 8.25 4.41
CA ASN A 15 -2.82 9.14 5.32
C ASN A 15 -1.56 8.43 5.78
N LEU A 16 -1.59 7.84 6.97
CA LEU A 16 -0.45 7.04 7.44
C LEU A 16 -0.86 6.02 8.48
N ASN A 17 0.11 5.53 9.22
CA ASN A 17 -0.14 4.52 10.24
C ASN A 17 1.11 4.27 11.07
N ASP A 18 2.26 4.32 10.40
CA ASP A 18 3.54 4.10 11.06
C ASP A 18 3.55 2.75 11.76
N ALA A 19 2.65 1.87 11.34
CA ALA A 19 2.55 0.54 11.91
C ALA A 19 2.64 0.59 13.43
N SER A 20 1.77 1.39 14.04
CA SER A 20 1.76 1.53 15.50
C SER A 20 0.81 2.62 15.96
N LEU A 21 0.54 3.60 15.10
CA LEU A 21 -0.36 4.70 15.44
C LEU A 21 -1.65 4.61 14.64
N CYS A 22 -1.64 3.78 13.60
CA CYS A 22 -2.83 3.60 12.75
C CYS A 22 -3.43 4.94 12.35
N ASP A 23 -3.25 5.32 11.08
CA ASP A 23 -3.78 6.59 10.57
C ASP A 23 -4.51 6.39 9.25
N ASN A 24 -5.69 5.78 9.30
CA ASN A 24 -6.48 5.51 8.10
C ASN A 24 -7.25 6.76 7.66
N VAL A 25 -8.17 6.55 6.72
CA VAL A 25 -8.99 7.64 6.18
C VAL A 25 -9.48 7.28 4.78
N LEU A 26 -10.37 6.30 4.69
CA LEU A 26 -10.90 5.86 3.42
C LEU A 26 -9.97 4.82 2.79
N ALA A 27 -9.57 3.84 3.60
CA ALA A 27 -8.66 2.80 3.14
C ALA A 27 -9.41 1.52 2.80
N PRO A 28 -9.48 1.18 1.51
CA PRO A 28 -10.15 -0.04 1.04
C PRO A 28 -9.32 -1.29 1.34
N ASN A 29 -9.99 -2.43 1.44
CA ASN A 29 -9.29 -3.68 1.74
C ASN A 29 -8.85 -4.37 0.46
N VAL A 30 -7.59 -4.17 0.09
CA VAL A 30 -7.04 -4.78 -1.11
C VAL A 30 -5.70 -5.45 -0.81
N THR A 31 -4.98 -5.83 -1.86
CA THR A 31 -3.69 -6.47 -1.71
C THR A 31 -2.57 -5.44 -1.83
N LYS A 32 -1.64 -5.47 -0.89
CA LYS A 32 -0.52 -4.53 -0.86
C LYS A 32 -0.12 -4.12 -2.28
N GLN A 33 -0.01 -5.09 -3.17
CA GLN A 33 0.35 -4.82 -4.55
C GLN A 33 -0.57 -3.77 -5.16
N GLU A 34 -1.84 -4.11 -5.30
CA GLU A 34 -2.82 -3.19 -5.87
C GLU A 34 -2.79 -1.84 -5.15
N CYS A 35 -2.88 -1.88 -3.83
CA CYS A 35 -2.87 -0.67 -3.03
C CYS A 35 -1.61 0.16 -3.27
N CYS A 36 -0.50 -0.31 -2.74
CA CYS A 36 0.77 0.38 -2.89
C CYS A 36 1.00 0.82 -4.35
N CYS A 37 0.56 -0.01 -5.28
CA CYS A 37 0.71 0.30 -6.70
C CYS A 37 -0.17 1.47 -7.10
N THR A 38 -1.22 1.70 -6.32
CA THR A 38 -2.15 2.81 -6.58
C THR A 38 -1.60 4.11 -6.05
N SER A 39 -0.93 4.03 -4.88
CA SER A 39 -0.35 5.21 -4.22
C SER A 39 -1.27 5.71 -3.12
N GLY A 40 -0.73 5.80 -1.91
CA GLY A 40 -1.53 6.25 -0.79
C GLY A 40 -0.72 6.60 0.44
N ALA A 41 -0.52 5.62 1.31
CA ALA A 41 0.21 5.85 2.56
C ALA A 41 0.91 4.60 3.05
N GLY A 42 0.09 3.69 3.55
CA GLY A 42 0.59 2.45 4.10
C GLY A 42 -0.46 1.35 4.01
N TRP A 43 -0.03 0.13 3.73
CA TRP A 43 -0.96 -0.99 3.60
C TRP A 43 -0.82 -1.99 4.75
N GLY A 44 -1.88 -2.15 5.53
CA GLY A 44 -1.85 -3.07 6.64
C GLY A 44 -3.19 -3.23 7.34
N ASP A 45 -3.15 -3.73 8.57
CA ASP A 45 -4.35 -3.94 9.36
C ASP A 45 -4.36 -3.07 10.62
N ASN A 46 -4.99 -1.90 10.52
CA ASN A 46 -5.10 -0.97 11.63
C ASN A 46 -3.91 -1.06 12.59
N CYS A 47 -2.99 -0.10 12.46
CA CYS A 47 -1.82 -0.05 13.33
C CYS A 47 -0.70 -0.95 12.82
N GLU A 48 -1.05 -1.93 11.99
CA GLU A 48 -0.07 -2.84 11.42
C GLU A 48 0.06 -2.60 9.93
N ILE A 49 0.55 -1.42 9.57
CA ILE A 49 0.70 -1.03 8.18
C ILE A 49 2.16 -0.76 7.81
N PHE A 50 2.43 -0.85 6.51
CA PHE A 50 3.78 -0.61 5.98
C PHE A 50 3.75 0.57 5.00
N PRO A 51 4.41 1.68 5.37
CA PRO A 51 4.46 2.88 4.54
C PRO A 51 4.66 2.59 3.06
N CYS A 52 3.58 2.69 2.28
CA CYS A 52 3.64 2.45 0.85
C CYS A 52 2.60 3.26 0.09
N PRO A 53 2.94 3.59 -1.16
CA PRO A 53 4.22 3.23 -1.77
C PRO A 53 5.30 4.26 -1.47
N VAL A 54 6.48 4.07 -2.07
CA VAL A 54 7.59 4.99 -1.87
C VAL A 54 7.89 5.78 -3.13
N LEU A 55 7.16 5.47 -4.21
CA LEU A 55 7.35 6.16 -5.48
C LEU A 55 8.80 6.04 -5.97
N GLY A 56 8.97 5.52 -7.17
CA GLY A 56 10.30 5.36 -7.72
C GLY A 56 11.31 4.90 -6.69
N THR A 57 10.93 3.89 -5.92
CA THR A 57 11.80 3.35 -4.89
C THR A 57 11.75 1.83 -4.84
N ALA A 58 12.17 1.25 -3.73
CA ALA A 58 12.18 -0.20 -3.56
C ALA A 58 10.75 -0.75 -3.47
N GLU A 59 10.03 -0.33 -2.44
CA GLU A 59 8.67 -0.79 -2.23
C GLU A 59 7.84 -0.64 -3.50
N PHE A 60 7.39 0.57 -3.80
CA PHE A 60 6.58 0.83 -4.98
C PHE A 60 7.05 0.01 -6.18
N THR A 61 8.16 0.43 -6.79
CA THR A 61 8.69 -0.25 -7.97
C THR A 61 8.42 -1.74 -7.92
N GLU A 62 8.48 -2.32 -6.74
CA GLU A 62 8.24 -3.76 -6.57
C GLU A 62 6.74 -4.07 -6.72
N MET A 63 5.91 -3.25 -6.09
CA MET A 63 4.46 -3.43 -6.13
C MET A 63 3.83 -2.70 -7.31
N CYS A 64 4.62 -1.92 -8.03
CA CYS A 64 4.12 -1.17 -9.17
C CYS A 64 5.15 -1.09 -10.29
N PRO A 65 5.17 -2.08 -11.18
CA PRO A 65 6.10 -2.12 -12.31
C PRO A 65 5.68 -1.21 -13.45
N LYS A 66 4.57 -0.51 -13.24
CA LYS A 66 4.05 0.41 -14.24
C LYS A 66 4.29 1.86 -13.84
N GLY A 67 3.78 2.24 -12.68
CA GLY A 67 3.95 3.59 -12.20
C GLY A 67 2.73 4.10 -11.44
N LYS A 68 2.87 5.26 -10.80
CA LYS A 68 1.78 5.85 -10.05
C LYS A 68 0.44 5.64 -10.76
N GLY A 69 -0.58 5.27 -10.00
CA GLY A 69 -1.89 5.04 -10.57
C GLY A 69 -1.90 3.89 -11.56
N PHE A 70 -1.89 2.66 -11.04
CA PHE A 70 -1.89 1.48 -11.88
C PHE A 70 -3.30 1.11 -12.30
N VAL A 71 -4.19 0.99 -11.32
CA VAL A 71 -5.58 0.65 -11.60
C VAL A 71 -6.42 1.90 -11.85
N PRO A 72 -6.29 2.89 -10.96
CA PRO A 72 -7.00 4.14 -11.04
C PRO A 72 -6.17 5.24 -11.72
N ALA A 73 -6.62 6.49 -11.54
CA ALA A 73 -5.91 7.61 -12.12
C ALA A 73 -4.80 8.11 -11.19
N GLY A 74 -4.45 7.28 -10.22
CA GLY A 74 -3.41 7.63 -9.27
C GLY A 74 -3.97 8.23 -8.00
N GLU A 75 -4.90 7.51 -7.37
CA GLU A 75 -5.52 7.97 -6.14
C GLU A 75 -4.81 7.38 -4.92
N SER A 1 16.95 -8.70 4.61
CA SER A 1 15.53 -9.09 4.75
C SER A 1 14.75 -8.85 3.45
N ALA A 2 14.89 -9.76 2.51
CA ALA A 2 14.22 -9.65 1.22
C ALA A 2 12.87 -10.39 1.25
N ASP A 3 11.92 -9.83 1.98
CA ASP A 3 10.60 -10.44 2.09
C ASP A 3 9.78 -10.21 0.83
N GLN A 4 8.86 -11.13 0.53
CA GLN A 4 8.01 -11.01 -0.65
C GLN A 4 6.55 -11.28 -0.28
N PRO A 5 5.63 -10.50 -0.87
CA PRO A 5 4.19 -10.64 -0.61
C PRO A 5 3.70 -12.06 -0.84
N LYS A 6 2.39 -12.26 -0.70
CA LYS A 6 1.80 -13.58 -0.88
C LYS A 6 0.27 -13.51 -0.72
N GLU A 7 -0.42 -13.27 -1.83
CA GLU A 7 -1.87 -13.18 -1.83
C GLU A 7 -2.39 -12.59 -0.52
N GLU A 8 -1.67 -11.59 -0.01
CA GLU A 8 -2.06 -10.93 1.23
C GLU A 8 -2.90 -9.69 0.96
N LYS A 9 -4.16 -9.73 1.35
CA LYS A 9 -5.06 -8.60 1.14
C LYS A 9 -5.50 -7.99 2.46
N LYS A 10 -5.26 -6.69 2.61
CA LYS A 10 -5.62 -5.98 3.83
C LYS A 10 -6.20 -4.60 3.49
N GLU A 11 -6.41 -3.79 4.52
CA GLU A 11 -6.94 -2.45 4.33
C GLU A 11 -5.84 -1.48 3.94
N CYS A 12 -6.09 -0.68 2.90
CA CYS A 12 -5.11 0.29 2.44
C CYS A 12 -5.14 1.54 3.32
N TYR A 13 -4.08 2.33 3.25
CA TYR A 13 -4.00 3.55 4.05
C TYR A 13 -3.47 4.72 3.23
N TYR A 14 -4.34 5.69 2.95
CA TYR A 14 -3.94 6.86 2.19
C TYR A 14 -3.48 7.97 3.12
N ASN A 15 -3.45 7.67 4.42
CA ASN A 15 -3.03 8.64 5.43
C ASN A 15 -2.87 7.95 6.78
N LEU A 16 -1.98 6.95 6.82
CA LEU A 16 -1.69 6.10 7.98
C LEU A 16 -0.73 6.76 8.94
N ASN A 17 0.54 6.59 8.67
CA ASN A 17 1.61 7.15 9.49
C ASN A 17 2.29 6.11 10.37
N ASP A 18 2.83 5.08 9.76
CA ASP A 18 3.55 4.03 10.49
C ASP A 18 2.61 3.02 11.12
N ALA A 19 3.01 1.75 11.06
CA ALA A 19 2.22 0.67 11.64
C ALA A 19 2.20 0.77 13.16
N SER A 20 1.33 1.64 13.67
CA SER A 20 1.20 1.85 15.12
C SER A 20 0.24 2.99 15.40
N LEU A 21 0.74 4.21 15.43
CA LEU A 21 -0.12 5.35 15.64
C LEU A 21 -1.17 5.30 14.54
N CYS A 22 -0.66 4.99 13.35
CA CYS A 22 -1.42 4.78 12.12
C CYS A 22 -2.64 5.68 11.92
N ASP A 23 -2.99 5.82 10.64
CA ASP A 23 -4.15 6.60 10.21
C ASP A 23 -4.76 6.09 8.88
N ASN A 24 -6.00 5.61 8.95
CA ASN A 24 -6.70 5.10 7.77
C ASN A 24 -7.60 6.17 7.17
N VAL A 25 -8.86 6.18 7.60
CA VAL A 25 -9.83 7.16 7.12
C VAL A 25 -10.55 6.66 5.87
N LEU A 26 -9.85 6.67 4.74
CA LEU A 26 -10.43 6.21 3.49
C LEU A 26 -9.51 5.22 2.78
N ALA A 27 -9.99 4.01 2.57
CA ALA A 27 -9.20 2.98 1.92
C ALA A 27 -9.90 1.62 1.98
N PRO A 28 -9.88 0.87 0.87
CA PRO A 28 -10.52 -0.45 0.80
C PRO A 28 -9.60 -1.57 1.29
N ASN A 29 -10.03 -2.80 1.05
CA ASN A 29 -9.26 -3.98 1.43
C ASN A 29 -8.74 -4.70 0.19
N VAL A 30 -7.48 -4.46 -0.15
CA VAL A 30 -6.88 -5.08 -1.33
C VAL A 30 -5.51 -5.66 -1.02
N THR A 31 -4.76 -5.94 -2.08
CA THR A 31 -3.42 -6.49 -1.94
C THR A 31 -2.38 -5.37 -2.00
N LYS A 32 -1.46 -5.37 -1.04
CA LYS A 32 -0.41 -4.37 -0.96
C LYS A 32 -0.02 -3.86 -2.35
N GLN A 33 0.28 -4.79 -3.26
CA GLN A 33 0.67 -4.43 -4.61
C GLN A 33 -0.24 -3.34 -5.18
N GLU A 34 -1.54 -3.63 -5.20
CA GLU A 34 -2.52 -2.68 -5.72
C GLU A 34 -2.60 -1.42 -4.86
N CYS A 35 -2.93 -1.59 -3.59
CA CYS A 35 -3.04 -0.46 -2.67
C CYS A 35 -1.85 0.49 -2.81
N CYS A 36 -0.67 -0.01 -2.48
CA CYS A 36 0.56 0.78 -2.55
C CYS A 36 0.78 1.33 -3.96
N CYS A 37 0.56 0.49 -4.97
CA CYS A 37 0.74 0.92 -6.35
C CYS A 37 -0.17 2.09 -6.69
N THR A 38 -1.17 2.30 -5.83
CA THR A 38 -2.11 3.41 -6.03
C THR A 38 -1.60 4.66 -5.34
N SER A 39 -0.65 4.48 -4.44
CA SER A 39 -0.08 5.60 -3.70
C SER A 39 -0.97 5.98 -2.53
N GLY A 40 -0.36 6.17 -1.37
CA GLY A 40 -1.12 6.53 -0.20
C GLY A 40 -0.26 6.78 1.03
N ALA A 41 -0.12 5.75 1.87
CA ALA A 41 0.68 5.85 3.09
C ALA A 41 1.23 4.49 3.49
N GLY A 42 0.38 3.47 3.38
CA GLY A 42 0.79 2.12 3.74
C GLY A 42 -0.33 1.12 3.56
N TRP A 43 0.05 -0.16 3.49
CA TRP A 43 -0.93 -1.23 3.32
C TRP A 43 -0.85 -2.23 4.47
N GLY A 44 -1.98 -2.48 5.14
CA GLY A 44 -2.00 -3.41 6.25
C GLY A 44 -3.32 -3.41 6.99
N ASP A 45 -3.27 -3.80 8.27
CA ASP A 45 -4.46 -3.87 9.11
C ASP A 45 -4.32 -3.01 10.37
N ASN A 46 -5.28 -2.11 10.56
CA ASN A 46 -5.30 -1.21 11.73
C ASN A 46 -3.92 -1.03 12.36
N CYS A 47 -3.20 -0.02 11.90
CA CYS A 47 -1.88 0.30 12.42
C CYS A 47 -0.89 -0.84 12.26
N GLU A 48 -1.28 -1.87 11.53
CA GLU A 48 -0.38 -2.98 11.27
C GLU A 48 -0.03 -2.91 9.79
N ILE A 49 0.23 -1.68 9.37
CA ILE A 49 0.52 -1.36 7.99
C ILE A 49 1.99 -1.07 7.73
N PHE A 50 2.35 -1.10 6.44
CA PHE A 50 3.71 -0.83 6.00
C PHE A 50 3.75 0.44 5.15
N PRO A 51 4.52 1.45 5.59
CA PRO A 51 4.66 2.72 4.87
C PRO A 51 4.84 2.51 3.37
N CYS A 52 3.77 2.72 2.61
CA CYS A 52 3.81 2.56 1.16
C CYS A 52 2.83 3.47 0.44
N PRO A 53 3.20 3.85 -0.78
CA PRO A 53 4.46 3.46 -1.40
C PRO A 53 5.56 4.50 -1.15
N VAL A 54 6.64 4.40 -1.91
CA VAL A 54 7.75 5.34 -1.78
C VAL A 54 8.04 6.02 -3.11
N LEU A 55 7.38 5.56 -4.17
CA LEU A 55 7.57 6.13 -5.50
C LEU A 55 8.94 5.78 -6.08
N GLY A 56 8.93 5.20 -7.27
CA GLY A 56 10.17 4.81 -7.92
C GLY A 56 11.21 4.33 -6.94
N THR A 57 10.90 3.24 -6.25
CA THR A 57 11.83 2.67 -5.27
C THR A 57 11.46 1.24 -4.91
N ALA A 58 12.22 0.65 -4.00
CA ALA A 58 11.98 -0.73 -3.58
C ALA A 58 10.49 -1.00 -3.39
N GLU A 59 9.94 -0.54 -2.28
CA GLU A 59 8.53 -0.75 -1.98
C GLU A 59 7.67 -0.59 -3.24
N PHE A 60 7.34 0.64 -3.59
CA PHE A 60 6.51 0.90 -4.77
C PHE A 60 6.86 -0.04 -5.91
N THR A 61 8.03 0.16 -6.51
CA THR A 61 8.47 -0.66 -7.64
C THR A 61 8.01 -2.11 -7.48
N GLU A 62 7.88 -2.57 -6.23
CA GLU A 62 7.45 -3.93 -5.96
C GLU A 62 5.93 -4.06 -6.05
N MET A 63 5.21 -3.13 -5.41
CA MET A 63 3.76 -3.15 -5.40
C MET A 63 3.17 -2.64 -6.70
N CYS A 64 3.98 -1.94 -7.50
CA CYS A 64 3.53 -1.39 -8.75
C CYS A 64 4.59 -1.56 -9.85
N PRO A 65 4.71 -2.78 -10.38
CA PRO A 65 5.69 -3.09 -11.44
C PRO A 65 5.22 -2.61 -12.81
N LYS A 66 4.86 -1.34 -12.91
CA LYS A 66 4.40 -0.78 -14.16
C LYS A 66 4.61 0.74 -14.20
N GLY A 67 3.82 1.46 -13.43
CA GLY A 67 3.94 2.91 -13.40
C GLY A 67 3.36 3.51 -12.13
N LYS A 68 3.04 4.80 -12.18
CA LYS A 68 2.48 5.51 -11.04
C LYS A 68 0.98 5.75 -11.22
N GLY A 69 0.17 4.74 -10.93
CA GLY A 69 -1.26 4.87 -11.07
C GLY A 69 -1.88 3.76 -11.90
N PHE A 70 -1.66 2.51 -11.48
CA PHE A 70 -2.20 1.36 -12.18
C PHE A 70 -3.32 0.71 -11.38
N VAL A 71 -3.81 1.44 -10.38
CA VAL A 71 -4.88 0.94 -9.53
C VAL A 71 -6.02 1.95 -9.43
N PRO A 72 -7.11 1.59 -8.74
CA PRO A 72 -8.27 2.48 -8.58
C PRO A 72 -8.03 3.60 -7.58
N ALA A 73 -7.36 4.65 -8.03
CA ALA A 73 -7.06 5.80 -7.17
C ALA A 73 -5.89 6.60 -7.71
N GLY A 74 -4.97 5.92 -8.39
CA GLY A 74 -3.82 6.60 -8.96
C GLY A 74 -3.98 6.88 -10.44
N GLU A 75 -4.63 5.96 -11.15
CA GLU A 75 -4.85 6.11 -12.58
C GLU A 75 -5.43 7.49 -12.90
N SER A 1 10.78 -19.48 -2.07
CA SER A 1 10.24 -18.41 -1.18
C SER A 1 9.45 -17.38 -1.97
N ALA A 2 8.12 -17.42 -1.81
CA ALA A 2 7.25 -16.48 -2.52
C ALA A 2 7.46 -15.06 -2.02
N ASP A 3 8.58 -14.47 -2.39
CA ASP A 3 8.89 -13.10 -1.98
C ASP A 3 7.73 -12.17 -2.26
N GLN A 4 7.37 -12.04 -3.54
CA GLN A 4 6.26 -11.18 -3.94
C GLN A 4 5.03 -11.44 -3.09
N PRO A 5 4.24 -10.38 -2.82
CA PRO A 5 3.03 -10.50 -2.01
C PRO A 5 2.09 -11.58 -2.52
N LYS A 6 1.00 -11.81 -1.79
CA LYS A 6 0.03 -12.82 -2.17
C LYS A 6 -1.39 -12.35 -1.86
N GLU A 7 -2.32 -13.30 -1.78
CA GLU A 7 -3.71 -12.99 -1.49
C GLU A 7 -3.82 -12.01 -0.32
N GLU A 8 -2.79 -11.99 0.53
CA GLU A 8 -2.76 -11.10 1.68
C GLU A 8 -3.48 -9.78 1.38
N LYS A 9 -4.77 -9.73 1.70
CA LYS A 9 -5.57 -8.54 1.46
C LYS A 9 -6.03 -7.92 2.77
N LYS A 10 -5.63 -6.67 3.00
CA LYS A 10 -6.01 -5.95 4.20
C LYS A 10 -6.60 -4.60 3.82
N GLU A 11 -6.55 -3.65 4.75
CA GLU A 11 -7.08 -2.32 4.48
C GLU A 11 -5.96 -1.38 4.05
N CYS A 12 -6.21 -0.62 2.98
CA CYS A 12 -5.23 0.33 2.48
C CYS A 12 -5.19 1.51 3.42
N TYR A 13 -4.17 2.35 3.29
CA TYR A 13 -4.05 3.50 4.17
C TYR A 13 -3.32 4.65 3.45
N TYR A 14 -3.85 5.88 3.58
CA TYR A 14 -3.24 7.04 2.93
C TYR A 14 -2.66 8.05 3.92
N ASN A 15 -3.51 8.65 4.79
CA ASN A 15 -3.03 9.61 5.78
C ASN A 15 -2.80 8.91 7.10
N LEU A 16 -2.22 7.72 6.97
CA LEU A 16 -1.98 6.77 8.04
C LEU A 16 -0.70 6.95 8.84
N ASN A 17 0.18 5.93 8.79
CA ASN A 17 1.44 5.89 9.53
C ASN A 17 1.38 4.81 10.57
N ASP A 18 0.58 3.80 10.25
CA ASP A 18 0.34 2.67 11.13
C ASP A 18 1.58 2.06 11.76
N ALA A 19 1.46 0.76 12.06
CA ALA A 19 2.51 0.03 12.69
C ALA A 19 2.46 0.33 14.20
N SER A 20 1.29 0.81 14.63
CA SER A 20 1.00 1.16 16.02
C SER A 20 0.73 2.65 16.19
N LEU A 21 -0.27 3.19 15.46
CA LEU A 21 -0.62 4.62 15.53
C LEU A 21 -1.56 5.02 14.39
N CYS A 22 -1.36 4.32 13.29
CA CYS A 22 -2.09 4.49 12.02
C CYS A 22 -3.16 5.58 11.98
N ASP A 23 -3.15 6.32 10.87
CA ASP A 23 -4.16 7.36 10.62
C ASP A 23 -4.90 7.15 9.26
N ASN A 24 -6.15 6.72 9.34
CA ASN A 24 -6.95 6.47 8.15
C ASN A 24 -7.76 7.71 7.78
N VAL A 25 -8.64 7.56 6.80
CA VAL A 25 -9.47 8.67 6.33
C VAL A 25 -10.36 8.24 5.17
N LEU A 26 -9.85 7.32 4.36
CA LEU A 26 -10.59 6.82 3.20
C LEU A 26 -9.76 5.79 2.45
N ALA A 27 -9.66 4.59 3.01
CA ALA A 27 -8.90 3.52 2.40
C ALA A 27 -9.67 2.20 2.41
N PRO A 28 -9.84 1.58 1.23
CA PRO A 28 -10.56 0.31 1.09
C PRO A 28 -9.73 -0.88 1.58
N ASN A 29 -10.10 -2.08 1.14
CA ASN A 29 -9.38 -3.29 1.53
C ASN A 29 -9.02 -4.12 0.30
N VAL A 30 -7.72 -4.27 0.06
CA VAL A 30 -7.25 -5.03 -1.10
C VAL A 30 -5.90 -5.67 -0.83
N THR A 31 -5.18 -5.97 -1.90
CA THR A 31 -3.86 -6.57 -1.77
C THR A 31 -2.78 -5.51 -1.89
N LYS A 32 -1.89 -5.48 -0.89
CA LYS A 32 -0.80 -4.50 -0.85
C LYS A 32 -0.35 -4.12 -2.25
N GLN A 33 -0.33 -5.09 -3.16
CA GLN A 33 0.10 -4.85 -4.54
C GLN A 33 -0.75 -3.78 -5.20
N GLU A 34 -2.05 -3.83 -4.98
CA GLU A 34 -2.97 -2.86 -5.59
C GLU A 34 -3.01 -1.55 -4.81
N CYS A 35 -3.14 -1.65 -3.49
CA CYS A 35 -3.21 -0.46 -2.64
C CYS A 35 -1.97 0.42 -2.81
N CYS A 36 -0.79 -0.20 -2.75
CA CYS A 36 0.45 0.55 -2.89
C CYS A 36 0.73 0.93 -4.34
N CYS A 37 0.73 -0.05 -5.24
CA CYS A 37 0.97 0.24 -6.65
C CYS A 37 0.15 1.47 -7.04
N THR A 38 -0.96 1.66 -6.36
CA THR A 38 -1.83 2.82 -6.62
C THR A 38 -1.08 4.10 -6.27
N SER A 39 -0.41 4.07 -5.11
CA SER A 39 0.36 5.21 -4.61
C SER A 39 -0.32 5.81 -3.40
N GLY A 40 -0.46 5.01 -2.35
CA GLY A 40 -1.11 5.48 -1.15
C GLY A 40 -0.15 5.92 -0.07
N ALA A 41 -0.08 5.14 1.01
CA ALA A 41 0.78 5.46 2.14
C ALA A 41 1.23 4.20 2.88
N GLY A 42 0.30 3.24 3.00
CA GLY A 42 0.60 1.99 3.68
C GLY A 42 -0.52 0.98 3.56
N TRP A 43 -0.14 -0.29 3.49
CA TRP A 43 -1.11 -1.37 3.37
C TRP A 43 -0.87 -2.40 4.47
N GLY A 44 -1.93 -2.70 5.22
CA GLY A 44 -1.82 -3.63 6.32
C GLY A 44 -3.05 -3.60 7.19
N ASP A 45 -2.87 -3.89 8.46
CA ASP A 45 -3.99 -3.88 9.38
C ASP A 45 -3.98 -2.59 10.20
N ASN A 46 -5.05 -2.35 10.95
CA ASN A 46 -5.17 -1.14 11.75
C ASN A 46 -3.98 -0.92 12.68
N CYS A 47 -3.17 0.08 12.36
CA CYS A 47 -2.02 0.41 13.18
C CYS A 47 -1.04 -0.76 13.23
N GLU A 48 -1.02 -1.51 12.13
CA GLU A 48 -0.14 -2.66 11.98
C GLU A 48 0.14 -2.82 10.48
N ILE A 49 0.32 -1.68 9.85
CA ILE A 49 0.51 -1.57 8.42
C ILE A 49 1.97 -1.62 7.96
N PHE A 50 2.16 -1.40 6.66
CA PHE A 50 3.47 -1.39 6.04
C PHE A 50 3.58 -0.23 5.06
N PRO A 51 4.24 0.86 5.48
CA PRO A 51 4.42 2.07 4.67
C PRO A 51 4.64 1.81 3.19
N CYS A 52 3.63 2.12 2.38
CA CYS A 52 3.71 1.93 0.93
C CYS A 52 2.83 2.92 0.18
N PRO A 53 3.34 3.44 -0.93
CA PRO A 53 4.67 3.15 -1.45
C PRO A 53 5.71 4.14 -0.96
N VAL A 54 6.86 4.17 -1.63
CA VAL A 54 7.92 5.09 -1.27
C VAL A 54 8.18 6.08 -2.42
N LEU A 55 7.38 5.98 -3.47
CA LEU A 55 7.52 6.87 -4.62
C LEU A 55 8.92 6.82 -5.20
N GLY A 56 9.03 6.49 -6.48
CA GLY A 56 10.32 6.42 -7.14
C GLY A 56 11.40 5.87 -6.22
N THR A 57 11.16 4.68 -5.68
CA THR A 57 12.11 4.04 -4.78
C THR A 57 12.13 2.54 -4.99
N ALA A 58 12.59 1.82 -3.98
CA ALA A 58 12.68 0.37 -4.03
C ALA A 58 11.31 -0.29 -3.88
N GLU A 59 10.69 -0.07 -2.73
CA GLU A 59 9.37 -0.64 -2.46
C GLU A 59 8.45 -0.48 -3.66
N PHE A 60 7.84 0.70 -3.79
CA PHE A 60 6.93 0.97 -4.89
C PHE A 60 7.32 0.22 -6.16
N THR A 61 8.35 0.72 -6.85
CA THR A 61 8.80 0.10 -8.10
C THR A 61 8.61 -1.41 -8.06
N GLU A 62 8.75 -2.02 -6.88
CA GLU A 62 8.57 -3.45 -6.75
C GLU A 62 7.08 -3.78 -6.72
N MET A 63 6.38 -3.15 -5.79
CA MET A 63 4.95 -3.35 -5.65
C MET A 63 4.18 -2.71 -6.79
N CYS A 64 4.89 -1.98 -7.64
CA CYS A 64 4.27 -1.32 -8.78
C CYS A 64 5.19 -1.33 -10.00
N PRO A 65 5.29 -2.48 -10.69
CA PRO A 65 6.15 -2.62 -11.87
C PRO A 65 5.57 -1.92 -13.10
N LYS A 66 5.38 -0.60 -12.99
CA LYS A 66 4.83 0.18 -14.09
C LYS A 66 5.09 1.67 -13.88
N GLY A 67 4.24 2.30 -13.07
CA GLY A 67 4.39 3.72 -12.80
C GLY A 67 3.49 4.19 -11.68
N LYS A 68 3.30 5.50 -11.59
CA LYS A 68 2.45 6.09 -10.56
C LYS A 68 0.97 5.82 -10.86
N GLY A 69 0.21 5.49 -9.82
CA GLY A 69 -1.20 5.22 -9.99
C GLY A 69 -1.48 4.45 -11.27
N PHE A 70 -1.36 3.14 -11.20
CA PHE A 70 -1.60 2.28 -12.36
C PHE A 70 -2.82 1.40 -12.15
N VAL A 71 -3.11 1.10 -10.89
CA VAL A 71 -4.26 0.26 -10.55
C VAL A 71 -5.57 1.04 -10.69
N PRO A 72 -5.71 2.15 -9.97
CA PRO A 72 -6.89 2.99 -9.99
C PRO A 72 -6.77 4.15 -10.97
N ALA A 73 -6.12 5.22 -10.50
CA ALA A 73 -5.91 6.42 -11.32
C ALA A 73 -5.05 7.43 -10.60
N GLY A 74 -4.13 6.94 -9.77
CA GLY A 74 -3.24 7.80 -9.03
C GLY A 74 -3.99 8.68 -8.03
N GLU A 75 -4.97 8.09 -7.36
CA GLU A 75 -5.76 8.82 -6.37
C GLU A 75 -5.12 8.74 -5.00
N SER A 1 7.81 -5.22 5.06
CA SER A 1 8.25 -6.63 4.85
C SER A 1 8.56 -6.88 3.37
N ALA A 2 9.81 -7.25 3.08
CA ALA A 2 10.23 -7.52 1.72
C ALA A 2 10.52 -9.00 1.53
N ASP A 3 9.52 -9.74 1.04
CA ASP A 3 9.67 -11.17 0.81
C ASP A 3 8.67 -11.65 -0.24
N GLN A 4 8.42 -10.81 -1.24
CA GLN A 4 7.48 -11.15 -2.30
C GLN A 4 6.05 -11.19 -1.78
N PRO A 5 5.27 -10.14 -2.06
CA PRO A 5 3.87 -10.04 -1.62
C PRO A 5 3.05 -11.26 -2.05
N LYS A 6 1.97 -11.53 -1.31
CA LYS A 6 1.11 -12.66 -1.60
C LYS A 6 -0.36 -12.25 -1.54
N GLU A 7 -1.24 -13.24 -1.43
CA GLU A 7 -2.67 -12.98 -1.36
C GLU A 7 -3.00 -12.01 -0.24
N GLU A 8 -2.06 -11.87 0.70
CA GLU A 8 -2.24 -10.97 1.83
C GLU A 8 -3.03 -9.72 1.43
N LYS A 9 -4.31 -9.70 1.76
CA LYS A 9 -5.17 -8.56 1.43
C LYS A 9 -5.69 -7.90 2.70
N LYS A 10 -5.43 -6.59 2.82
CA LYS A 10 -5.88 -5.83 3.98
C LYS A 10 -6.46 -4.49 3.55
N GLU A 11 -6.73 -3.63 4.51
CA GLU A 11 -7.29 -2.32 4.22
C GLU A 11 -6.18 -1.32 3.91
N CYS A 12 -6.25 -0.72 2.72
CA CYS A 12 -5.26 0.26 2.30
C CYS A 12 -5.24 1.42 3.28
N TYR A 13 -4.12 2.15 3.32
CA TYR A 13 -4.00 3.27 4.23
C TYR A 13 -3.48 4.52 3.53
N TYR A 14 -4.39 5.44 3.24
CA TYR A 14 -4.02 6.69 2.59
C TYR A 14 -3.77 7.76 3.65
N ASN A 15 -3.58 7.31 4.90
CA ASN A 15 -3.33 8.23 6.01
C ASN A 15 -2.76 7.49 7.22
N LEU A 16 -1.87 6.52 6.97
CA LEU A 16 -1.26 5.69 8.01
C LEU A 16 -0.12 6.44 8.67
N ASN A 17 0.95 5.73 9.03
CA ASN A 17 2.11 6.33 9.66
C ASN A 17 2.78 5.38 10.64
N ASP A 18 3.25 4.25 10.12
CA ASP A 18 3.92 3.26 10.94
C ASP A 18 2.92 2.31 11.59
N ALA A 19 3.14 1.01 11.41
CA ALA A 19 2.25 -0.01 11.96
C ALA A 19 2.14 0.09 13.48
N SER A 20 1.52 1.17 13.96
CA SER A 20 1.34 1.37 15.39
C SER A 20 0.39 2.53 15.65
N LEU A 21 0.68 3.65 15.01
CA LEU A 21 -0.12 4.86 15.12
C LEU A 21 -0.87 5.08 13.82
N CYS A 22 -0.26 4.59 12.74
CA CYS A 22 -0.81 4.68 11.40
C CYS A 22 -2.30 4.92 11.32
N ASP A 23 -2.69 5.94 10.55
CA ASP A 23 -4.10 6.25 10.36
C ASP A 23 -4.59 5.81 8.97
N ASN A 24 -5.92 5.74 8.83
CA ASN A 24 -6.52 5.34 7.56
C ASN A 24 -7.66 6.29 7.18
N VAL A 25 -8.04 6.29 5.91
CA VAL A 25 -9.11 7.14 5.42
C VAL A 25 -9.24 7.06 3.90
N LEU A 26 -10.37 6.51 3.45
CA LEU A 26 -10.61 6.37 2.01
C LEU A 26 -9.75 5.28 1.41
N ALA A 27 -9.85 4.07 1.96
CA ALA A 27 -9.06 2.95 1.47
C ALA A 27 -9.82 1.64 1.62
N PRO A 28 -9.91 0.85 0.53
CA PRO A 28 -10.61 -0.43 0.54
C PRO A 28 -9.74 -1.55 1.09
N ASN A 29 -10.17 -2.80 0.88
CA ASN A 29 -9.42 -3.95 1.35
C ASN A 29 -8.87 -4.74 0.17
N VAL A 30 -7.59 -4.55 -0.12
CA VAL A 30 -6.95 -5.25 -1.23
C VAL A 30 -5.56 -5.75 -0.84
N THR A 31 -4.73 -6.01 -1.83
CA THR A 31 -3.38 -6.49 -1.60
C THR A 31 -2.38 -5.34 -1.67
N LYS A 32 -1.47 -5.29 -0.69
CA LYS A 32 -0.46 -4.24 -0.64
C LYS A 32 -0.01 -3.83 -2.03
N GLN A 33 0.00 -4.78 -2.95
CA GLN A 33 0.41 -4.53 -4.32
C GLN A 33 -0.56 -3.57 -5.01
N GLU A 34 -1.85 -3.83 -4.85
CA GLU A 34 -2.89 -2.99 -5.45
C GLU A 34 -2.96 -1.63 -4.77
N CYS A 35 -3.12 -1.66 -3.45
CA CYS A 35 -3.22 -0.43 -2.67
C CYS A 35 -1.99 0.46 -2.90
N CYS A 36 -0.83 -0.04 -2.50
CA CYS A 36 0.42 0.72 -2.64
C CYS A 36 0.57 1.23 -4.07
N CYS A 37 0.19 0.42 -5.05
CA CYS A 37 0.30 0.83 -6.45
C CYS A 37 -0.43 2.15 -6.67
N THR A 38 -1.61 2.28 -6.08
CA THR A 38 -2.40 3.50 -6.19
C THR A 38 -1.57 4.70 -5.72
N SER A 39 -0.71 4.44 -4.73
CA SER A 39 0.15 5.47 -4.17
C SER A 39 -0.55 6.23 -3.06
N GLY A 40 -0.54 5.65 -1.86
CA GLY A 40 -1.20 6.28 -0.73
C GLY A 40 -0.26 6.62 0.41
N ALA A 41 -0.12 5.70 1.37
CA ALA A 41 0.72 5.90 2.53
C ALA A 41 1.21 4.57 3.08
N GLY A 42 0.29 3.60 3.11
CA GLY A 42 0.60 2.28 3.62
C GLY A 42 -0.53 1.29 3.44
N TRP A 43 -0.22 0.00 3.56
CA TRP A 43 -1.22 -1.05 3.42
C TRP A 43 -1.13 -2.02 4.58
N GLY A 44 -2.26 -2.22 5.28
CA GLY A 44 -2.27 -3.13 6.41
C GLY A 44 -3.62 -3.21 7.10
N ASP A 45 -3.58 -3.47 8.40
CA ASP A 45 -4.79 -3.59 9.21
C ASP A 45 -4.96 -2.38 10.12
N ASN A 46 -5.86 -2.51 11.12
CA ASN A 46 -6.14 -1.44 12.09
C ASN A 46 -5.00 -0.43 12.16
N CYS A 47 -3.79 -0.95 12.23
CA CYS A 47 -2.60 -0.11 12.26
C CYS A 47 -1.35 -0.95 12.14
N GLU A 48 -1.45 -2.03 11.39
CA GLU A 48 -0.32 -2.89 11.11
C GLU A 48 -0.06 -2.79 9.63
N ILE A 49 0.34 -1.57 9.26
CA ILE A 49 0.57 -1.18 7.87
C ILE A 49 2.04 -1.06 7.54
N PHE A 50 2.32 -1.03 6.23
CA PHE A 50 3.66 -0.85 5.72
C PHE A 50 3.70 0.43 4.89
N PRO A 51 4.56 1.38 5.26
CA PRO A 51 4.67 2.67 4.56
C PRO A 51 4.86 2.51 3.06
N CYS A 52 3.78 2.72 2.31
CA CYS A 52 3.84 2.62 0.86
C CYS A 52 2.92 3.61 0.17
N PRO A 53 3.36 4.06 -1.02
CA PRO A 53 4.63 3.66 -1.61
C PRO A 53 5.78 4.58 -1.24
N VAL A 54 6.88 4.47 -1.97
CA VAL A 54 8.05 5.30 -1.75
C VAL A 54 8.41 6.08 -3.01
N LEU A 55 7.67 5.81 -4.09
CA LEU A 55 7.89 6.47 -5.37
C LEU A 55 9.30 6.22 -5.90
N GLY A 56 9.38 5.71 -7.11
CA GLY A 56 10.66 5.42 -7.73
C GLY A 56 11.65 4.82 -6.74
N THR A 57 11.14 4.06 -5.78
CA THR A 57 11.99 3.44 -4.78
C THR A 57 11.69 1.94 -4.66
N ALA A 58 12.45 1.26 -3.81
CA ALA A 58 12.29 -0.17 -3.60
C ALA A 58 10.82 -0.54 -3.43
N GLU A 59 10.25 -0.21 -2.28
CA GLU A 59 8.86 -0.54 -1.99
C GLU A 59 7.99 -0.45 -3.23
N PHE A 60 7.62 0.77 -3.62
CA PHE A 60 6.78 0.98 -4.78
C PHE A 60 7.14 0.05 -5.93
N THR A 61 8.24 0.36 -6.62
CA THR A 61 8.68 -0.45 -7.76
C THR A 61 8.38 -1.93 -7.54
N GLU A 62 8.39 -2.37 -6.29
CA GLU A 62 8.12 -3.77 -5.97
C GLU A 62 6.63 -4.04 -5.86
N MET A 63 5.88 -3.09 -5.31
CA MET A 63 4.44 -3.26 -5.14
C MET A 63 3.65 -2.75 -6.34
N CYS A 64 4.31 -2.00 -7.23
CA CYS A 64 3.64 -1.47 -8.40
C CYS A 64 4.64 -1.03 -9.46
N PRO A 65 4.97 -1.93 -10.40
CA PRO A 65 5.92 -1.63 -11.48
C PRO A 65 5.28 -0.79 -12.58
N LYS A 66 3.96 -0.60 -12.49
CA LYS A 66 3.22 0.17 -13.47
C LYS A 66 3.36 1.66 -13.19
N GLY A 67 2.55 2.16 -12.27
CA GLY A 67 2.59 3.57 -11.91
C GLY A 67 1.61 3.93 -10.82
N LYS A 68 1.39 5.22 -10.62
CA LYS A 68 0.47 5.70 -9.60
C LYS A 68 -0.90 5.99 -10.20
N GLY A 69 -1.84 5.06 -10.03
CA GLY A 69 -3.17 5.24 -10.57
C GLY A 69 -3.73 3.98 -11.18
N PHE A 70 -3.70 2.89 -10.41
CA PHE A 70 -4.22 1.61 -10.88
C PHE A 70 -5.58 1.32 -10.25
N VAL A 71 -5.60 1.19 -8.93
CA VAL A 71 -6.84 0.92 -8.21
C VAL A 71 -7.68 2.20 -8.07
N PRO A 72 -8.90 2.07 -7.52
CA PRO A 72 -9.80 3.22 -7.34
C PRO A 72 -9.38 4.11 -6.18
N ALA A 73 -8.54 5.10 -6.47
CA ALA A 73 -8.06 6.01 -5.43
C ALA A 73 -6.97 6.93 -5.99
N GLY A 74 -6.18 6.41 -6.92
CA GLY A 74 -5.12 7.19 -7.51
C GLY A 74 -5.46 7.69 -8.90
N GLU A 75 -5.80 6.76 -9.79
CA GLU A 75 -6.16 7.11 -11.16
C GLU A 75 -6.95 8.42 -11.19
N SER A 1 2.81 -17.90 3.06
CA SER A 1 3.35 -17.08 1.94
C SER A 1 4.53 -16.22 2.40
N ALA A 2 5.72 -16.79 2.34
CA ALA A 2 6.93 -16.08 2.74
C ALA A 2 7.52 -15.30 1.59
N ASP A 3 6.73 -15.10 0.53
CA ASP A 3 7.17 -14.37 -0.64
C ASP A 3 6.02 -14.16 -1.63
N GLN A 4 6.29 -13.38 -2.67
CA GLN A 4 5.28 -13.10 -3.68
C GLN A 4 3.94 -12.76 -3.03
N PRO A 5 3.60 -11.47 -2.94
CA PRO A 5 2.35 -11.00 -2.34
C PRO A 5 1.13 -11.70 -2.94
N LYS A 6 0.86 -12.91 -2.47
CA LYS A 6 -0.29 -13.67 -2.95
C LYS A 6 -1.34 -13.84 -1.87
N GLU A 7 -2.60 -13.94 -2.27
CA GLU A 7 -3.70 -14.09 -1.32
C GLU A 7 -3.44 -13.33 -0.04
N GLU A 8 -2.93 -12.10 -0.17
CA GLU A 8 -2.63 -11.27 0.98
C GLU A 8 -3.29 -9.90 0.85
N LYS A 9 -4.60 -9.86 1.07
CA LYS A 9 -5.35 -8.62 0.98
C LYS A 9 -5.76 -8.12 2.36
N LYS A 10 -5.42 -6.87 2.65
CA LYS A 10 -5.75 -6.25 3.92
C LYS A 10 -6.38 -4.90 3.69
N GLU A 11 -6.47 -4.09 4.74
CA GLU A 11 -7.04 -2.76 4.60
C GLU A 11 -5.96 -1.80 4.14
N CYS A 12 -6.23 -1.05 3.09
CA CYS A 12 -5.27 -0.12 2.57
C CYS A 12 -5.27 1.14 3.41
N TYR A 13 -4.23 1.94 3.29
CA TYR A 13 -4.13 3.16 4.06
C TYR A 13 -3.70 4.34 3.19
N TYR A 14 -4.53 5.37 3.19
CA TYR A 14 -4.23 6.57 2.43
C TYR A 14 -3.88 7.72 3.38
N ASN A 15 -3.89 7.41 4.68
CA ASN A 15 -3.57 8.40 5.70
C ASN A 15 -2.95 7.74 6.93
N LEU A 16 -2.10 6.73 6.70
CA LEU A 16 -1.45 5.96 7.76
C LEU A 16 -0.25 6.73 8.28
N ASN A 17 0.85 6.06 8.52
CA ASN A 17 2.05 6.73 8.99
C ASN A 17 3.07 5.77 9.56
N ASP A 18 2.61 4.83 10.37
CA ASP A 18 3.48 3.83 10.98
C ASP A 18 2.66 2.77 11.69
N ALA A 19 3.00 1.50 11.46
CA ALA A 19 2.28 0.39 12.08
C ALA A 19 2.21 0.54 13.59
N SER A 20 1.38 1.47 14.04
CA SER A 20 1.18 1.75 15.46
C SER A 20 0.37 3.04 15.61
N LEU A 21 0.72 4.03 14.79
CA LEU A 21 0.03 5.33 14.80
C LEU A 21 -0.71 5.52 13.47
N CYS A 22 -0.20 4.85 12.44
CA CYS A 22 -0.78 4.89 11.11
C CYS A 22 -2.28 5.18 11.08
N ASP A 23 -2.67 6.24 10.39
CA ASP A 23 -4.08 6.56 10.27
C ASP A 23 -4.68 6.00 8.96
N ASN A 24 -5.93 5.58 9.02
CA ASN A 24 -6.62 5.02 7.86
C ASN A 24 -7.40 6.08 7.09
N VAL A 25 -8.38 5.63 6.32
CA VAL A 25 -9.21 6.54 5.53
C VAL A 25 -8.64 6.76 4.14
N LEU A 26 -9.52 6.82 3.14
CA LEU A 26 -9.11 7.04 1.75
C LEU A 26 -8.38 5.82 1.18
N ALA A 27 -8.52 4.67 1.85
CA ALA A 27 -7.87 3.45 1.40
C ALA A 27 -8.75 2.23 1.65
N PRO A 28 -9.05 1.47 0.58
CA PRO A 28 -9.89 0.27 0.67
C PRO A 28 -9.08 -0.99 1.01
N ASN A 29 -9.77 -2.10 1.21
CA ASN A 29 -9.10 -3.36 1.53
C ASN A 29 -8.74 -4.11 0.25
N VAL A 30 -7.45 -4.24 -0.01
CA VAL A 30 -6.98 -4.91 -1.20
C VAL A 30 -5.63 -5.57 -0.98
N THR A 31 -4.88 -5.74 -2.07
CA THR A 31 -3.56 -6.35 -1.99
C THR A 31 -2.49 -5.27 -1.97
N LYS A 32 -1.54 -5.41 -1.05
CA LYS A 32 -0.46 -4.43 -0.90
C LYS A 32 -0.05 -3.86 -2.26
N GLN A 33 -0.03 -4.71 -3.27
CA GLN A 33 0.36 -4.27 -4.61
C GLN A 33 -0.62 -3.23 -5.15
N GLU A 34 -1.88 -3.62 -5.29
CA GLU A 34 -2.90 -2.71 -5.79
C GLU A 34 -3.05 -1.49 -4.90
N CYS A 35 -3.10 -1.72 -3.59
CA CYS A 35 -3.23 -0.64 -2.63
C CYS A 35 -2.06 0.33 -2.72
N CYS A 36 -0.92 -0.06 -2.17
CA CYS A 36 0.27 0.77 -2.18
C CYS A 36 0.39 1.55 -3.48
N CYS A 37 0.28 0.85 -4.61
CA CYS A 37 0.40 1.50 -5.92
C CYS A 37 -0.82 2.36 -6.23
N THR A 38 -1.95 2.02 -5.62
CA THR A 38 -3.18 2.76 -5.85
C THR A 38 -3.32 3.90 -4.85
N SER A 39 -3.30 3.55 -3.56
CA SER A 39 -3.44 4.53 -2.49
C SER A 39 -2.21 5.44 -2.41
N GLY A 40 -1.67 5.65 -1.21
CA GLY A 40 -0.51 6.50 -1.05
C GLY A 40 -0.16 6.75 0.40
N ALA A 41 -0.14 5.68 1.19
CA ALA A 41 0.20 5.77 2.61
C ALA A 41 0.80 4.47 3.10
N GLY A 42 0.02 3.40 3.05
CA GLY A 42 0.49 2.11 3.49
C GLY A 42 -0.56 1.03 3.37
N TRP A 43 -0.14 -0.22 3.53
CA TRP A 43 -1.06 -1.35 3.43
C TRP A 43 -0.92 -2.29 4.63
N GLY A 44 -2.04 -2.57 5.31
CA GLY A 44 -2.01 -3.46 6.45
C GLY A 44 -3.36 -3.59 7.14
N ASP A 45 -3.35 -4.19 8.32
CA ASP A 45 -4.57 -4.37 9.09
C ASP A 45 -4.63 -3.33 10.19
N ASN A 46 -5.77 -2.65 10.34
CA ASN A 46 -5.88 -1.60 11.35
C ASN A 46 -4.61 -0.75 11.26
N CYS A 47 -3.95 -0.49 12.38
CA CYS A 47 -2.73 0.29 12.32
C CYS A 47 -1.50 -0.61 12.25
N GLU A 48 -1.61 -1.66 11.45
CA GLU A 48 -0.53 -2.60 11.24
C GLU A 48 -0.18 -2.55 9.76
N ILE A 49 0.26 -1.36 9.35
CA ILE A 49 0.55 -1.09 7.95
C ILE A 49 2.04 -0.92 7.67
N PHE A 50 2.36 -0.95 6.37
CA PHE A 50 3.70 -0.76 5.87
C PHE A 50 3.72 0.45 4.93
N PRO A 51 4.42 1.52 5.33
CA PRO A 51 4.51 2.76 4.54
C PRO A 51 4.74 2.51 3.06
N CYS A 52 3.69 2.66 2.26
CA CYS A 52 3.79 2.46 0.82
C CYS A 52 2.78 3.33 0.07
N PRO A 53 3.16 3.78 -1.13
CA PRO A 53 4.47 3.53 -1.71
C PRO A 53 5.49 4.59 -1.35
N VAL A 54 6.62 4.60 -2.05
CA VAL A 54 7.66 5.58 -1.79
C VAL A 54 8.14 6.24 -3.09
N LEU A 55 7.52 5.84 -4.20
CA LEU A 55 7.87 6.38 -5.51
C LEU A 55 9.33 6.15 -5.84
N GLY A 56 9.60 5.69 -7.05
CA GLY A 56 10.96 5.44 -7.48
C GLY A 56 11.84 4.94 -6.34
N THR A 57 11.56 3.75 -5.84
CA THR A 57 12.32 3.17 -4.76
C THR A 57 12.06 1.68 -4.62
N ALA A 58 12.54 1.11 -3.52
CA ALA A 58 12.37 -0.32 -3.28
C ALA A 58 10.89 -0.70 -3.14
N GLU A 59 10.26 -0.25 -2.07
CA GLU A 59 8.86 -0.55 -1.82
C GLU A 59 8.03 -0.46 -3.11
N PHE A 60 7.68 0.75 -3.52
CA PHE A 60 6.89 0.94 -4.72
C PHE A 60 7.29 -0.04 -5.82
N THR A 61 8.47 0.18 -6.40
CA THR A 61 8.96 -0.67 -7.47
C THR A 61 8.55 -2.13 -7.27
N GLU A 62 8.42 -2.53 -6.00
CA GLU A 62 8.03 -3.90 -5.67
C GLU A 62 6.53 -4.09 -5.85
N MET A 63 5.76 -3.11 -5.37
CA MET A 63 4.31 -3.17 -5.48
C MET A 63 3.82 -2.54 -6.78
N CYS A 64 4.74 -1.98 -7.55
CA CYS A 64 4.40 -1.34 -8.82
C CYS A 64 5.65 -0.92 -9.58
N PRO A 65 6.28 -1.84 -10.31
CA PRO A 65 7.48 -1.56 -11.09
C PRO A 65 7.19 -0.80 -12.37
N LYS A 66 5.92 -0.48 -12.58
CA LYS A 66 5.49 0.25 -13.76
C LYS A 66 5.51 1.76 -13.51
N GLY A 67 4.50 2.25 -12.81
CA GLY A 67 4.42 3.67 -12.51
C GLY A 67 3.26 4.02 -11.60
N LYS A 68 3.10 5.30 -11.32
CA LYS A 68 2.02 5.77 -10.46
C LYS A 68 0.66 5.36 -11.00
N GLY A 69 -0.32 5.22 -10.11
CA GLY A 69 -1.65 4.83 -10.54
C GLY A 69 -1.63 3.76 -11.61
N PHE A 70 -1.56 2.50 -11.19
CA PHE A 70 -1.53 1.38 -12.12
C PHE A 70 -2.93 1.02 -12.60
N VAL A 71 -3.87 0.96 -11.67
CA VAL A 71 -5.25 0.61 -12.00
C VAL A 71 -6.09 1.87 -12.23
N PRO A 72 -6.03 2.82 -11.29
CA PRO A 72 -6.77 4.06 -11.35
C PRO A 72 -5.93 5.22 -11.87
N ALA A 73 -5.12 5.79 -10.98
CA ALA A 73 -4.27 6.91 -11.32
C ALA A 73 -3.64 7.53 -10.07
N GLY A 74 -3.33 6.67 -9.10
CA GLY A 74 -2.73 7.15 -7.86
C GLY A 74 -3.76 7.73 -6.92
N GLU A 75 -4.95 7.13 -6.90
CA GLU A 75 -6.03 7.60 -6.04
C GLU A 75 -6.52 6.48 -5.13
N SER A 1 8.71 -15.65 2.26
CA SER A 1 9.49 -15.28 3.47
C SER A 1 9.68 -13.78 3.56
N ALA A 2 10.43 -13.23 2.61
CA ALA A 2 10.70 -11.80 2.57
C ALA A 2 11.52 -11.42 1.35
N ASP A 3 10.95 -11.60 0.17
CA ASP A 3 11.64 -11.27 -1.08
C ASP A 3 10.64 -10.94 -2.18
N GLN A 4 9.57 -11.72 -2.25
CA GLN A 4 8.53 -11.51 -3.26
C GLN A 4 7.16 -11.37 -2.60
N PRO A 5 6.51 -10.20 -2.79
CA PRO A 5 5.18 -9.94 -2.22
C PRO A 5 4.17 -11.02 -2.58
N LYS A 6 3.54 -11.60 -1.56
CA LYS A 6 2.54 -12.65 -1.78
C LYS A 6 1.20 -12.04 -2.14
N GLU A 7 0.15 -12.86 -2.06
CA GLU A 7 -1.20 -12.41 -2.38
C GLU A 7 -1.94 -11.98 -1.12
N GLU A 8 -1.23 -11.27 -0.24
CA GLU A 8 -1.82 -10.80 1.00
C GLU A 8 -2.70 -9.58 0.76
N LYS A 9 -3.97 -9.68 1.13
CA LYS A 9 -4.91 -8.58 0.95
C LYS A 9 -5.34 -8.01 2.29
N LYS A 10 -5.10 -6.71 2.48
CA LYS A 10 -5.48 -6.04 3.71
C LYS A 10 -6.06 -4.67 3.41
N GLU A 11 -6.31 -3.89 4.46
CA GLU A 11 -6.87 -2.55 4.31
C GLU A 11 -5.78 -1.55 3.93
N CYS A 12 -5.90 -0.99 2.73
CA CYS A 12 -4.94 0.00 2.25
C CYS A 12 -4.95 1.20 3.18
N TYR A 13 -3.97 2.09 3.03
CA TYR A 13 -3.91 3.25 3.90
C TYR A 13 -3.42 4.49 3.17
N TYR A 14 -4.03 5.61 3.52
CA TYR A 14 -3.67 6.90 2.95
C TYR A 14 -3.84 7.98 4.00
N ASN A 15 -3.93 7.57 5.27
CA ASN A 15 -4.10 8.51 6.35
C ASN A 15 -3.37 8.07 7.63
N LEU A 16 -2.59 6.99 7.58
CA LEU A 16 -1.91 6.52 8.78
C LEU A 16 -0.61 7.25 9.01
N ASN A 17 0.52 6.54 9.04
CA ASN A 17 1.81 7.18 9.26
C ASN A 17 2.84 6.21 9.83
N ASP A 18 2.38 5.09 10.36
CA ASP A 18 3.29 4.10 10.93
C ASP A 18 2.52 2.97 11.61
N ALA A 19 2.92 1.74 11.33
CA ALA A 19 2.26 0.58 11.91
C ALA A 19 2.10 0.75 13.42
N SER A 20 1.02 1.43 13.81
CA SER A 20 0.72 1.67 15.22
C SER A 20 -0.15 2.91 15.37
N LEU A 21 0.49 4.06 15.58
CA LEU A 21 -0.24 5.33 15.70
C LEU A 21 -1.17 5.48 14.51
N CYS A 22 -0.74 4.86 13.42
CA CYS A 22 -1.44 4.87 12.15
C CYS A 22 -2.76 5.62 12.13
N ASP A 23 -2.80 6.72 11.40
CA ASP A 23 -4.05 7.45 11.26
C ASP A 23 -4.85 6.90 10.05
N ASN A 24 -6.17 7.05 10.09
CA ASN A 24 -7.00 6.51 9.01
C ASN A 24 -7.94 7.55 8.41
N VAL A 25 -8.73 7.10 7.44
CA VAL A 25 -9.69 7.95 6.75
C VAL A 25 -10.34 7.18 5.59
N LEU A 26 -9.56 6.29 4.99
CA LEU A 26 -10.02 5.45 3.88
C LEU A 26 -9.06 4.29 3.69
N ALA A 27 -9.53 3.08 3.99
CA ALA A 27 -8.68 1.89 3.87
C ALA A 27 -9.44 0.69 3.33
N PRO A 28 -9.53 0.58 1.99
CA PRO A 28 -10.20 -0.56 1.34
C PRO A 28 -9.36 -1.83 1.43
N ASN A 29 -10.00 -2.99 1.38
CA ASN A 29 -9.25 -4.24 1.47
C ASN A 29 -8.82 -4.74 0.10
N VAL A 30 -7.54 -4.58 -0.20
CA VAL A 30 -6.97 -5.00 -1.47
C VAL A 30 -5.60 -5.65 -1.26
N THR A 31 -4.88 -5.85 -2.36
CA THR A 31 -3.55 -6.43 -2.29
C THR A 31 -2.49 -5.34 -2.29
N LYS A 32 -1.57 -5.40 -1.34
CA LYS A 32 -0.51 -4.41 -1.21
C LYS A 32 -0.11 -3.86 -2.58
N GLN A 33 -0.01 -4.74 -3.56
CA GLN A 33 0.36 -4.32 -4.91
C GLN A 33 -0.56 -3.23 -5.41
N GLU A 34 -1.83 -3.57 -5.59
CA GLU A 34 -2.83 -2.61 -6.06
C GLU A 34 -2.86 -1.38 -5.17
N CYS A 35 -3.02 -1.60 -3.87
CA CYS A 35 -3.07 -0.51 -2.90
C CYS A 35 -1.88 0.44 -3.09
N CYS A 36 -0.73 0.02 -2.58
CA CYS A 36 0.48 0.84 -2.67
C CYS A 36 0.66 1.41 -4.07
N CYS A 37 0.60 0.56 -5.09
CA CYS A 37 0.76 1.01 -6.46
C CYS A 37 -0.23 2.14 -6.77
N THR A 38 -1.27 2.24 -5.97
CA THR A 38 -2.28 3.28 -6.15
C THR A 38 -1.82 4.57 -5.45
N SER A 39 -0.77 4.46 -4.64
CA SER A 39 -0.23 5.60 -3.93
C SER A 39 -1.16 6.02 -2.79
N GLY A 40 -0.59 6.20 -1.61
CA GLY A 40 -1.39 6.60 -0.47
C GLY A 40 -0.57 6.88 0.78
N ALA A 41 -0.38 5.85 1.60
CA ALA A 41 0.38 5.99 2.85
C ALA A 41 1.01 4.66 3.24
N GLY A 42 0.22 3.59 3.13
CA GLY A 42 0.69 2.26 3.50
C GLY A 42 -0.38 1.20 3.28
N TRP A 43 0.03 -0.06 3.36
CA TRP A 43 -0.89 -1.18 3.18
C TRP A 43 -0.78 -2.15 4.36
N GLY A 44 -1.92 -2.44 5.01
CA GLY A 44 -1.91 -3.35 6.13
C GLY A 44 -3.23 -3.41 6.89
N ASP A 45 -3.14 -3.84 8.15
CA ASP A 45 -4.32 -3.97 9.00
C ASP A 45 -4.25 -2.99 10.18
N ASN A 46 -5.15 -2.01 10.17
CA ASN A 46 -5.24 -0.99 11.21
C ASN A 46 -3.94 -0.84 11.99
N CYS A 47 -3.06 0.01 11.49
CA CYS A 47 -1.79 0.29 12.14
C CYS A 47 -0.82 -0.88 12.08
N GLU A 48 -1.18 -1.86 11.28
CA GLU A 48 -0.31 -2.99 11.04
C GLU A 48 0.08 -2.89 9.57
N ILE A 49 0.32 -1.63 9.18
CA ILE A 49 0.63 -1.25 7.82
C ILE A 49 2.10 -0.96 7.58
N PHE A 50 2.46 -0.91 6.30
CA PHE A 50 3.81 -0.60 5.88
C PHE A 50 3.79 0.66 5.03
N PRO A 51 4.56 1.69 5.42
CA PRO A 51 4.62 2.96 4.70
C PRO A 51 4.79 2.75 3.20
N CYS A 52 3.70 2.95 2.46
CA CYS A 52 3.74 2.78 1.01
C CYS A 52 2.73 3.67 0.29
N PRO A 53 3.08 4.01 -0.96
CA PRO A 53 4.34 3.58 -1.59
C PRO A 53 5.47 4.56 -1.31
N VAL A 54 6.59 4.35 -1.98
CA VAL A 54 7.75 5.21 -1.82
C VAL A 54 8.19 5.82 -3.15
N LEU A 55 7.59 5.33 -4.23
CA LEU A 55 7.90 5.81 -5.58
C LEU A 55 9.39 5.67 -5.88
N GLY A 56 9.69 5.15 -7.07
CA GLY A 56 11.07 4.97 -7.47
C GLY A 56 11.94 4.39 -6.37
N THR A 57 11.32 3.60 -5.51
CA THR A 57 12.05 2.97 -4.40
C THR A 57 11.78 1.47 -4.35
N ALA A 58 12.06 0.87 -3.20
CA ALA A 58 11.86 -0.56 -3.00
C ALA A 58 10.38 -0.91 -2.96
N GLU A 59 9.72 -0.60 -1.84
CA GLU A 59 8.31 -0.90 -1.67
C GLU A 59 7.55 -0.78 -3.00
N PHE A 60 7.28 0.45 -3.41
CA PHE A 60 6.55 0.70 -4.66
C PHE A 60 6.97 -0.29 -5.75
N THR A 61 8.20 -0.15 -6.23
CA THR A 61 8.71 -1.02 -7.28
C THR A 61 8.17 -2.44 -7.13
N GLU A 62 7.90 -2.86 -5.90
CA GLU A 62 7.38 -4.20 -5.64
C GLU A 62 5.88 -4.28 -5.86
N MET A 63 5.14 -3.33 -5.30
CA MET A 63 3.69 -3.31 -5.42
C MET A 63 3.23 -2.87 -6.81
N CYS A 64 3.84 -1.82 -7.33
CA CYS A 64 3.48 -1.30 -8.65
C CYS A 64 4.53 -1.66 -9.69
N PRO A 65 4.28 -2.72 -10.47
CA PRO A 65 5.19 -3.18 -11.51
C PRO A 65 5.13 -2.30 -12.76
N LYS A 66 4.18 -1.38 -12.78
CA LYS A 66 4.01 -0.47 -13.90
C LYS A 66 4.30 0.97 -13.50
N GLY A 67 3.33 1.61 -12.85
CA GLY A 67 3.49 2.98 -12.42
C GLY A 67 2.34 3.47 -11.57
N LYS A 68 2.55 4.60 -10.89
CA LYS A 68 1.52 5.18 -10.04
C LYS A 68 0.15 5.08 -10.69
N GLY A 69 -0.90 5.17 -9.87
CA GLY A 69 -2.25 5.09 -10.39
C GLY A 69 -2.41 3.99 -11.42
N PHE A 70 -2.69 2.78 -10.95
CA PHE A 70 -2.85 1.64 -11.84
C PHE A 70 -4.31 1.18 -11.91
N VAL A 71 -4.99 1.20 -10.77
CA VAL A 71 -6.38 0.80 -10.71
C VAL A 71 -7.33 1.99 -10.89
N PRO A 72 -7.06 3.07 -10.16
CA PRO A 72 -7.86 4.29 -10.21
C PRO A 72 -7.28 5.33 -11.15
N ALA A 73 -6.35 6.13 -10.64
CA ALA A 73 -5.70 7.17 -11.43
C ALA A 73 -4.68 7.94 -10.60
N GLY A 74 -4.04 7.25 -9.67
CA GLY A 74 -3.05 7.88 -8.82
C GLY A 74 -3.68 8.68 -7.68
N GLU A 75 -4.50 8.02 -6.88
CA GLU A 75 -5.17 8.67 -5.76
C GLU A 75 -4.95 7.88 -4.46
N SER A 1 10.42 -16.72 0.56
CA SER A 1 10.05 -16.78 -0.88
C SER A 1 10.04 -15.39 -1.51
N ALA A 2 10.41 -15.31 -2.78
CA ALA A 2 10.44 -14.04 -3.49
C ALA A 2 9.85 -14.19 -4.89
N ASP A 3 8.53 -14.06 -4.99
CA ASP A 3 7.84 -14.18 -6.27
C ASP A 3 7.01 -12.94 -6.56
N GLN A 4 5.88 -12.83 -5.88
CA GLN A 4 4.98 -11.70 -6.07
C GLN A 4 3.98 -11.59 -4.91
N PRO A 5 4.12 -10.57 -4.06
CA PRO A 5 3.24 -10.36 -2.91
C PRO A 5 1.79 -10.14 -3.35
N LYS A 6 1.18 -11.17 -3.93
CA LYS A 6 -0.19 -11.09 -4.38
C LYS A 6 -1.05 -12.17 -3.73
N GLU A 7 -0.76 -12.44 -2.46
CA GLU A 7 -1.51 -13.46 -1.72
C GLU A 7 -1.89 -12.94 -0.33
N GLU A 8 -1.96 -11.61 -0.20
CA GLU A 8 -2.30 -11.00 1.08
C GLU A 8 -3.11 -9.72 0.87
N LYS A 9 -4.41 -9.78 1.17
CA LYS A 9 -5.29 -8.63 1.03
C LYS A 9 -5.73 -8.11 2.40
N LYS A 10 -5.44 -6.85 2.66
CA LYS A 10 -5.79 -6.23 3.92
C LYS A 10 -6.43 -4.87 3.67
N GLU A 11 -6.47 -4.04 4.71
CA GLU A 11 -7.03 -2.71 4.58
C GLU A 11 -5.96 -1.74 4.13
N CYS A 12 -6.20 -1.03 3.04
CA CYS A 12 -5.24 -0.09 2.53
C CYS A 12 -5.32 1.19 3.34
N TYR A 13 -4.17 1.82 3.56
CA TYR A 13 -4.14 3.05 4.33
C TYR A 13 -3.80 4.24 3.44
N TYR A 14 -4.48 5.34 3.70
CA TYR A 14 -4.30 6.57 2.94
C TYR A 14 -4.15 7.76 3.91
N ASN A 15 -4.11 7.44 5.20
CA ASN A 15 -3.97 8.46 6.25
C ASN A 15 -3.31 7.84 7.48
N LEU A 16 -2.37 6.94 7.23
CA LEU A 16 -1.65 6.19 8.27
C LEU A 16 -0.53 7.03 8.84
N ASN A 17 0.63 6.42 9.07
CA ASN A 17 1.80 7.13 9.57
C ASN A 17 2.79 6.27 10.34
N ASP A 18 2.46 4.99 10.52
CA ASP A 18 3.34 4.05 11.22
C ASP A 18 2.52 2.94 11.84
N ALA A 19 2.91 1.69 11.57
CA ALA A 19 2.21 0.52 12.10
C ALA A 19 2.09 0.56 13.63
N SER A 20 1.31 1.52 14.12
CA SER A 20 1.08 1.70 15.55
C SER A 20 0.16 2.89 15.77
N LEU A 21 0.43 3.96 15.03
CA LEU A 21 -0.36 5.19 15.09
C LEU A 21 -1.12 5.36 13.78
N CYS A 22 -0.54 4.80 12.73
CA CYS A 22 -1.10 4.84 11.39
C CYS A 22 -2.61 5.08 11.34
N ASP A 23 -3.02 6.22 10.79
CA ASP A 23 -4.44 6.47 10.65
C ASP A 23 -4.95 6.06 9.26
N ASN A 24 -6.27 5.97 9.12
CA ASN A 24 -6.88 5.59 7.85
C ASN A 24 -8.09 6.45 7.55
N VAL A 25 -8.29 6.78 6.27
CA VAL A 25 -9.42 7.62 5.89
C VAL A 25 -9.46 7.90 4.39
N LEU A 26 -8.96 6.96 3.59
CA LEU A 26 -8.97 7.15 2.13
C LEU A 26 -8.40 5.94 1.39
N ALA A 27 -8.45 4.76 2.01
CA ALA A 27 -7.93 3.56 1.36
C ALA A 27 -8.79 2.34 1.66
N PRO A 28 -9.13 1.56 0.62
CA PRO A 28 -9.95 0.35 0.74
C PRO A 28 -9.11 -0.89 1.04
N ASN A 29 -9.77 -2.03 1.24
CA ASN A 29 -9.08 -3.27 1.52
C ASN A 29 -8.73 -3.99 0.23
N VAL A 30 -7.43 -4.13 -0.03
CA VAL A 30 -6.98 -4.79 -1.25
C VAL A 30 -5.63 -5.46 -1.03
N THR A 31 -4.94 -5.74 -2.13
CA THR A 31 -3.63 -6.37 -2.07
C THR A 31 -2.53 -5.32 -2.13
N LYS A 32 -1.62 -5.36 -1.16
CA LYS A 32 -0.51 -4.42 -1.09
C LYS A 32 -0.09 -3.93 -2.47
N GLN A 33 -0.14 -4.83 -3.45
CA GLN A 33 0.24 -4.50 -4.81
C GLN A 33 -0.66 -3.41 -5.38
N GLU A 34 -1.95 -3.65 -5.38
CA GLU A 34 -2.91 -2.68 -5.89
C GLU A 34 -2.93 -1.42 -5.02
N CYS A 35 -3.08 -1.61 -3.72
CA CYS A 35 -3.12 -0.49 -2.79
C CYS A 35 -1.86 0.36 -2.90
N CYS A 36 -0.77 -0.11 -2.31
CA CYS A 36 0.50 0.62 -2.33
C CYS A 36 0.76 1.21 -3.71
N CYS A 37 0.39 0.48 -4.75
CA CYS A 37 0.58 0.96 -6.12
C CYS A 37 -0.19 2.26 -6.33
N THR A 38 -1.47 2.23 -6.01
CA THR A 38 -2.32 3.40 -6.14
C THR A 38 -2.32 4.22 -4.86
N SER A 39 -2.90 3.62 -3.82
CA SER A 39 -3.02 4.23 -2.49
C SER A 39 -2.14 5.48 -2.34
N GLY A 40 -1.09 5.40 -1.52
CA GLY A 40 -0.23 6.55 -1.33
C GLY A 40 0.07 6.82 0.14
N ALA A 41 -0.01 5.78 0.95
CA ALA A 41 0.26 5.91 2.37
C ALA A 41 0.82 4.60 2.94
N GLY A 42 0.01 3.54 2.94
CA GLY A 42 0.46 2.25 3.45
C GLY A 42 -0.54 1.14 3.25
N TRP A 43 -0.15 -0.08 3.61
CA TRP A 43 -1.03 -1.24 3.49
C TRP A 43 -0.81 -2.22 4.64
N GLY A 44 -1.91 -2.63 5.27
CA GLY A 44 -1.82 -3.55 6.39
C GLY A 44 -3.15 -3.79 7.08
N ASP A 45 -3.09 -4.42 8.25
CA ASP A 45 -4.29 -4.70 9.03
C ASP A 45 -4.44 -3.65 10.11
N ASN A 46 -5.62 -3.03 10.20
CA ASN A 46 -5.82 -1.98 11.18
C ASN A 46 -4.60 -1.07 11.16
N CYS A 47 -4.07 -0.72 12.32
CA CYS A 47 -2.89 0.12 12.34
C CYS A 47 -1.61 -0.71 12.26
N GLU A 48 -1.64 -1.74 11.43
CA GLU A 48 -0.50 -2.61 11.20
C GLU A 48 -0.13 -2.50 9.74
N ILE A 49 0.22 -1.28 9.35
CA ILE A 49 0.54 -0.96 7.96
C ILE A 49 2.04 -0.82 7.71
N PHE A 50 2.37 -0.76 6.42
CA PHE A 50 3.73 -0.58 5.96
C PHE A 50 3.76 0.64 5.03
N PRO A 51 4.69 1.58 5.28
CA PRO A 51 4.81 2.81 4.48
C PRO A 51 4.95 2.54 2.99
N CYS A 52 3.87 2.72 2.24
CA CYS A 52 3.88 2.51 0.79
C CYS A 52 2.87 3.41 0.10
N PRO A 53 3.17 3.79 -1.15
CA PRO A 53 4.40 3.41 -1.83
C PRO A 53 5.52 4.43 -1.61
N VAL A 54 6.56 4.35 -2.44
CA VAL A 54 7.69 5.27 -2.34
C VAL A 54 7.93 5.98 -3.67
N LEU A 55 7.22 5.54 -4.71
CA LEU A 55 7.36 6.13 -6.05
C LEU A 55 8.80 6.08 -6.52
N GLY A 56 9.00 5.52 -7.72
CA GLY A 56 10.33 5.42 -8.27
C GLY A 56 11.37 5.02 -7.23
N THR A 57 10.99 4.09 -6.35
CA THR A 57 11.88 3.63 -5.31
C THR A 57 11.81 2.11 -5.17
N ALA A 58 12.28 1.61 -4.03
CA ALA A 58 12.27 0.18 -3.76
C ALA A 58 10.85 -0.35 -3.55
N GLU A 59 10.27 -0.02 -2.40
CA GLU A 59 8.93 -0.48 -2.07
C GLU A 59 8.03 -0.51 -3.30
N PHE A 60 7.54 0.66 -3.73
CA PHE A 60 6.66 0.73 -4.89
C PHE A 60 7.05 -0.30 -5.94
N THR A 61 8.20 -0.08 -6.58
CA THR A 61 8.69 -0.99 -7.60
C THR A 61 8.34 -2.43 -7.27
N GLU A 62 8.26 -2.74 -5.97
CA GLU A 62 7.93 -4.09 -5.53
C GLU A 62 6.44 -4.38 -5.70
N MET A 63 5.60 -3.57 -5.08
CA MET A 63 4.15 -3.74 -5.16
C MET A 63 3.64 -3.50 -6.58
N CYS A 64 4.12 -2.45 -7.22
CA CYS A 64 3.70 -2.10 -8.57
C CYS A 64 4.89 -2.02 -9.52
N PRO A 65 5.35 -3.18 -10.03
CA PRO A 65 6.48 -3.24 -10.95
C PRO A 65 6.13 -2.70 -12.34
N LYS A 66 4.87 -2.36 -12.53
CA LYS A 66 4.40 -1.84 -13.81
C LYS A 66 4.37 -0.31 -13.80
N GLY A 67 3.32 0.24 -13.21
CA GLY A 67 3.18 1.70 -13.14
C GLY A 67 2.27 2.13 -12.01
N LYS A 68 2.41 3.39 -11.61
CA LYS A 68 1.60 3.93 -10.53
C LYS A 68 0.25 4.44 -11.06
N GLY A 69 -0.82 3.72 -10.71
CA GLY A 69 -2.14 4.11 -11.16
C GLY A 69 -2.91 2.97 -11.79
N PHE A 70 -2.63 1.75 -11.35
CA PHE A 70 -3.31 0.56 -11.88
C PHE A 70 -4.52 0.21 -11.02
N VAL A 71 -4.96 1.18 -10.23
CA VAL A 71 -6.12 0.98 -9.35
C VAL A 71 -6.76 2.33 -9.00
N PRO A 72 -7.75 2.36 -8.09
CA PRO A 72 -8.42 3.61 -7.72
C PRO A 72 -7.66 4.39 -6.65
N ALA A 73 -8.05 5.64 -6.46
CA ALA A 73 -7.41 6.50 -5.47
C ALA A 73 -6.08 7.03 -5.98
N GLY A 74 -5.22 6.13 -6.45
CA GLY A 74 -3.93 6.52 -6.97
C GLY A 74 -3.99 6.90 -8.44
N GLU A 75 -4.92 6.31 -9.17
CA GLU A 75 -5.08 6.58 -10.59
C GLU A 75 -4.87 8.07 -10.88
N SER A 1 8.15 -9.27 3.53
CA SER A 1 8.42 -9.10 2.08
C SER A 1 9.92 -9.20 1.77
N ALA A 2 10.30 -10.28 1.09
CA ALA A 2 11.70 -10.50 0.74
C ALA A 2 11.91 -10.43 -0.77
N ASP A 3 10.91 -10.92 -1.51
CA ASP A 3 10.98 -10.91 -2.97
C ASP A 3 9.77 -10.20 -3.57
N GLN A 4 8.62 -10.88 -3.54
CA GLN A 4 7.39 -10.32 -4.07
C GLN A 4 6.23 -10.53 -3.11
N PRO A 5 5.45 -9.48 -2.84
CA PRO A 5 4.31 -9.55 -1.94
C PRO A 5 3.32 -10.64 -2.33
N LYS A 6 2.77 -11.33 -1.34
CA LYS A 6 1.82 -12.40 -1.59
C LYS A 6 0.43 -11.83 -1.88
N GLU A 7 -0.58 -12.69 -1.83
CA GLU A 7 -1.95 -12.27 -2.09
C GLU A 7 -2.57 -11.62 -0.87
N GLU A 8 -1.82 -11.58 0.23
CA GLU A 8 -2.30 -10.97 1.46
C GLU A 8 -3.10 -9.70 1.18
N LYS A 9 -4.39 -9.75 1.50
CA LYS A 9 -5.25 -8.60 1.28
C LYS A 9 -5.67 -7.96 2.60
N LYS A 10 -5.40 -6.67 2.73
CA LYS A 10 -5.75 -5.94 3.95
C LYS A 10 -6.34 -4.58 3.59
N GLU A 11 -6.59 -3.77 4.61
CA GLU A 11 -7.15 -2.44 4.39
C GLU A 11 -6.05 -1.43 4.08
N CYS A 12 -6.10 -0.86 2.89
CA CYS A 12 -5.10 0.12 2.48
C CYS A 12 -5.09 1.28 3.47
N TYR A 13 -4.03 2.09 3.44
CA TYR A 13 -3.94 3.22 4.35
C TYR A 13 -3.28 4.43 3.69
N TYR A 14 -4.09 5.41 3.34
CA TYR A 14 -3.57 6.63 2.74
C TYR A 14 -3.49 7.74 3.78
N ASN A 15 -3.68 7.36 5.04
CA ASN A 15 -3.65 8.30 6.16
C ASN A 15 -2.96 7.67 7.38
N LEU A 16 -2.21 6.60 7.13
CA LEU A 16 -1.52 5.82 8.17
C LEU A 16 -0.25 6.52 8.58
N ASN A 17 0.77 5.75 8.94
CA ASN A 17 2.06 6.29 9.33
C ASN A 17 2.75 5.40 10.35
N ASP A 18 3.00 4.17 9.93
CA ASP A 18 3.68 3.18 10.77
C ASP A 18 2.69 2.39 11.60
N ALA A 19 2.84 1.07 11.61
CA ALA A 19 1.96 0.19 12.36
C ALA A 19 2.05 0.43 13.86
N SER A 20 1.79 1.67 14.28
CA SER A 20 1.84 2.02 15.70
C SER A 20 1.46 3.48 15.91
N LEU A 21 0.57 3.96 15.05
CA LEU A 21 0.08 5.34 15.07
C LEU A 21 -0.73 5.59 13.79
N CYS A 22 -0.28 4.93 12.74
CA CYS A 22 -0.91 4.99 11.42
C CYS A 22 -2.37 5.40 11.43
N ASP A 23 -2.71 6.47 10.70
CA ASP A 23 -4.10 6.88 10.63
C ASP A 23 -4.75 6.39 9.31
N ASN A 24 -6.07 6.57 9.21
CA ASN A 24 -6.80 6.15 8.02
C ASN A 24 -7.82 7.22 7.61
N VAL A 25 -8.58 6.93 6.56
CA VAL A 25 -9.59 7.88 6.09
C VAL A 25 -10.32 7.35 4.86
N LEU A 26 -9.58 6.74 3.96
CA LEU A 26 -10.16 6.20 2.73
C LEU A 26 -9.28 5.11 2.13
N ALA A 27 -9.64 3.86 2.40
CA ALA A 27 -8.88 2.74 1.88
C ALA A 27 -9.65 1.43 2.00
N PRO A 28 -9.76 0.68 0.89
CA PRO A 28 -10.47 -0.59 0.85
C PRO A 28 -9.58 -1.76 1.25
N ASN A 29 -10.18 -2.95 1.34
CA ASN A 29 -9.42 -4.14 1.69
C ASN A 29 -8.88 -4.81 0.43
N VAL A 30 -7.64 -4.47 0.09
CA VAL A 30 -7.01 -5.02 -1.11
C VAL A 30 -5.62 -5.55 -0.82
N THR A 31 -4.91 -5.94 -1.87
CA THR A 31 -3.56 -6.46 -1.75
C THR A 31 -2.55 -5.32 -1.85
N LYS A 32 -1.66 -5.24 -0.87
CA LYS A 32 -0.64 -4.19 -0.83
C LYS A 32 -0.25 -3.73 -2.23
N GLN A 33 -0.05 -4.70 -3.12
CA GLN A 33 0.34 -4.42 -4.49
C GLN A 33 -0.58 -3.39 -5.15
N GLU A 34 -1.89 -3.57 -4.98
CA GLU A 34 -2.87 -2.66 -5.58
C GLU A 34 -2.94 -1.34 -4.81
N CYS A 35 -3.18 -1.43 -3.51
CA CYS A 35 -3.30 -0.24 -2.66
C CYS A 35 -2.21 0.78 -2.97
N CYS A 36 -0.95 0.36 -2.93
CA CYS A 36 0.16 1.26 -3.19
C CYS A 36 0.30 1.58 -4.68
N CYS A 37 0.09 0.58 -5.53
CA CYS A 37 0.18 0.81 -6.97
C CYS A 37 -0.68 2.00 -7.37
N THR A 38 -1.68 2.30 -6.53
CA THR A 38 -2.58 3.42 -6.79
C THR A 38 -2.06 4.70 -6.15
N SER A 39 -0.92 4.60 -5.47
CA SER A 39 -0.31 5.73 -4.79
C SER A 39 -0.84 5.85 -3.37
N GLY A 40 -0.33 5.00 -2.49
CA GLY A 40 -0.77 4.99 -1.12
C GLY A 40 0.27 5.53 -0.14
N ALA A 41 0.29 4.95 1.04
CA ALA A 41 1.21 5.34 2.10
C ALA A 41 1.51 4.16 3.01
N GLY A 42 0.50 3.30 3.21
CA GLY A 42 0.66 2.12 4.05
C GLY A 42 -0.45 1.12 3.84
N TRP A 43 -0.13 -0.16 4.05
CA TRP A 43 -1.11 -1.22 3.86
C TRP A 43 -1.08 -2.21 5.03
N GLY A 44 -2.25 -2.48 5.61
CA GLY A 44 -2.33 -3.40 6.72
C GLY A 44 -3.71 -3.44 7.36
N ASP A 45 -3.77 -3.99 8.57
CA ASP A 45 -5.04 -4.09 9.30
C ASP A 45 -5.07 -3.02 10.40
N ASN A 46 -6.19 -2.31 10.53
CA ASN A 46 -6.29 -1.25 11.52
C ASN A 46 -5.00 -0.46 11.50
N CYS A 47 -4.40 -0.17 12.65
CA CYS A 47 -3.15 0.56 12.64
C CYS A 47 -1.96 -0.41 12.63
N GLU A 48 -2.10 -1.44 11.80
CA GLU A 48 -1.04 -2.43 11.63
C GLU A 48 -0.64 -2.38 10.17
N ILE A 49 -0.14 -1.23 9.77
CA ILE A 49 0.23 -0.96 8.40
C ILE A 49 1.74 -0.91 8.18
N PHE A 50 2.12 -0.97 6.90
CA PHE A 50 3.53 -0.90 6.49
C PHE A 50 3.71 0.20 5.45
N PRO A 51 4.67 1.11 5.70
CA PRO A 51 4.95 2.23 4.77
C PRO A 51 4.98 1.77 3.32
N CYS A 52 3.85 1.94 2.64
CA CYS A 52 3.73 1.55 1.24
C CYS A 52 2.72 2.42 0.50
N PRO A 53 3.11 2.94 -0.69
CA PRO A 53 4.41 2.71 -1.30
C PRO A 53 5.42 3.81 -0.94
N VAL A 54 6.52 3.83 -1.67
CA VAL A 54 7.57 4.83 -1.46
C VAL A 54 7.80 5.66 -2.72
N LEU A 55 7.24 5.21 -3.84
CA LEU A 55 7.38 5.90 -5.11
C LEU A 55 8.84 6.09 -5.49
N GLY A 56 9.15 5.78 -6.74
CA GLY A 56 10.53 5.93 -7.21
C GLY A 56 11.54 5.34 -6.24
N THR A 57 11.11 4.35 -5.47
CA THR A 57 11.97 3.70 -4.50
C THR A 57 11.98 2.19 -4.69
N ALA A 58 12.38 1.48 -3.64
CA ALA A 58 12.44 0.02 -3.67
C ALA A 58 11.03 -0.59 -3.64
N GLU A 59 10.37 -0.50 -2.49
CA GLU A 59 9.03 -1.06 -2.35
C GLU A 59 8.22 -0.88 -3.62
N PHE A 60 7.61 0.31 -3.76
CA PHE A 60 6.78 0.61 -4.93
C PHE A 60 7.30 -0.04 -6.21
N THR A 61 8.46 0.41 -6.68
CA THR A 61 9.02 -0.13 -7.91
C THR A 61 8.84 -1.65 -7.98
N GLU A 62 9.00 -2.32 -6.84
CA GLU A 62 8.83 -3.77 -6.77
C GLU A 62 7.35 -4.11 -6.67
N MET A 63 6.59 -3.20 -6.07
CA MET A 63 5.16 -3.36 -5.88
C MET A 63 4.40 -3.08 -7.17
N CYS A 64 4.39 -1.81 -7.57
CA CYS A 64 3.69 -1.39 -8.78
C CYS A 64 4.67 -0.96 -9.87
N PRO A 65 5.06 -1.89 -10.73
CA PRO A 65 6.00 -1.62 -11.83
C PRO A 65 5.33 -0.89 -12.99
N LYS A 66 4.06 -0.54 -12.81
CA LYS A 66 3.29 0.15 -13.84
C LYS A 66 3.33 1.67 -13.62
N GLY A 67 2.55 2.15 -12.66
CA GLY A 67 2.50 3.57 -12.37
C GLY A 67 1.52 3.92 -11.28
N LYS A 68 1.17 5.20 -11.19
CA LYS A 68 0.22 5.68 -10.18
C LYS A 68 -1.22 5.45 -10.63
N GLY A 69 -2.08 5.14 -9.67
CA GLY A 69 -3.48 4.90 -9.97
C GLY A 69 -3.67 4.06 -11.22
N PHE A 70 -3.67 2.75 -11.04
CA PHE A 70 -3.84 1.83 -12.16
C PHE A 70 -5.08 0.96 -12.00
N VAL A 71 -5.56 0.84 -10.77
CA VAL A 71 -6.74 0.04 -10.49
C VAL A 71 -8.01 0.88 -10.50
N PRO A 72 -7.99 2.02 -9.79
CA PRO A 72 -9.12 2.93 -9.69
C PRO A 72 -9.02 4.09 -10.68
N ALA A 73 -8.29 5.13 -10.29
CA ALA A 73 -8.12 6.31 -11.13
C ALA A 73 -7.35 7.40 -10.38
N GLY A 74 -6.31 7.00 -9.67
CA GLY A 74 -5.51 7.95 -8.92
C GLY A 74 -6.25 8.48 -7.70
N GLU A 75 -6.91 7.59 -6.98
CA GLU A 75 -7.66 7.97 -5.79
C GLU A 75 -6.86 7.66 -4.52
N SER A 1 10.63 -15.80 3.70
CA SER A 1 11.56 -14.73 4.14
C SER A 1 10.87 -13.37 4.15
N ALA A 2 11.66 -12.31 4.29
CA ALA A 2 11.12 -10.96 4.32
C ALA A 2 11.59 -10.16 3.12
N ASP A 3 12.71 -10.57 2.55
CA ASP A 3 13.27 -9.88 1.38
C ASP A 3 12.18 -9.52 0.38
N GLN A 4 11.20 -10.40 0.24
CA GLN A 4 10.09 -10.17 -0.68
C GLN A 4 8.79 -9.93 0.08
N PRO A 5 7.85 -9.20 -0.53
CA PRO A 5 6.55 -8.90 0.08
C PRO A 5 5.83 -10.16 0.55
N LYS A 6 4.52 -10.04 0.75
CA LYS A 6 3.71 -11.17 1.18
C LYS A 6 2.29 -11.08 0.64
N GLU A 7 2.06 -11.74 -0.50
CA GLU A 7 0.75 -11.73 -1.13
C GLU A 7 -0.37 -11.86 -0.09
N GLU A 8 -1.24 -10.86 -0.05
CA GLU A 8 -2.35 -10.86 0.90
C GLU A 8 -3.23 -9.64 0.69
N LYS A 9 -4.46 -9.70 1.20
CA LYS A 9 -5.40 -8.59 1.07
C LYS A 9 -5.84 -8.09 2.44
N LYS A 10 -5.43 -6.86 2.77
CA LYS A 10 -5.77 -6.23 4.03
C LYS A 10 -6.42 -4.88 3.79
N GLU A 11 -6.61 -4.12 4.85
CA GLU A 11 -7.19 -2.80 4.71
C GLU A 11 -6.11 -1.84 4.23
N CYS A 12 -6.32 -1.23 3.08
CA CYS A 12 -5.34 -0.32 2.54
C CYS A 12 -5.25 0.92 3.41
N TYR A 13 -4.16 1.63 3.29
CA TYR A 13 -3.96 2.83 4.07
C TYR A 13 -3.77 4.05 3.19
N TYR A 14 -4.47 5.11 3.54
CA TYR A 14 -4.44 6.35 2.78
C TYR A 14 -4.59 7.57 3.69
N ASN A 15 -4.46 7.35 5.01
CA ASN A 15 -4.59 8.45 5.96
C ASN A 15 -3.89 8.13 7.29
N LEU A 16 -3.01 7.13 7.28
CA LEU A 16 -2.33 6.69 8.49
C LEU A 16 -1.05 7.47 8.77
N ASN A 17 0.11 6.84 8.58
CA ASN A 17 1.39 7.49 8.79
C ASN A 17 2.52 6.52 9.17
N ASP A 18 2.21 5.46 9.90
CA ASP A 18 3.25 4.52 10.30
C ASP A 18 2.69 3.34 11.11
N ALA A 19 3.14 2.12 10.75
CA ALA A 19 2.69 0.89 11.41
C ALA A 19 2.87 0.92 12.93
N SER A 20 2.16 1.83 13.59
CA SER A 20 2.21 1.96 15.04
C SER A 20 1.25 3.06 15.48
N LEU A 21 1.28 4.14 14.72
CA LEU A 21 0.42 5.31 14.94
C LEU A 21 -0.57 5.39 13.77
N CYS A 22 -0.11 4.87 12.65
CA CYS A 22 -0.84 4.83 11.40
C CYS A 22 -2.34 4.94 11.52
N ASP A 23 -2.89 6.07 11.06
CA ASP A 23 -4.33 6.26 11.06
C ASP A 23 -4.98 5.72 9.76
N ASN A 24 -5.84 4.72 9.91
CA ASN A 24 -6.52 4.11 8.77
C ASN A 24 -7.46 5.09 8.06
N VAL A 25 -8.28 4.57 7.16
CA VAL A 25 -9.23 5.39 6.42
C VAL A 25 -8.65 5.89 5.11
N LEU A 26 -9.52 6.36 4.21
CA LEU A 26 -9.08 6.88 2.91
C LEU A 26 -8.56 5.77 2.01
N ALA A 27 -8.74 4.51 2.41
CA ALA A 27 -8.28 3.39 1.60
C ALA A 27 -9.16 2.16 1.81
N PRO A 28 -9.36 1.37 0.73
CA PRO A 28 -10.18 0.15 0.76
C PRO A 28 -9.37 -1.08 1.11
N ASN A 29 -10.03 -2.23 1.24
CA ASN A 29 -9.35 -3.48 1.55
C ASN A 29 -8.89 -4.17 0.27
N VAL A 30 -7.59 -4.25 0.10
CA VAL A 30 -7.02 -4.88 -1.09
C VAL A 30 -5.67 -5.50 -0.76
N THR A 31 -4.86 -5.69 -1.78
CA THR A 31 -3.53 -6.25 -1.59
C THR A 31 -2.54 -5.12 -1.33
N LYS A 32 -1.26 -5.43 -1.36
CA LYS A 32 -0.24 -4.41 -1.12
C LYS A 32 0.14 -3.69 -2.40
N GLN A 33 0.25 -4.44 -3.49
CA GLN A 33 0.61 -3.86 -4.79
C GLN A 33 -0.48 -2.90 -5.28
N GLU A 34 -1.72 -3.34 -5.21
CA GLU A 34 -2.85 -2.53 -5.67
C GLU A 34 -2.99 -1.29 -4.79
N CYS A 35 -3.05 -1.49 -3.48
CA CYS A 35 -3.21 -0.39 -2.55
C CYS A 35 -2.09 0.64 -2.67
N CYS A 36 -0.90 0.25 -2.24
CA CYS A 36 0.26 1.16 -2.28
C CYS A 36 0.30 1.94 -3.59
N CYS A 37 0.12 1.24 -4.71
CA CYS A 37 0.13 1.88 -6.02
C CYS A 37 -1.19 2.56 -6.34
N THR A 38 -2.19 2.33 -5.48
CA THR A 38 -3.51 2.91 -5.66
C THR A 38 -3.61 4.27 -4.96
N SER A 39 -2.66 4.52 -4.07
CA SER A 39 -2.63 5.77 -3.32
C SER A 39 -1.21 6.11 -2.87
N GLY A 40 -1.06 6.54 -1.62
CA GLY A 40 0.25 6.89 -1.11
C GLY A 40 0.27 6.94 0.42
N ALA A 41 0.23 5.77 1.03
CA ALA A 41 0.23 5.67 2.48
C ALA A 41 0.88 4.37 2.95
N GLY A 42 0.09 3.30 2.97
CA GLY A 42 0.59 2.00 3.39
C GLY A 42 -0.43 0.91 3.19
N TRP A 43 -0.05 -0.34 3.46
CA TRP A 43 -0.98 -1.46 3.31
C TRP A 43 -0.88 -2.41 4.50
N GLY A 44 -2.00 -2.64 5.18
CA GLY A 44 -1.99 -3.53 6.32
C GLY A 44 -3.33 -3.62 7.03
N ASP A 45 -3.27 -3.92 8.32
CA ASP A 45 -4.47 -4.05 9.15
C ASP A 45 -4.55 -2.94 10.18
N ASN A 46 -5.45 -3.06 11.17
CA ASN A 46 -5.59 -2.04 12.21
C ASN A 46 -4.22 -1.46 12.54
N CYS A 47 -4.02 -0.23 12.13
CA CYS A 47 -2.74 0.46 12.31
C CYS A 47 -1.59 -0.52 12.46
N GLU A 48 -1.43 -1.33 11.42
CA GLU A 48 -0.38 -2.33 11.34
C GLU A 48 -0.07 -2.47 9.86
N ILE A 49 0.26 -1.33 9.26
CA ILE A 49 0.52 -1.24 7.84
C ILE A 49 1.99 -1.01 7.53
N PHE A 50 2.34 -1.22 6.26
CA PHE A 50 3.69 -1.01 5.78
C PHE A 50 3.72 0.20 4.86
N PRO A 51 4.30 1.31 5.33
CA PRO A 51 4.37 2.56 4.56
C PRO A 51 4.79 2.34 3.11
N CYS A 52 3.85 2.58 2.19
CA CYS A 52 4.12 2.42 0.77
C CYS A 52 3.28 3.39 -0.05
N PRO A 53 3.78 3.75 -1.24
CA PRO A 53 5.06 3.30 -1.76
C PRO A 53 6.21 4.21 -1.33
N VAL A 54 7.37 4.00 -1.95
CA VAL A 54 8.55 4.81 -1.65
C VAL A 54 9.02 5.58 -2.87
N LEU A 55 8.30 5.40 -3.99
CA LEU A 55 8.63 6.08 -5.23
C LEU A 55 10.06 5.76 -5.66
N GLY A 56 10.20 5.24 -6.88
CA GLY A 56 11.51 4.90 -7.39
C GLY A 56 12.39 4.26 -6.34
N THR A 57 11.80 3.39 -5.53
CA THR A 57 12.53 2.70 -4.48
C THR A 57 12.11 1.25 -4.35
N ALA A 58 12.88 0.48 -3.61
CA ALA A 58 12.60 -0.94 -3.40
C ALA A 58 11.10 -1.22 -3.38
N GLU A 59 10.46 -0.94 -2.25
CA GLU A 59 9.04 -1.18 -2.09
C GLU A 59 8.28 -0.95 -3.40
N PHE A 60 7.99 0.30 -3.70
CA PHE A 60 7.27 0.65 -4.92
C PHE A 60 7.69 -0.23 -6.10
N THR A 61 8.84 0.07 -6.69
CA THR A 61 9.33 -0.68 -7.83
C THR A 61 8.98 -2.17 -7.72
N GLU A 62 8.89 -2.68 -6.48
CA GLU A 62 8.56 -4.08 -6.26
C GLU A 62 7.05 -4.32 -6.27
N MET A 63 6.30 -3.36 -5.74
CA MET A 63 4.85 -3.47 -5.67
C MET A 63 4.18 -3.05 -6.98
N CYS A 64 4.64 -1.95 -7.56
CA CYS A 64 4.08 -1.46 -8.81
C CYS A 64 5.17 -1.30 -9.88
N PRO A 65 5.36 -2.33 -10.70
CA PRO A 65 6.37 -2.32 -11.77
C PRO A 65 5.95 -1.44 -12.94
N LYS A 66 4.73 -0.89 -12.86
CA LYS A 66 4.22 -0.02 -13.92
C LYS A 66 4.48 1.44 -13.60
N GLY A 67 3.61 2.03 -12.78
CA GLY A 67 3.78 3.43 -12.41
C GLY A 67 3.06 3.78 -11.13
N LYS A 68 2.84 5.07 -10.90
CA LYS A 68 2.16 5.53 -9.69
C LYS A 68 0.67 5.73 -9.95
N GLY A 69 -0.14 5.55 -8.91
CA GLY A 69 -1.57 5.71 -9.04
C GLY A 69 -2.12 4.97 -10.24
N PHE A 70 -2.10 3.65 -10.17
CA PHE A 70 -2.61 2.81 -11.26
C PHE A 70 -4.13 2.74 -11.21
N VAL A 71 -4.69 2.86 -10.02
CA VAL A 71 -6.14 2.81 -9.84
C VAL A 71 -6.55 3.37 -8.48
N PRO A 72 -6.37 4.68 -8.27
CA PRO A 72 -6.71 5.35 -7.02
C PRO A 72 -8.21 5.63 -6.90
N ALA A 73 -9.02 4.64 -7.25
CA ALA A 73 -10.46 4.80 -7.19
C ALA A 73 -11.05 3.95 -6.05
N GLY A 74 -10.24 3.72 -5.02
CA GLY A 74 -10.70 2.94 -3.89
C GLY A 74 -11.03 1.51 -4.28
N GLU A 75 -10.47 1.07 -5.40
CA GLU A 75 -10.70 -0.29 -5.89
C GLU A 75 -9.95 -1.30 -5.04
N SER A 1 15.91 -9.60 -6.67
CA SER A 1 14.66 -9.60 -5.85
C SER A 1 13.69 -10.69 -6.33
N ALA A 2 13.72 -11.83 -5.65
CA ALA A 2 12.84 -12.94 -6.00
C ALA A 2 11.58 -12.94 -5.16
N ASP A 3 11.09 -11.75 -4.83
CA ASP A 3 9.89 -11.61 -4.01
C ASP A 3 8.64 -11.94 -4.82
N GLN A 4 7.50 -12.03 -4.14
CA GLN A 4 6.24 -12.35 -4.79
C GLN A 4 5.14 -12.59 -3.76
N PRO A 5 4.46 -11.52 -3.32
CA PRO A 5 3.39 -11.61 -2.33
C PRO A 5 2.31 -12.61 -2.75
N LYS A 6 1.42 -12.93 -1.82
CA LYS A 6 0.34 -13.88 -2.09
C LYS A 6 -1.02 -13.19 -1.99
N GLU A 7 -2.07 -14.00 -1.91
CA GLU A 7 -3.43 -13.46 -1.81
C GLU A 7 -3.66 -12.85 -0.44
N GLU A 8 -2.85 -11.86 -0.09
CA GLU A 8 -2.96 -11.18 1.20
C GLU A 8 -3.67 -9.83 1.03
N LYS A 9 -4.95 -9.79 1.39
CA LYS A 9 -5.73 -8.56 1.28
C LYS A 9 -6.01 -7.97 2.66
N LYS A 10 -5.67 -6.70 2.82
CA LYS A 10 -5.89 -5.99 4.07
C LYS A 10 -6.42 -4.59 3.77
N GLU A 11 -6.75 -3.85 4.81
CA GLU A 11 -7.26 -2.51 4.62
C GLU A 11 -6.12 -1.57 4.23
N CYS A 12 -6.22 -0.98 3.05
CA CYS A 12 -5.19 -0.07 2.60
C CYS A 12 -5.11 1.12 3.55
N TYR A 13 -4.04 1.89 3.43
CA TYR A 13 -3.87 3.04 4.30
C TYR A 13 -3.52 4.29 3.50
N TYR A 14 -4.12 5.39 3.91
CA TYR A 14 -3.89 6.68 3.26
C TYR A 14 -3.63 7.75 4.32
N ASN A 15 -4.41 7.71 5.40
CA ASN A 15 -4.26 8.64 6.51
C ASN A 15 -3.57 7.93 7.68
N LEU A 16 -2.66 7.04 7.32
CA LEU A 16 -1.92 6.18 8.24
C LEU A 16 -0.71 6.90 8.83
N ASN A 17 0.41 6.17 8.97
CA ASN A 17 1.65 6.73 9.49
C ASN A 17 2.43 5.72 10.34
N ASP A 18 2.96 4.69 9.69
CA ASP A 18 3.74 3.69 10.38
C ASP A 18 2.86 2.72 11.17
N ALA A 19 2.95 1.43 10.83
CA ALA A 19 2.16 0.39 11.49
C ALA A 19 2.30 0.43 13.02
N SER A 20 1.74 1.46 13.64
CA SER A 20 1.79 1.61 15.10
C SER A 20 0.87 2.74 15.57
N LEU A 21 1.02 3.87 14.92
CA LEU A 21 0.23 5.07 15.22
C LEU A 21 -0.71 5.35 14.06
N CYS A 22 -0.19 5.06 12.88
CA CYS A 22 -0.88 5.23 11.61
C CYS A 22 -2.39 5.20 11.70
N ASP A 23 -3.02 6.12 10.97
CA ASP A 23 -4.48 6.17 10.89
C ASP A 23 -4.98 5.58 9.55
N ASN A 24 -6.06 4.80 9.65
CA ASN A 24 -6.65 4.17 8.47
C ASN A 24 -7.50 5.17 7.70
N VAL A 25 -8.52 4.66 7.01
CA VAL A 25 -9.41 5.52 6.22
C VAL A 25 -8.68 6.07 5.00
N LEU A 26 -9.45 6.61 4.04
CA LEU A 26 -8.88 7.17 2.84
C LEU A 26 -8.27 6.09 1.94
N ALA A 27 -8.40 4.82 2.36
CA ALA A 27 -7.85 3.72 1.60
C ALA A 27 -8.74 2.48 1.68
N PRO A 28 -8.95 1.79 0.54
CA PRO A 28 -9.77 0.59 0.47
C PRO A 28 -9.02 -0.67 0.87
N ASN A 29 -9.74 -1.76 1.12
CA ASN A 29 -9.11 -3.02 1.50
C ASN A 29 -8.77 -3.86 0.29
N VAL A 30 -7.47 -4.04 0.04
CA VAL A 30 -7.01 -4.83 -1.09
C VAL A 30 -5.67 -5.49 -0.80
N THR A 31 -4.88 -5.71 -1.84
CA THR A 31 -3.57 -6.34 -1.68
C THR A 31 -2.46 -5.28 -1.70
N LYS A 32 -1.44 -5.49 -0.88
CA LYS A 32 -0.32 -4.56 -0.80
C LYS A 32 0.08 -4.03 -2.16
N GLN A 33 0.05 -4.89 -3.17
CA GLN A 33 0.42 -4.48 -4.52
C GLN A 33 -0.59 -3.49 -5.09
N GLU A 34 -1.86 -3.84 -5.00
CA GLU A 34 -2.92 -2.98 -5.50
C GLU A 34 -3.01 -1.69 -4.68
N CYS A 35 -3.07 -1.84 -3.37
CA CYS A 35 -3.15 -0.71 -2.46
C CYS A 35 -1.95 0.22 -2.62
N CYS A 36 -0.81 -0.22 -2.12
CA CYS A 36 0.42 0.57 -2.20
C CYS A 36 0.53 1.30 -3.54
N CYS A 37 0.34 0.56 -4.63
CA CYS A 37 0.42 1.13 -5.96
C CYS A 37 -0.81 1.99 -6.28
N THR A 38 -1.91 1.72 -5.59
CA THR A 38 -3.14 2.47 -5.80
C THR A 38 -3.21 3.68 -4.89
N SER A 39 -3.16 3.42 -3.59
CA SER A 39 -3.23 4.47 -2.59
C SER A 39 -1.93 5.28 -2.55
N GLY A 40 -1.43 5.56 -1.35
CA GLY A 40 -0.20 6.33 -1.23
C GLY A 40 0.21 6.58 0.20
N ALA A 41 0.11 5.56 1.05
CA ALA A 41 0.49 5.69 2.45
C ALA A 41 0.99 4.37 3.03
N GLY A 42 0.20 3.31 2.86
CA GLY A 42 0.57 2.02 3.40
C GLY A 42 -0.53 1.00 3.27
N TRP A 43 -0.19 -0.26 3.51
CA TRP A 43 -1.16 -1.36 3.42
C TRP A 43 -1.09 -2.25 4.66
N GLY A 44 -2.25 -2.57 5.22
CA GLY A 44 -2.29 -3.42 6.40
C GLY A 44 -3.63 -3.44 7.08
N ASP A 45 -3.61 -3.70 8.38
CA ASP A 45 -4.83 -3.77 9.20
C ASP A 45 -4.67 -3.02 10.51
N ASN A 46 -5.75 -2.38 10.97
CA ASN A 46 -5.72 -1.63 12.23
C ASN A 46 -4.33 -1.05 12.49
N CYS A 47 -4.04 0.04 11.81
CA CYS A 47 -2.74 0.70 11.93
C CYS A 47 -1.59 -0.29 11.97
N GLU A 48 -1.78 -1.43 11.33
CA GLU A 48 -0.73 -2.44 11.21
C GLU A 48 -0.38 -2.50 9.74
N ILE A 49 -0.09 -1.31 9.23
CA ILE A 49 0.22 -1.11 7.83
C ILE A 49 1.71 -1.02 7.55
N PHE A 50 2.07 -1.23 6.27
CA PHE A 50 3.46 -1.13 5.81
C PHE A 50 3.60 0.08 4.91
N PRO A 51 4.29 1.13 5.39
CA PRO A 51 4.48 2.38 4.64
C PRO A 51 4.79 2.17 3.16
N CYS A 52 3.78 2.38 2.33
CA CYS A 52 3.92 2.23 0.88
C CYS A 52 2.96 3.14 0.13
N PRO A 53 3.37 3.59 -1.07
CA PRO A 53 4.65 3.25 -1.67
C PRO A 53 5.74 4.26 -1.30
N VAL A 54 6.84 4.22 -2.03
CA VAL A 54 7.94 5.14 -1.78
C VAL A 54 8.23 6.01 -2.99
N LEU A 55 7.53 5.72 -4.10
CA LEU A 55 7.71 6.47 -5.33
C LEU A 55 9.15 6.43 -5.82
N GLY A 56 9.33 5.99 -7.06
CA GLY A 56 10.67 5.91 -7.63
C GLY A 56 11.69 5.40 -6.64
N THR A 57 11.31 4.39 -5.85
CA THR A 57 12.21 3.81 -4.87
C THR A 57 12.20 2.28 -4.94
N ALA A 58 12.58 1.64 -3.84
CA ALA A 58 12.62 0.19 -3.77
C ALA A 58 11.24 -0.42 -3.72
N GLU A 59 10.51 -0.17 -2.63
CA GLU A 59 9.17 -0.72 -2.45
C GLU A 59 8.34 -0.60 -3.74
N PHE A 60 7.78 0.57 -3.98
CA PHE A 60 6.94 0.80 -5.17
C PHE A 60 7.43 -0.02 -6.36
N THR A 61 8.48 0.46 -7.02
CA THR A 61 9.03 -0.22 -8.19
C THR A 61 8.97 -1.74 -8.04
N GLU A 62 9.03 -2.23 -6.82
CA GLU A 62 8.99 -3.67 -6.56
C GLU A 62 7.57 -4.20 -6.56
N MET A 63 6.62 -3.38 -6.11
CA MET A 63 5.22 -3.78 -6.04
C MET A 63 4.49 -3.46 -7.34
N CYS A 64 4.79 -2.31 -7.93
CA CYS A 64 4.13 -1.91 -9.18
C CYS A 64 5.17 -1.60 -10.26
N PRO A 65 5.25 -2.46 -11.28
CA PRO A 65 6.19 -2.30 -12.39
C PRO A 65 5.72 -1.23 -13.38
N LYS A 66 4.41 -1.14 -13.57
CA LYS A 66 3.83 -0.17 -14.49
C LYS A 66 4.10 1.26 -14.02
N GLY A 67 3.39 1.69 -13.00
CA GLY A 67 3.57 3.03 -12.47
C GLY A 67 2.44 3.45 -11.55
N LYS A 68 2.51 4.68 -11.05
CA LYS A 68 1.48 5.21 -10.16
C LYS A 68 0.09 4.91 -10.70
N GLY A 69 -0.89 4.86 -9.81
CA GLY A 69 -2.26 4.60 -10.21
C GLY A 69 -2.35 3.48 -11.24
N PHE A 70 -2.41 2.24 -10.76
CA PHE A 70 -2.49 1.09 -11.66
C PHE A 70 -3.93 0.80 -12.04
N VAL A 71 -4.79 0.72 -11.03
CA VAL A 71 -6.21 0.44 -11.26
C VAL A 71 -7.02 1.72 -11.40
N PRO A 72 -6.82 2.66 -10.45
CA PRO A 72 -7.54 3.93 -10.43
C PRO A 72 -6.71 5.06 -11.04
N ALA A 73 -5.87 5.69 -10.20
CA ALA A 73 -5.03 6.79 -10.65
C ALA A 73 -4.32 7.44 -9.47
N GLY A 74 -3.93 6.62 -8.50
CA GLY A 74 -3.24 7.13 -7.33
C GLY A 74 -4.20 7.60 -6.25
N GLU A 75 -5.29 6.84 -6.06
CA GLU A 75 -6.28 7.17 -5.05
C GLU A 75 -6.74 5.93 -4.30
N SER A 1 9.87 -8.55 7.09
CA SER A 1 9.76 -8.31 5.63
C SER A 1 9.22 -9.54 4.90
N ALA A 2 9.28 -9.50 3.57
CA ALA A 2 8.79 -10.61 2.75
C ALA A 2 9.63 -10.77 1.50
N ASP A 3 9.63 -11.98 0.95
CA ASP A 3 10.39 -12.27 -0.26
C ASP A 3 9.46 -12.44 -1.46
N GLN A 4 8.31 -13.05 -1.23
CA GLN A 4 7.32 -13.29 -2.28
C GLN A 4 5.92 -12.90 -1.81
N PRO A 5 5.52 -11.65 -2.10
CA PRO A 5 4.20 -11.14 -1.71
C PRO A 5 3.06 -12.04 -2.18
N LYS A 6 2.57 -12.89 -1.27
CA LYS A 6 1.48 -13.81 -1.59
C LYS A 6 0.15 -13.07 -1.63
N GLU A 7 -0.95 -13.83 -1.68
CA GLU A 7 -2.28 -13.25 -1.72
C GLU A 7 -2.62 -12.57 -0.40
N GLU A 8 -1.81 -11.58 -0.04
CA GLU A 8 -2.02 -10.84 1.21
C GLU A 8 -2.83 -9.57 0.96
N LYS A 9 -4.13 -9.64 1.25
CA LYS A 9 -5.01 -8.49 1.06
C LYS A 9 -5.55 -7.98 2.38
N LYS A 10 -5.21 -6.73 2.69
CA LYS A 10 -5.65 -6.09 3.92
C LYS A 10 -6.29 -4.75 3.57
N GLU A 11 -6.30 -3.84 4.53
CA GLU A 11 -6.88 -2.53 4.29
C GLU A 11 -5.80 -1.57 3.83
N CYS A 12 -6.08 -0.83 2.76
CA CYS A 12 -5.12 0.13 2.24
C CYS A 12 -5.06 1.31 3.19
N TYR A 13 -4.09 2.18 3.01
CA TYR A 13 -3.95 3.35 3.87
C TYR A 13 -3.28 4.50 3.14
N TYR A 14 -3.86 5.70 3.24
CA TYR A 14 -3.33 6.87 2.54
C TYR A 14 -2.86 7.98 3.50
N ASN A 15 -3.74 8.38 4.43
CA ASN A 15 -3.37 9.42 5.40
C ASN A 15 -3.16 8.78 6.76
N LEU A 16 -2.53 7.62 6.69
CA LEU A 16 -2.26 6.70 7.79
C LEU A 16 -1.04 6.99 8.64
N ASN A 17 -0.15 6.00 8.77
CA ASN A 17 1.04 6.06 9.57
C ASN A 17 1.14 4.79 10.40
N ASP A 18 -0.02 4.18 10.55
CA ASP A 18 -0.19 2.94 11.28
C ASP A 18 1.03 2.53 12.08
N ALA A 19 1.42 1.25 11.97
CA ALA A 19 2.54 0.76 12.72
C ALA A 19 2.35 1.11 14.19
N SER A 20 1.08 1.31 14.55
CA SER A 20 0.67 1.65 15.91
C SER A 20 0.44 3.16 16.06
N LEU A 21 -0.60 3.66 15.39
CA LEU A 21 -0.96 5.08 15.42
C LEU A 21 -2.02 5.34 14.34
N CYS A 22 -1.83 4.62 13.26
CA CYS A 22 -2.67 4.60 12.08
C CYS A 22 -3.64 5.76 11.87
N ASP A 23 -3.50 6.45 10.73
CA ASP A 23 -4.42 7.54 10.37
C ASP A 23 -5.17 7.21 9.05
N ASN A 24 -6.43 6.80 9.20
CA ASN A 24 -7.26 6.42 8.05
C ASN A 24 -7.43 7.56 7.06
N VAL A 25 -8.53 7.48 6.28
CA VAL A 25 -8.84 8.47 5.26
C VAL A 25 -8.37 7.98 3.89
N LEU A 26 -9.29 7.50 3.07
CA LEU A 26 -8.94 6.97 1.76
C LEU A 26 -8.17 5.67 1.94
N ALA A 27 -8.85 4.52 1.84
CA ALA A 27 -8.18 3.26 2.03
C ALA A 27 -9.14 2.09 2.18
N PRO A 28 -9.40 1.35 1.09
CA PRO A 28 -10.27 0.18 1.10
C PRO A 28 -9.51 -1.08 1.54
N ASN A 29 -9.78 -2.22 0.92
CA ASN A 29 -9.07 -3.45 1.26
C ASN A 29 -8.65 -4.19 -0.01
N VAL A 30 -7.35 -4.29 -0.22
CA VAL A 30 -6.83 -4.97 -1.41
C VAL A 30 -5.46 -5.59 -1.13
N THR A 31 -4.74 -5.88 -2.21
CA THR A 31 -3.41 -6.47 -2.10
C THR A 31 -2.35 -5.38 -2.09
N LYS A 32 -1.46 -5.45 -1.09
CA LYS A 32 -0.39 -4.46 -0.95
C LYS A 32 0.06 -3.92 -2.30
N GLN A 33 0.10 -4.79 -3.31
CA GLN A 33 0.53 -4.40 -4.64
C GLN A 33 -0.38 -3.34 -5.23
N GLU A 34 -1.66 -3.68 -5.40
CA GLU A 34 -2.63 -2.75 -5.94
C GLU A 34 -2.75 -1.52 -5.06
N CYS A 35 -2.88 -1.75 -3.76
CA CYS A 35 -3.00 -0.64 -2.81
C CYS A 35 -1.74 0.24 -2.85
N CYS A 36 -0.69 -0.21 -2.16
CA CYS A 36 0.56 0.56 -2.12
C CYS A 36 0.78 1.33 -3.41
N CYS A 37 0.53 0.68 -4.54
CA CYS A 37 0.69 1.34 -5.83
C CYS A 37 -0.07 2.67 -5.82
N THR A 38 -1.34 2.60 -5.44
CA THR A 38 -2.19 3.79 -5.35
C THR A 38 -2.10 4.40 -3.95
N SER A 39 -2.24 3.55 -2.94
CA SER A 39 -2.18 3.94 -1.53
C SER A 39 -1.47 5.27 -1.35
N GLY A 40 -0.17 5.25 -1.54
CA GLY A 40 0.63 6.45 -1.39
C GLY A 40 1.08 6.66 0.04
N ALA A 41 0.66 5.76 0.93
CA ALA A 41 1.00 5.87 2.34
C ALA A 41 1.39 4.52 2.96
N GLY A 42 0.47 3.55 2.97
CA GLY A 42 0.78 2.25 3.55
C GLY A 42 -0.31 1.21 3.35
N TRP A 43 0.06 -0.06 3.49
CA TRP A 43 -0.87 -1.18 3.35
C TRP A 43 -0.62 -2.23 4.43
N GLY A 44 -1.68 -2.59 5.16
CA GLY A 44 -1.55 -3.56 6.22
C GLY A 44 -2.81 -3.69 7.05
N ASP A 45 -2.63 -4.05 8.30
CA ASP A 45 -3.74 -4.22 9.23
C ASP A 45 -3.80 -3.07 10.23
N ASN A 46 -4.59 -2.04 9.88
CA ASN A 46 -4.78 -0.85 10.71
C ASN A 46 -3.79 -0.75 11.87
N CYS A 47 -2.92 0.26 11.80
CA CYS A 47 -1.93 0.48 12.86
C CYS A 47 -0.90 -0.64 12.90
N GLU A 48 -0.96 -1.51 11.88
CA GLU A 48 -0.02 -2.62 11.71
C GLU A 48 0.31 -2.70 10.24
N ILE A 49 0.46 -1.51 9.68
CA ILE A 49 0.71 -1.28 8.27
C ILE A 49 2.18 -1.27 7.87
N PHE A 50 2.41 -1.06 6.58
CA PHE A 50 3.76 -0.99 6.02
C PHE A 50 3.83 0.18 5.03
N PRO A 51 4.46 1.29 5.45
CA PRO A 51 4.60 2.51 4.65
C PRO A 51 4.94 2.25 3.18
N CYS A 52 3.98 2.55 2.31
CA CYS A 52 4.16 2.38 0.87
C CYS A 52 3.32 3.38 0.08
N PRO A 53 3.80 3.79 -1.10
CA PRO A 53 5.06 3.35 -1.67
C PRO A 53 6.18 4.38 -1.42
N VAL A 54 7.23 4.31 -2.23
CA VAL A 54 8.35 5.23 -2.10
C VAL A 54 8.66 5.91 -3.44
N LEU A 55 7.88 5.57 -4.46
CA LEU A 55 8.06 6.13 -5.79
C LEU A 55 9.45 5.83 -6.34
N GLY A 56 9.49 5.38 -7.60
CA GLY A 56 10.76 5.06 -8.22
C GLY A 56 11.76 4.49 -7.24
N THR A 57 11.49 3.29 -6.73
CA THR A 57 12.38 2.63 -5.78
C THR A 57 11.99 1.17 -5.59
N ALA A 58 12.56 0.54 -4.57
CA ALA A 58 12.28 -0.86 -4.27
C ALA A 58 10.81 -1.08 -3.94
N GLU A 59 10.39 -0.58 -2.78
CA GLU A 59 9.01 -0.74 -2.34
C GLU A 59 8.03 -0.60 -3.51
N PHE A 60 7.73 0.62 -3.91
CA PHE A 60 6.81 0.86 -5.02
C PHE A 60 6.95 -0.21 -6.11
N THR A 61 8.03 -0.12 -6.88
CA THR A 61 8.27 -1.07 -7.96
C THR A 61 7.79 -2.46 -7.60
N GLU A 62 7.80 -2.79 -6.31
CA GLU A 62 7.36 -4.10 -5.84
C GLU A 62 5.84 -4.20 -5.80
N MET A 63 5.20 -3.18 -5.25
CA MET A 63 3.74 -3.17 -5.13
C MET A 63 3.07 -2.80 -6.45
N CYS A 64 3.58 -1.77 -7.11
CA CYS A 64 3.02 -1.33 -8.38
C CYS A 64 3.90 -1.73 -9.55
N PRO A 65 3.57 -2.84 -10.23
CA PRO A 65 4.32 -3.32 -11.38
C PRO A 65 4.01 -2.57 -12.66
N LYS A 66 3.06 -1.63 -12.56
CA LYS A 66 2.66 -0.83 -13.72
C LYS A 66 2.87 0.65 -13.45
N GLY A 67 2.00 1.24 -12.64
CA GLY A 67 2.11 2.65 -12.32
C GLY A 67 1.04 3.12 -11.36
N LYS A 68 1.30 4.23 -10.68
CA LYS A 68 0.35 4.78 -9.72
C LYS A 68 -1.06 4.78 -10.27
N GLY A 69 -2.04 4.54 -9.41
CA GLY A 69 -3.43 4.51 -9.82
C GLY A 69 -3.88 3.14 -10.25
N PHE A 70 -4.06 2.25 -9.29
CA PHE A 70 -4.50 0.88 -9.56
C PHE A 70 -5.13 0.25 -8.34
N VAL A 71 -6.05 0.98 -7.71
CA VAL A 71 -6.74 0.50 -6.53
C VAL A 71 -7.82 1.48 -6.08
N PRO A 72 -8.96 0.97 -5.58
CA PRO A 72 -10.07 1.81 -5.13
C PRO A 72 -9.60 2.98 -4.27
N ALA A 73 -9.34 4.12 -4.91
CA ALA A 73 -8.89 5.31 -4.21
C ALA A 73 -8.18 6.27 -5.15
N GLY A 74 -7.55 5.73 -6.18
CA GLY A 74 -6.84 6.56 -7.15
C GLY A 74 -7.49 6.54 -8.51
N GLU A 75 -8.82 6.40 -8.54
CA GLU A 75 -9.56 6.37 -9.80
C GLU A 75 -10.35 7.66 -9.99
N SER A 1 12.18 -11.22 5.67
CA SER A 1 12.20 -11.91 4.35
C SER A 1 11.11 -11.37 3.43
N ALA A 2 11.51 -10.54 2.46
CA ALA A 2 10.58 -9.96 1.52
C ALA A 2 10.46 -10.81 0.25
N ASP A 3 9.39 -11.58 0.16
CA ASP A 3 9.16 -12.44 -0.99
C ASP A 3 8.02 -11.92 -1.85
N GLN A 4 7.62 -12.70 -2.85
CA GLN A 4 6.54 -12.31 -3.75
C GLN A 4 5.21 -12.28 -3.00
N PRO A 5 4.56 -11.11 -2.94
CA PRO A 5 3.27 -10.95 -2.26
C PRO A 5 2.28 -12.04 -2.62
N LYS A 6 1.70 -12.67 -1.60
CA LYS A 6 0.73 -13.74 -1.81
C LYS A 6 -0.70 -13.20 -1.76
N GLU A 7 -1.66 -14.10 -1.60
CA GLU A 7 -3.06 -13.71 -1.53
C GLU A 7 -3.36 -13.03 -0.21
N GLU A 8 -2.67 -11.93 0.05
CA GLU A 8 -2.86 -11.16 1.29
C GLU A 8 -3.58 -9.85 1.02
N LYS A 9 -4.81 -9.75 1.48
CA LYS A 9 -5.60 -8.54 1.29
C LYS A 9 -6.03 -7.95 2.63
N LYS A 10 -5.54 -6.75 2.92
CA LYS A 10 -5.88 -6.08 4.17
C LYS A 10 -6.45 -4.70 3.87
N GLU A 11 -6.51 -3.85 4.89
CA GLU A 11 -7.03 -2.50 4.71
C GLU A 11 -5.92 -1.57 4.25
N CYS A 12 -6.23 -0.68 3.32
CA CYS A 12 -5.24 0.24 2.81
C CYS A 12 -5.31 1.58 3.54
N TYR A 13 -4.19 2.29 3.51
CA TYR A 13 -4.10 3.59 4.16
C TYR A 13 -3.58 4.63 3.16
N TYR A 14 -4.02 5.88 3.32
CA TYR A 14 -3.59 6.97 2.44
C TYR A 14 -2.80 8.01 3.24
N ASN A 15 -3.35 8.37 4.40
CA ASN A 15 -2.72 9.32 5.31
C ASN A 15 -2.69 8.73 6.71
N LEU A 16 -1.99 7.62 6.82
CA LEU A 16 -1.94 6.82 8.03
C LEU A 16 -0.95 7.15 9.10
N ASN A 17 0.21 6.58 9.02
CA ASN A 17 1.09 6.70 10.13
C ASN A 17 2.55 6.35 9.85
N ASP A 18 2.92 5.13 10.27
CA ASP A 18 4.25 4.61 10.14
C ASP A 18 4.26 3.20 10.74
N ALA A 19 3.15 2.49 10.51
CA ALA A 19 2.96 1.16 11.04
C ALA A 19 2.66 1.22 12.54
N SER A 20 1.88 2.23 12.95
CA SER A 20 1.54 2.37 14.37
C SER A 20 0.36 3.30 14.63
N LEU A 21 0.59 4.61 14.62
CA LEU A 21 -0.49 5.58 14.90
C LEU A 21 -1.84 5.10 14.36
N CYS A 22 -1.91 4.72 13.07
CA CYS A 22 -3.15 4.16 12.47
C CYS A 22 -4.07 5.16 11.75
N ASP A 23 -3.66 5.75 10.61
CA ASP A 23 -4.58 6.66 9.90
C ASP A 23 -4.81 6.23 8.42
N ASN A 24 -5.62 5.18 8.26
CA ASN A 24 -5.94 4.65 6.93
C ASN A 24 -6.57 5.71 6.05
N VAL A 25 -7.72 6.22 6.49
CA VAL A 25 -8.44 7.24 5.74
C VAL A 25 -8.87 6.71 4.37
N LEU A 26 -9.02 7.62 3.41
CA LEU A 26 -9.42 7.24 2.06
C LEU A 26 -8.58 6.08 1.55
N ALA A 27 -9.00 4.86 1.86
CA ALA A 27 -8.29 3.67 1.43
C ALA A 27 -9.11 2.41 1.69
N PRO A 28 -9.28 1.57 0.67
CA PRO A 28 -10.06 0.33 0.77
C PRO A 28 -9.22 -0.87 1.19
N ASN A 29 -9.89 -2.02 1.33
CA ASN A 29 -9.20 -3.25 1.69
C ASN A 29 -8.87 -4.04 0.43
N VAL A 30 -7.57 -4.19 0.17
CA VAL A 30 -7.13 -4.89 -1.01
C VAL A 30 -5.78 -5.57 -0.78
N THR A 31 -5.09 -5.86 -1.88
CA THR A 31 -3.79 -6.49 -1.80
C THR A 31 -2.70 -5.43 -1.92
N LYS A 32 -1.73 -5.47 -1.01
CA LYS A 32 -0.63 -4.51 -0.99
C LYS A 32 -0.32 -4.00 -2.40
N GLN A 33 -0.04 -4.94 -3.29
CA GLN A 33 0.28 -4.61 -4.68
C GLN A 33 -0.58 -3.46 -5.21
N GLU A 34 -1.89 -3.60 -5.07
CA GLU A 34 -2.82 -2.59 -5.54
C GLU A 34 -2.80 -1.35 -4.64
N CYS A 35 -3.10 -1.55 -3.37
CA CYS A 35 -3.13 -0.45 -2.40
C CYS A 35 -1.93 0.48 -2.57
N CYS A 36 -0.72 -0.04 -2.37
CA CYS A 36 0.48 0.79 -2.49
C CYS A 36 0.60 1.35 -3.91
N CYS A 37 0.48 0.48 -4.90
CA CYS A 37 0.57 0.90 -6.29
C CYS A 37 -0.17 2.22 -6.49
N THR A 38 -1.18 2.46 -5.66
CA THR A 38 -1.97 3.68 -5.75
C THR A 38 -1.12 4.89 -5.36
N SER A 39 -0.31 4.71 -4.31
CA SER A 39 0.58 5.77 -3.83
C SER A 39 -0.11 6.64 -2.78
N GLY A 40 0.30 6.53 -1.52
CA GLY A 40 -0.32 7.36 -0.51
C GLY A 40 0.07 7.08 0.95
N ALA A 41 0.08 5.82 1.39
CA ALA A 41 0.36 5.54 2.80
C ALA A 41 1.00 4.19 3.05
N GLY A 42 0.17 3.15 3.16
CA GLY A 42 0.68 1.84 3.44
C GLY A 42 -0.38 0.77 3.33
N TRP A 43 0.01 -0.47 3.59
CA TRP A 43 -0.93 -1.59 3.51
C TRP A 43 -0.76 -2.54 4.69
N GLY A 44 -1.82 -2.72 5.47
CA GLY A 44 -1.76 -3.60 6.61
C GLY A 44 -3.10 -3.78 7.31
N ASP A 45 -3.05 -4.29 8.54
CA ASP A 45 -4.27 -4.52 9.33
C ASP A 45 -4.43 -3.47 10.43
N ASN A 46 -5.31 -2.50 10.20
CA ASN A 46 -5.58 -1.43 11.16
C ASN A 46 -4.39 -1.16 12.07
N CYS A 47 -3.57 -0.17 11.70
CA CYS A 47 -2.42 0.24 12.49
C CYS A 47 -1.14 -0.51 12.10
N GLU A 48 -1.26 -1.79 11.80
CA GLU A 48 -0.09 -2.57 11.39
C GLU A 48 0.09 -2.50 9.88
N ILE A 49 0.45 -1.31 9.42
CA ILE A 49 0.64 -1.06 8.00
C ILE A 49 2.09 -1.15 7.57
N PHE A 50 2.27 -1.26 6.26
CA PHE A 50 3.58 -1.31 5.64
C PHE A 50 3.76 -0.06 4.80
N PRO A 51 4.43 0.96 5.34
CA PRO A 51 4.65 2.23 4.66
C PRO A 51 4.92 2.06 3.17
N CYS A 52 3.89 2.31 2.36
CA CYS A 52 4.03 2.19 0.92
C CYS A 52 3.11 3.16 0.19
N PRO A 53 3.55 3.59 -0.99
CA PRO A 53 4.81 3.20 -1.58
C PRO A 53 5.90 4.24 -1.36
N VAL A 54 6.95 4.20 -2.18
CA VAL A 54 8.03 5.15 -2.09
C VAL A 54 8.15 5.97 -3.37
N LEU A 55 7.35 5.61 -4.37
CA LEU A 55 7.35 6.31 -5.65
C LEU A 55 8.73 6.27 -6.30
N GLY A 56 8.78 5.76 -7.53
CA GLY A 56 10.04 5.67 -8.24
C GLY A 56 11.18 5.26 -7.34
N THR A 57 10.98 4.17 -6.61
CA THR A 57 12.01 3.67 -5.69
C THR A 57 12.02 2.15 -5.68
N ALA A 58 12.55 1.59 -4.59
CA ALA A 58 12.64 0.15 -4.43
C ALA A 58 11.29 -0.46 -4.10
N GLU A 59 10.70 -0.03 -3.01
CA GLU A 59 9.40 -0.55 -2.57
C GLU A 59 8.39 -0.54 -3.72
N PHE A 60 7.78 0.61 -3.95
CA PHE A 60 6.77 0.77 -5.00
C PHE A 60 7.03 -0.16 -6.18
N THR A 61 8.05 0.14 -6.97
CA THR A 61 8.36 -0.68 -8.14
C THR A 61 8.18 -2.17 -7.84
N GLU A 62 8.78 -2.63 -6.75
CA GLU A 62 8.66 -4.03 -6.35
C GLU A 62 7.20 -4.40 -6.13
N MET A 63 6.42 -3.40 -5.74
CA MET A 63 4.99 -3.57 -5.50
C MET A 63 4.22 -3.65 -6.81
N CYS A 64 4.14 -2.52 -7.50
CA CYS A 64 3.42 -2.45 -8.77
C CYS A 64 4.37 -2.65 -9.96
N PRO A 65 4.37 -3.85 -10.53
CA PRO A 65 5.23 -4.18 -11.68
C PRO A 65 4.76 -3.51 -12.96
N LYS A 66 3.65 -2.79 -12.87
CA LYS A 66 3.08 -2.09 -14.02
C LYS A 66 3.40 -0.60 -13.96
N GLY A 67 2.75 0.09 -13.02
CA GLY A 67 2.97 1.52 -12.88
C GLY A 67 2.26 2.10 -11.67
N LYS A 68 2.04 3.42 -11.68
CA LYS A 68 1.38 4.09 -10.58
C LYS A 68 0.06 4.70 -11.04
N GLY A 69 -0.96 4.58 -10.20
CA GLY A 69 -2.27 5.13 -10.54
C GLY A 69 -3.26 4.06 -10.94
N PHE A 70 -2.77 2.84 -11.16
CA PHE A 70 -3.62 1.73 -11.56
C PHE A 70 -4.76 1.55 -10.57
N VAL A 71 -4.59 2.10 -9.37
CA VAL A 71 -5.61 2.01 -8.33
C VAL A 71 -6.35 3.33 -8.18
N PRO A 72 -7.65 3.28 -7.88
CA PRO A 72 -8.49 4.47 -7.70
C PRO A 72 -7.80 5.53 -6.85
N ALA A 73 -8.41 6.71 -6.78
CA ALA A 73 -7.86 7.81 -6.00
C ALA A 73 -6.65 8.42 -6.71
N GLY A 74 -5.54 7.70 -6.69
CA GLY A 74 -4.32 8.18 -7.33
C GLY A 74 -4.50 8.35 -8.82
N GLU A 75 -5.55 7.76 -9.38
CA GLU A 75 -5.82 7.85 -10.81
C GLU A 75 -6.07 9.30 -11.22
N SER A 1 7.31 -16.22 -0.15
CA SER A 1 6.43 -16.32 1.04
C SER A 1 6.64 -15.14 1.98
N ALA A 2 7.77 -15.13 2.68
CA ALA A 2 8.10 -14.05 3.61
C ALA A 2 9.19 -13.16 3.04
N ASP A 3 9.01 -12.73 1.80
CA ASP A 3 9.98 -11.85 1.15
C ASP A 3 9.35 -11.13 -0.04
N GLN A 4 8.54 -11.85 -0.80
CA GLN A 4 7.88 -11.26 -1.97
C GLN A 4 6.38 -11.11 -1.71
N PRO A 5 5.76 -10.10 -2.34
CA PRO A 5 4.33 -9.84 -2.20
C PRO A 5 3.47 -11.05 -2.53
N LYS A 6 2.54 -11.38 -1.64
CA LYS A 6 1.66 -12.52 -1.84
C LYS A 6 0.20 -12.08 -1.91
N GLU A 7 -0.71 -13.06 -1.86
CA GLU A 7 -2.14 -12.77 -1.91
C GLU A 7 -2.66 -12.35 -0.55
N GLU A 8 -2.06 -11.31 0.01
CA GLU A 8 -2.46 -10.80 1.32
C GLU A 8 -3.33 -9.56 1.18
N LYS A 9 -4.61 -9.69 1.55
CA LYS A 9 -5.54 -8.58 1.46
C LYS A 9 -5.78 -7.95 2.83
N LYS A 10 -5.71 -6.62 2.87
CA LYS A 10 -5.90 -5.87 4.10
C LYS A 10 -6.51 -4.51 3.76
N GLU A 11 -6.64 -3.65 4.75
CA GLU A 11 -7.20 -2.32 4.52
C GLU A 11 -6.12 -1.37 4.04
N CYS A 12 -6.29 -0.85 2.83
CA CYS A 12 -5.32 0.08 2.26
C CYS A 12 -5.16 1.28 3.18
N TYR A 13 -3.93 1.74 3.34
CA TYR A 13 -3.68 2.88 4.22
C TYR A 13 -3.05 4.02 3.43
N TYR A 14 -3.88 4.95 2.95
CA TYR A 14 -3.39 6.08 2.16
C TYR A 14 -2.62 7.10 2.99
N ASN A 15 -3.21 7.56 4.10
CA ASN A 15 -2.55 8.55 4.95
C ASN A 15 -2.54 8.09 6.40
N LEU A 16 -2.03 6.87 6.60
CA LEU A 16 -1.99 6.19 7.90
C LEU A 16 -0.81 6.48 8.79
N ASN A 17 0.34 6.59 8.24
CA ASN A 17 1.50 6.84 9.03
C ASN A 17 1.98 5.59 9.76
N ASP A 18 2.93 4.91 9.12
CA ASP A 18 3.58 3.73 9.64
C ASP A 18 2.61 2.72 10.23
N ALA A 19 3.16 1.56 10.54
CA ALA A 19 2.42 0.46 11.11
C ALA A 19 2.28 0.64 12.62
N SER A 20 1.84 1.83 13.02
CA SER A 20 1.65 2.17 14.42
C SER A 20 0.96 3.51 14.54
N LEU A 21 1.62 4.54 14.02
CA LEU A 21 1.04 5.89 14.04
C LEU A 21 -0.45 5.78 13.75
N CYS A 22 -0.79 5.06 12.67
CA CYS A 22 -2.18 4.79 12.32
C CYS A 22 -2.96 6.03 11.87
N ASP A 23 -3.27 6.10 10.57
CA ASP A 23 -4.05 7.22 10.04
C ASP A 23 -4.85 6.84 8.75
N ASN A 24 -6.10 6.45 8.95
CA ASN A 24 -6.96 6.06 7.84
C ASN A 24 -7.80 7.23 7.37
N VAL A 25 -8.48 7.06 6.24
CA VAL A 25 -9.32 8.10 5.68
C VAL A 25 -10.21 7.57 4.55
N LEU A 26 -9.60 6.88 3.61
CA LEU A 26 -10.32 6.31 2.48
C LEU A 26 -9.47 5.25 1.80
N ALA A 27 -9.86 4.00 1.98
CA ALA A 27 -9.11 2.88 1.39
C ALA A 27 -9.90 1.58 1.47
N PRO A 28 -9.89 0.81 0.38
CA PRO A 28 -10.58 -0.47 0.31
C PRO A 28 -9.70 -1.63 0.79
N ASN A 29 -10.29 -2.81 0.94
CA ASN A 29 -9.52 -3.97 1.37
C ASN A 29 -8.96 -4.70 0.15
N VAL A 30 -7.66 -4.58 -0.05
CA VAL A 30 -7.01 -5.20 -1.20
C VAL A 30 -5.63 -5.73 -0.85
N THR A 31 -4.88 -6.10 -1.88
CA THR A 31 -3.52 -6.61 -1.71
C THR A 31 -2.52 -5.45 -1.76
N LYS A 32 -1.62 -5.43 -0.77
CA LYS A 32 -0.61 -4.39 -0.68
C LYS A 32 -0.22 -3.85 -2.05
N GLN A 33 0.14 -4.76 -2.96
CA GLN A 33 0.52 -4.37 -4.30
C GLN A 33 -0.43 -3.34 -4.87
N GLU A 34 -1.67 -3.75 -5.10
CA GLU A 34 -2.69 -2.85 -5.66
C GLU A 34 -2.77 -1.55 -4.86
N CYS A 35 -3.02 -1.68 -3.56
CA CYS A 35 -3.12 -0.51 -2.70
C CYS A 35 -1.88 0.37 -2.83
N CYS A 36 -0.77 -0.09 -2.25
CA CYS A 36 0.47 0.66 -2.30
C CYS A 36 0.68 1.26 -3.70
N CYS A 37 0.23 0.55 -4.72
CA CYS A 37 0.37 1.04 -6.09
C CYS A 37 -0.19 2.44 -6.20
N THR A 38 -1.46 2.60 -5.85
CA THR A 38 -2.10 3.91 -5.90
C THR A 38 -1.18 4.98 -5.31
N SER A 39 -0.30 4.55 -4.41
CA SER A 39 0.65 5.46 -3.76
C SER A 39 -0.03 6.27 -2.67
N GLY A 40 -0.07 5.71 -1.47
CA GLY A 40 -0.70 6.39 -0.35
C GLY A 40 0.26 6.69 0.80
N ALA A 41 0.34 5.74 1.73
CA ALA A 41 1.20 5.88 2.91
C ALA A 41 1.63 4.49 3.42
N GLY A 42 0.71 3.53 3.32
CA GLY A 42 0.96 2.18 3.76
C GLY A 42 -0.23 1.26 3.49
N TRP A 43 -0.07 -0.03 3.77
CA TRP A 43 -1.14 -1.01 3.55
C TRP A 43 -1.08 -2.12 4.60
N GLY A 44 -2.17 -2.29 5.34
CA GLY A 44 -2.20 -3.32 6.37
C GLY A 44 -3.45 -3.28 7.22
N ASP A 45 -3.30 -3.76 8.45
CA ASP A 45 -4.41 -3.80 9.41
C ASP A 45 -4.13 -2.90 10.61
N ASN A 46 -4.81 -1.75 10.63
CA ASN A 46 -4.66 -0.77 11.70
C ASN A 46 -3.40 -0.96 12.54
N CYS A 47 -2.46 -0.06 12.35
CA CYS A 47 -1.20 -0.06 13.09
C CYS A 47 -0.36 -1.31 12.76
N GLU A 48 -0.77 -2.02 11.72
CA GLU A 48 -0.04 -3.19 11.25
C GLU A 48 0.14 -3.05 9.74
N ILE A 49 0.54 -1.83 9.37
CA ILE A 49 0.71 -1.44 7.98
C ILE A 49 2.17 -1.45 7.52
N PHE A 50 2.34 -1.38 6.21
CA PHE A 50 3.67 -1.32 5.61
C PHE A 50 3.80 -0.01 4.85
N PRO A 51 4.67 0.88 5.32
CA PRO A 51 4.89 2.20 4.71
C PRO A 51 5.07 2.14 3.19
N CYS A 52 4.05 2.59 2.46
CA CYS A 52 4.10 2.59 1.00
C CYS A 52 3.26 3.72 0.42
N PRO A 53 3.74 4.29 -0.70
CA PRO A 53 4.98 3.87 -1.34
C PRO A 53 6.18 4.70 -0.91
N VAL A 54 7.30 4.49 -1.60
CA VAL A 54 8.52 5.23 -1.33
C VAL A 54 8.90 6.07 -2.55
N LEU A 55 8.22 5.83 -3.66
CA LEU A 55 8.46 6.56 -4.90
C LEU A 55 9.81 6.18 -5.51
N GLY A 56 9.78 5.76 -6.77
CA GLY A 56 10.98 5.38 -7.46
C GLY A 56 11.97 4.69 -6.53
N THR A 57 11.45 3.82 -5.68
CA THR A 57 12.28 3.08 -4.73
C THR A 57 11.87 1.63 -4.64
N ALA A 58 12.78 0.80 -4.14
CA ALA A 58 12.54 -0.63 -4.00
C ALA A 58 11.07 -0.94 -3.74
N GLU A 59 10.58 -0.56 -2.58
CA GLU A 59 9.20 -0.82 -2.20
C GLU A 59 8.25 -0.55 -3.36
N PHE A 60 7.80 0.68 -3.50
CA PHE A 60 6.88 1.05 -4.57
C PHE A 60 7.16 0.27 -5.84
N THR A 61 8.30 0.53 -6.46
CA THR A 61 8.67 -0.14 -7.70
C THR A 61 8.23 -1.61 -7.68
N GLU A 62 8.18 -2.20 -6.49
CA GLU A 62 7.77 -3.59 -6.35
C GLU A 62 6.26 -3.75 -6.42
N MET A 63 5.54 -3.04 -5.56
CA MET A 63 4.09 -3.12 -5.52
C MET A 63 3.43 -2.49 -6.75
N CYS A 64 3.97 -1.37 -7.19
CA CYS A 64 3.41 -0.67 -8.35
C CYS A 64 4.32 -0.81 -9.57
N PRO A 65 4.09 -1.85 -10.38
CA PRO A 65 4.88 -2.11 -11.58
C PRO A 65 4.38 -1.31 -12.77
N LYS A 66 3.15 -0.81 -12.67
CA LYS A 66 2.56 -0.01 -13.75
C LYS A 66 2.52 1.47 -13.39
N GLY A 67 2.92 1.79 -12.16
CA GLY A 67 2.92 3.17 -11.71
C GLY A 67 1.65 3.54 -10.98
N LYS A 68 1.70 4.65 -10.24
CA LYS A 68 0.53 5.13 -9.50
C LYS A 68 -0.67 5.32 -10.42
N GLY A 69 -1.74 4.59 -10.14
CA GLY A 69 -2.94 4.69 -10.95
C GLY A 69 -3.43 3.35 -11.44
N PHE A 70 -3.96 2.55 -10.53
CA PHE A 70 -4.47 1.22 -10.86
C PHE A 70 -5.74 0.92 -10.08
N VAL A 71 -5.69 1.17 -8.77
CA VAL A 71 -6.84 0.92 -7.91
C VAL A 71 -7.90 2.01 -8.10
N PRO A 72 -9.15 1.73 -7.70
CA PRO A 72 -10.27 2.68 -7.83
C PRO A 72 -9.95 4.00 -7.16
N ALA A 73 -9.15 4.83 -7.83
CA ALA A 73 -8.78 6.13 -7.28
C ALA A 73 -7.70 6.79 -8.14
N GLY A 74 -6.50 6.23 -8.08
CA GLY A 74 -5.39 6.78 -8.85
C GLY A 74 -5.76 7.02 -10.30
N GLU A 75 -6.41 6.04 -10.92
CA GLU A 75 -6.82 6.15 -12.31
C GLU A 75 -7.90 7.21 -12.48
N SER A 1 9.19 -19.11 -10.73
CA SER A 1 9.54 -19.42 -9.32
C SER A 1 10.38 -18.32 -8.69
N ALA A 2 9.75 -17.52 -7.84
CA ALA A 2 10.43 -16.41 -7.17
C ALA A 2 9.60 -15.86 -6.03
N ASP A 3 8.49 -15.21 -6.37
CA ASP A 3 7.59 -14.64 -5.38
C ASP A 3 6.37 -14.01 -6.04
N GLN A 4 5.45 -13.51 -5.22
CA GLN A 4 4.24 -12.88 -5.73
C GLN A 4 3.34 -12.42 -4.60
N PRO A 5 3.52 -11.16 -4.14
CA PRO A 5 2.73 -10.59 -3.06
C PRO A 5 1.24 -10.47 -3.40
N LYS A 6 0.64 -11.60 -3.77
CA LYS A 6 -0.78 -11.62 -4.13
C LYS A 6 -1.54 -12.62 -3.27
N GLU A 7 -1.12 -12.74 -2.01
CA GLU A 7 -1.75 -13.66 -1.07
C GLU A 7 -2.01 -12.96 0.26
N GLU A 8 -1.79 -11.66 0.31
CA GLU A 8 -2.00 -10.89 1.52
C GLU A 8 -2.79 -9.62 1.24
N LYS A 9 -4.09 -9.68 1.46
CA LYS A 9 -4.97 -8.54 1.22
C LYS A 9 -5.48 -7.96 2.54
N LYS A 10 -5.23 -6.67 2.75
CA LYS A 10 -5.67 -5.99 3.96
C LYS A 10 -6.29 -4.65 3.61
N GLU A 11 -6.48 -3.80 4.62
CA GLU A 11 -7.06 -2.49 4.41
C GLU A 11 -5.99 -1.49 3.98
N CYS A 12 -6.26 -0.76 2.91
CA CYS A 12 -5.31 0.23 2.39
C CYS A 12 -5.35 1.49 3.25
N TYR A 13 -4.28 2.27 3.18
CA TYR A 13 -4.20 3.50 3.95
C TYR A 13 -3.62 4.63 3.11
N TYR A 14 -4.45 5.63 2.81
CA TYR A 14 -4.00 6.78 2.04
C TYR A 14 -3.50 7.88 2.98
N ASN A 15 -3.50 7.58 4.28
CA ASN A 15 -3.06 8.54 5.29
C ASN A 15 -2.86 7.85 6.63
N LEU A 16 -2.06 6.77 6.63
CA LEU A 16 -1.75 5.93 7.79
C LEU A 16 -0.67 6.54 8.63
N ASN A 17 0.57 6.19 8.31
CA ASN A 17 1.76 6.68 8.99
C ASN A 17 2.69 5.56 9.44
N ASP A 18 2.15 4.56 10.13
CA ASP A 18 2.98 3.46 10.60
C ASP A 18 2.15 2.41 11.31
N ALA A 19 2.71 1.21 11.45
CA ALA A 19 2.03 0.12 12.11
C ALA A 19 2.00 0.33 13.62
N SER A 20 1.41 1.44 14.03
CA SER A 20 1.31 1.77 15.45
C SER A 20 0.62 3.12 15.64
N LEU A 21 1.05 4.10 14.85
CA LEU A 21 0.48 5.44 14.89
C LEU A 21 -0.47 5.61 13.69
N CYS A 22 -0.69 4.51 13.00
CA CYS A 22 -1.53 4.46 11.81
C CYS A 22 -2.58 5.55 11.73
N ASP A 23 -2.96 5.83 10.48
CA ASP A 23 -4.00 6.80 10.18
C ASP A 23 -4.76 6.47 8.86
N ASN A 24 -6.09 6.42 8.97
CA ASN A 24 -6.94 6.11 7.83
C ASN A 24 -7.93 7.23 7.56
N VAL A 25 -8.62 7.14 6.43
CA VAL A 25 -9.60 8.15 6.05
C VAL A 25 -10.39 7.73 4.81
N LEU A 26 -9.71 7.05 3.89
CA LEU A 26 -10.34 6.59 2.67
C LEU A 26 -9.47 5.56 1.96
N ALA A 27 -9.79 4.29 2.13
CA ALA A 27 -9.02 3.22 1.51
C ALA A 27 -9.74 1.88 1.62
N PRO A 28 -9.74 1.10 0.53
CA PRO A 28 -10.38 -0.20 0.47
C PRO A 28 -9.46 -1.34 0.89
N ASN A 29 -10.01 -2.54 1.01
CA ASN A 29 -9.22 -3.72 1.38
C ASN A 29 -8.78 -4.47 0.13
N VAL A 30 -7.48 -4.42 -0.16
CA VAL A 30 -6.95 -5.09 -1.34
C VAL A 30 -5.58 -5.68 -1.06
N THR A 31 -4.82 -5.93 -2.13
CA THR A 31 -3.48 -6.49 -2.00
C THR A 31 -2.43 -5.39 -2.02
N LYS A 32 -1.60 -5.37 -0.98
CA LYS A 32 -0.54 -4.37 -0.85
C LYS A 32 -0.03 -3.89 -2.21
N GLN A 33 0.04 -4.81 -3.17
CA GLN A 33 0.52 -4.48 -4.51
C GLN A 33 -0.36 -3.42 -5.15
N GLU A 34 -1.66 -3.62 -5.09
CA GLU A 34 -2.62 -2.68 -5.68
C GLU A 34 -2.68 -1.39 -4.88
N CYS A 35 -2.99 -1.50 -3.59
CA CYS A 35 -3.08 -0.33 -2.72
C CYS A 35 -1.86 0.57 -2.86
N CYS A 36 -0.71 0.05 -2.47
CA CYS A 36 0.54 0.81 -2.55
C CYS A 36 0.75 1.36 -3.95
N CYS A 37 0.66 0.49 -4.95
CA CYS A 37 0.85 0.92 -6.34
C CYS A 37 -0.05 2.10 -6.67
N THR A 38 -1.10 2.27 -5.88
CA THR A 38 -2.04 3.37 -6.07
C THR A 38 -1.53 4.63 -5.39
N SER A 39 -0.57 4.46 -4.49
CA SER A 39 0.01 5.58 -3.75
C SER A 39 -0.89 6.01 -2.60
N GLY A 40 -0.30 6.16 -1.42
CA GLY A 40 -1.06 6.56 -0.26
C GLY A 40 -0.22 6.81 0.98
N ALA A 41 -0.09 5.79 1.83
CA ALA A 41 0.67 5.91 3.07
C ALA A 41 1.23 4.56 3.49
N GLY A 42 0.37 3.54 3.44
CA GLY A 42 0.75 2.19 3.82
C GLY A 42 -0.38 1.20 3.64
N TRP A 43 -0.05 -0.08 3.69
CA TRP A 43 -1.03 -1.13 3.53
C TRP A 43 -0.89 -2.18 4.64
N GLY A 44 -2.00 -2.49 5.30
CA GLY A 44 -1.97 -3.47 6.38
C GLY A 44 -3.27 -3.53 7.17
N ASP A 45 -3.16 -3.88 8.44
CA ASP A 45 -4.32 -3.99 9.31
C ASP A 45 -4.20 -3.08 10.54
N ASN A 46 -5.03 -2.05 10.58
CA ASN A 46 -5.05 -1.10 11.70
C ASN A 46 -3.75 -1.10 12.50
N CYS A 47 -2.92 -0.08 12.27
CA CYS A 47 -1.65 0.06 12.97
C CYS A 47 -0.79 -1.19 12.85
N GLU A 48 -1.06 -1.96 11.82
CA GLU A 48 -0.29 -3.14 11.49
C GLU A 48 0.03 -3.06 10.01
N ILE A 49 0.22 -1.81 9.59
CA ILE A 49 0.49 -1.46 8.21
C ILE A 49 1.95 -1.09 7.98
N PHE A 50 2.35 -1.02 6.72
CA PHE A 50 3.72 -0.65 6.35
C PHE A 50 3.71 0.55 5.42
N PRO A 51 4.56 1.56 5.70
CA PRO A 51 4.66 2.78 4.91
C PRO A 51 4.83 2.50 3.41
N CYS A 52 3.76 2.71 2.65
CA CYS A 52 3.79 2.50 1.21
C CYS A 52 2.83 3.41 0.47
N PRO A 53 3.20 3.75 -0.77
CA PRO A 53 4.45 3.31 -1.38
C PRO A 53 5.60 4.27 -1.10
N VAL A 54 6.66 4.18 -1.90
CA VAL A 54 7.82 5.04 -1.73
C VAL A 54 8.08 5.87 -2.99
N LEU A 55 7.36 5.56 -4.05
CA LEU A 55 7.51 6.27 -5.31
C LEU A 55 8.95 6.20 -5.81
N GLY A 56 9.12 5.73 -7.05
CA GLY A 56 10.45 5.62 -7.61
C GLY A 56 11.47 5.07 -6.62
N THR A 57 11.07 4.03 -5.91
CA THR A 57 11.95 3.40 -4.92
C THR A 57 11.77 1.88 -4.92
N ALA A 58 12.22 1.24 -3.85
CA ALA A 58 12.11 -0.21 -3.72
C ALA A 58 10.66 -0.65 -3.54
N GLU A 59 10.10 -0.39 -2.36
CA GLU A 59 8.73 -0.77 -2.06
C GLU A 59 7.84 -0.62 -3.29
N PHE A 60 7.42 0.61 -3.59
CA PHE A 60 6.55 0.86 -4.73
C PHE A 60 6.85 -0.09 -5.89
N THR A 61 7.97 0.15 -6.58
CA THR A 61 8.36 -0.68 -7.71
C THR A 61 7.92 -2.14 -7.51
N GLU A 62 7.91 -2.58 -6.26
CA GLU A 62 7.50 -3.94 -5.94
C GLU A 62 5.99 -4.10 -6.00
N MET A 63 5.27 -3.15 -5.40
CA MET A 63 3.81 -3.18 -5.39
C MET A 63 3.22 -2.66 -6.69
N CYS A 64 4.04 -1.99 -7.48
CA CYS A 64 3.60 -1.43 -8.75
C CYS A 64 4.66 -1.62 -9.83
N PRO A 65 4.54 -2.69 -10.64
CA PRO A 65 5.49 -2.99 -11.71
C PRO A 65 5.31 -2.07 -12.91
N LYS A 66 4.14 -1.46 -13.02
CA LYS A 66 3.85 -0.55 -14.12
C LYS A 66 4.17 0.89 -13.75
N GLY A 67 3.29 1.51 -12.97
CA GLY A 67 3.50 2.88 -12.55
C GLY A 67 2.39 3.39 -11.64
N LYS A 68 2.62 4.56 -11.05
CA LYS A 68 1.64 5.16 -10.16
C LYS A 68 0.22 5.03 -10.72
N GLY A 69 -0.75 4.88 -9.83
CA GLY A 69 -2.13 4.75 -10.27
C GLY A 69 -2.26 3.90 -11.51
N PHE A 70 -2.33 2.59 -11.32
CA PHE A 70 -2.45 1.67 -12.44
C PHE A 70 -3.76 0.87 -12.36
N VAL A 71 -4.28 0.71 -11.16
CA VAL A 71 -5.52 -0.03 -10.96
C VAL A 71 -6.73 0.90 -11.04
N PRO A 72 -6.70 2.02 -10.31
CA PRO A 72 -7.75 3.00 -10.26
C PRO A 72 -7.52 4.15 -11.23
N ALA A 73 -6.72 5.13 -10.79
CA ALA A 73 -6.41 6.29 -11.61
C ALA A 73 -5.54 7.28 -10.83
N GLY A 74 -4.67 6.76 -9.97
CA GLY A 74 -3.82 7.61 -9.17
C GLY A 74 -4.48 8.07 -7.90
N GLU A 75 -5.31 7.22 -7.32
CA GLU A 75 -6.02 7.54 -6.08
C GLU A 75 -5.17 7.19 -4.86
N SER A 1 10.26 -6.18 3.79
CA SER A 1 10.28 -6.39 2.33
C SER A 1 9.55 -7.67 1.94
N ALA A 2 9.34 -7.86 0.64
CA ALA A 2 8.65 -9.05 0.15
C ALA A 2 9.05 -9.35 -1.30
N ASP A 3 9.63 -10.53 -1.49
CA ASP A 3 10.06 -10.95 -2.83
C ASP A 3 8.87 -11.05 -3.77
N GLN A 4 7.70 -11.36 -3.21
CA GLN A 4 6.48 -11.48 -4.00
C GLN A 4 5.27 -11.65 -3.10
N PRO A 5 4.46 -10.59 -2.97
CA PRO A 5 3.26 -10.59 -2.13
C PRO A 5 2.32 -11.75 -2.47
N LYS A 6 1.19 -11.80 -1.80
CA LYS A 6 0.20 -12.86 -2.02
C LYS A 6 -1.22 -12.33 -1.90
N GLU A 7 -2.17 -13.25 -1.73
CA GLU A 7 -3.58 -12.87 -1.60
C GLU A 7 -3.79 -11.95 -0.40
N GLU A 8 -2.80 -11.91 0.50
CA GLU A 8 -2.88 -11.06 1.68
C GLU A 8 -3.60 -9.77 1.39
N LYS A 9 -4.88 -9.70 1.77
CA LYS A 9 -5.68 -8.51 1.54
C LYS A 9 -6.15 -7.90 2.86
N LYS A 10 -5.70 -6.67 3.13
CA LYS A 10 -6.07 -5.97 4.35
C LYS A 10 -6.68 -4.62 4.01
N GLU A 11 -6.64 -3.70 4.97
CA GLU A 11 -7.19 -2.37 4.74
C GLU A 11 -6.12 -1.45 4.20
N CYS A 12 -6.45 -0.72 3.13
CA CYS A 12 -5.51 0.20 2.53
C CYS A 12 -5.51 1.52 3.29
N TYR A 13 -4.33 2.02 3.59
CA TYR A 13 -4.17 3.27 4.32
C TYR A 13 -3.67 4.37 3.37
N TYR A 14 -4.31 5.56 3.41
CA TYR A 14 -3.93 6.66 2.52
C TYR A 14 -3.52 7.92 3.30
N ASN A 15 -2.86 7.72 4.43
CA ASN A 15 -2.41 8.81 5.31
C ASN A 15 -2.38 8.27 6.72
N LEU A 16 -1.72 7.12 6.81
CA LEU A 16 -1.67 6.28 7.98
C LEU A 16 -0.67 6.52 9.08
N ASN A 17 0.59 6.44 8.80
CA ASN A 17 1.52 6.49 9.89
C ASN A 17 2.98 6.28 9.44
N ASP A 18 3.47 5.06 9.67
CA ASP A 18 4.81 4.62 9.35
C ASP A 18 4.97 3.20 9.87
N ALA A 19 3.88 2.43 9.76
CA ALA A 19 3.83 1.06 10.25
C ALA A 19 3.99 1.02 11.77
N SER A 20 3.28 1.92 12.45
CA SER A 20 3.34 1.98 13.91
C SER A 20 2.64 3.23 14.47
N LEU A 21 1.61 3.70 13.76
CA LEU A 21 0.85 4.88 14.19
C LEU A 21 -0.60 4.82 13.69
N CYS A 22 -0.84 4.07 12.61
CA CYS A 22 -2.17 3.83 12.02
C CYS A 22 -3.01 5.08 11.75
N ASP A 23 -3.18 5.42 10.47
CA ASP A 23 -4.03 6.53 10.05
C ASP A 23 -4.64 6.29 8.65
N ASN A 24 -5.76 5.59 8.63
CA ASN A 24 -6.45 5.28 7.38
C ASN A 24 -7.31 6.46 6.96
N VAL A 25 -8.17 6.25 5.97
CA VAL A 25 -9.03 7.32 5.50
C VAL A 25 -9.62 7.02 4.12
N LEU A 26 -8.95 7.52 3.07
CA LEU A 26 -9.42 7.30 1.70
C LEU A 26 -8.75 6.10 1.06
N ALA A 27 -8.83 4.96 1.71
CA ALA A 27 -8.22 3.74 1.18
C ALA A 27 -9.03 2.50 1.57
N PRO A 28 -9.41 1.67 0.59
CA PRO A 28 -10.20 0.46 0.81
C PRO A 28 -9.36 -0.76 1.17
N ASN A 29 -10.02 -1.87 1.46
CA ASN A 29 -9.32 -3.11 1.80
C ASN A 29 -9.05 -3.92 0.53
N VAL A 30 -7.76 -4.13 0.25
CA VAL A 30 -7.37 -4.87 -0.94
C VAL A 30 -6.06 -5.60 -0.73
N THR A 31 -5.36 -5.89 -1.82
CA THR A 31 -4.08 -6.56 -1.77
C THR A 31 -2.96 -5.53 -1.90
N LYS A 32 -2.06 -5.52 -0.93
CA LYS A 32 -0.94 -4.59 -0.92
C LYS A 32 -0.51 -4.21 -2.34
N GLN A 33 -0.38 -5.21 -3.19
CA GLN A 33 0.03 -4.99 -4.57
C GLN A 33 -0.81 -3.90 -5.22
N GLU A 34 -2.14 -4.00 -5.06
CA GLU A 34 -3.06 -3.03 -5.63
C GLU A 34 -3.03 -1.71 -4.84
N CYS A 35 -3.39 -1.78 -3.57
CA CYS A 35 -3.42 -0.60 -2.72
C CYS A 35 -2.15 0.23 -2.88
N CYS A 36 -1.00 -0.40 -2.61
CA CYS A 36 0.29 0.29 -2.73
C CYS A 36 0.45 0.90 -4.11
N CYS A 37 0.29 0.07 -5.14
CA CYS A 37 0.43 0.53 -6.52
C CYS A 37 -0.13 1.94 -6.69
N THR A 38 -1.30 2.19 -6.11
CA THR A 38 -1.92 3.50 -6.21
C THR A 38 -1.00 4.58 -5.67
N SER A 39 -0.27 4.25 -4.61
CA SER A 39 0.67 5.19 -4.00
C SER A 39 -0.05 6.19 -3.11
N GLY A 40 0.02 5.99 -1.79
CA GLY A 40 -0.66 6.91 -0.90
C GLY A 40 -0.15 6.90 0.53
N ALA A 41 -0.11 5.74 1.17
CA ALA A 41 0.31 5.64 2.57
C ALA A 41 0.91 4.29 2.91
N GLY A 42 0.06 3.28 2.97
CA GLY A 42 0.50 1.94 3.31
C GLY A 42 -0.60 0.91 3.23
N TRP A 43 -0.22 -0.36 3.34
CA TRP A 43 -1.20 -1.46 3.27
C TRP A 43 -0.99 -2.46 4.39
N GLY A 44 -2.03 -2.66 5.19
CA GLY A 44 -1.94 -3.59 6.29
C GLY A 44 -3.14 -3.51 7.20
N ASP A 45 -2.93 -3.87 8.46
CA ASP A 45 -3.99 -3.84 9.44
C ASP A 45 -3.86 -2.61 10.32
N ASN A 46 -4.63 -2.57 11.41
CA ASN A 46 -4.61 -1.42 12.31
C ASN A 46 -3.24 -1.20 12.93
N CYS A 47 -2.48 -0.26 12.37
CA CYS A 47 -1.15 0.08 12.88
C CYS A 47 -0.09 -0.87 12.35
N GLU A 48 -0.53 -1.96 11.74
CA GLU A 48 0.38 -2.95 11.17
C GLU A 48 0.40 -2.82 9.65
N ILE A 49 0.61 -1.59 9.19
CA ILE A 49 0.63 -1.29 7.77
C ILE A 49 2.04 -1.28 7.19
N PHE A 50 2.09 -1.31 5.86
CA PHE A 50 3.33 -1.29 5.12
C PHE A 50 3.43 0.02 4.34
N PRO A 51 3.98 1.06 4.97
CA PRO A 51 4.11 2.39 4.36
C PRO A 51 4.55 2.35 2.90
N CYS A 52 3.60 2.59 2.00
CA CYS A 52 3.90 2.60 0.57
C CYS A 52 3.18 3.74 -0.14
N PRO A 53 3.80 4.26 -1.19
CA PRO A 53 5.10 3.80 -1.68
C PRO A 53 6.23 4.77 -1.31
N VAL A 54 7.34 4.66 -2.02
CA VAL A 54 8.48 5.53 -1.79
C VAL A 54 8.77 6.36 -3.05
N LEU A 55 8.13 5.98 -4.16
CA LEU A 55 8.29 6.69 -5.42
C LEU A 55 9.71 6.57 -5.96
N GLY A 56 9.83 6.10 -7.20
CA GLY A 56 11.13 5.94 -7.82
C GLY A 56 12.15 5.37 -6.87
N THR A 57 11.69 4.62 -5.87
CA THR A 57 12.57 4.00 -4.89
C THR A 57 12.42 2.49 -4.88
N ALA A 58 12.88 1.87 -3.80
CA ALA A 58 12.80 0.41 -3.67
C ALA A 58 11.36 -0.04 -3.48
N GLU A 59 10.78 0.29 -2.32
CA GLU A 59 9.41 -0.08 -2.00
C GLU A 59 8.53 -0.08 -3.25
N PHE A 60 8.10 1.10 -3.67
CA PHE A 60 7.24 1.24 -4.84
C PHE A 60 7.60 0.22 -5.91
N THR A 61 8.70 0.46 -6.63
CA THR A 61 9.13 -0.43 -7.70
C THR A 61 8.81 -1.90 -7.36
N GLU A 62 8.83 -2.23 -6.07
CA GLU A 62 8.56 -3.58 -5.62
C GLU A 62 7.06 -3.90 -5.66
N MET A 63 6.24 -2.95 -5.23
CA MET A 63 4.79 -3.14 -5.20
C MET A 63 4.15 -2.80 -6.54
N CYS A 64 4.59 -1.71 -7.15
CA CYS A 64 4.03 -1.28 -8.44
C CYS A 64 5.09 -1.36 -9.54
N PRO A 65 5.16 -2.50 -10.22
CA PRO A 65 6.12 -2.71 -11.32
C PRO A 65 5.71 -1.97 -12.59
N LYS A 66 4.41 -1.87 -12.81
CA LYS A 66 3.89 -1.19 -14.00
C LYS A 66 4.07 0.31 -13.87
N GLY A 67 3.30 0.94 -12.99
CA GLY A 67 3.39 2.37 -12.79
C GLY A 67 2.42 2.88 -11.74
N LYS A 68 2.64 4.09 -11.28
CA LYS A 68 1.78 4.70 -10.26
C LYS A 68 0.50 5.25 -10.88
N GLY A 69 -0.63 4.64 -10.53
CA GLY A 69 -1.90 5.09 -11.08
C GLY A 69 -2.62 4.01 -11.87
N PHE A 70 -2.83 2.87 -11.23
CA PHE A 70 -3.51 1.75 -11.88
C PHE A 70 -4.87 1.50 -11.22
N VAL A 71 -4.87 1.50 -9.89
CA VAL A 71 -6.09 1.28 -9.13
C VAL A 71 -6.83 2.60 -8.93
N PRO A 72 -8.06 2.56 -8.38
CA PRO A 72 -8.85 3.77 -8.12
C PRO A 72 -8.08 4.82 -7.34
N ALA A 73 -8.78 5.88 -6.93
CA ALA A 73 -8.15 6.95 -6.17
C ALA A 73 -7.10 7.67 -7.01
N GLY A 74 -5.94 7.05 -7.14
CA GLY A 74 -4.87 7.64 -7.91
C GLY A 74 -5.23 7.82 -9.37
N GLU A 75 -6.26 7.12 -9.81
CA GLU A 75 -6.72 7.21 -11.20
C GLU A 75 -6.95 8.66 -11.59
#